data_9JTE
#
_entry.id   9JTE
#
_cell.length_a   149.976
_cell.length_b   192.714
_cell.length_c   194.791
_cell.angle_alpha   90.00
_cell.angle_beta   90.00
_cell.angle_gamma   90.00
#
_symmetry.space_group_name_H-M   'I 21 21 21'
#
loop_
_entity.id
_entity.type
_entity.pdbx_description
1 polymer 'Angiotensin-converting enzyme'
2 polymer 'Spike protein S1'
3 branched beta-D-mannopyranose-(1-4)-2-acetamido-2-deoxy-beta-D-glucopyranose-(1-4)-2-acetamido-2-deoxy-beta-D-glucopyranose
4 branched 2-acetamido-2-deoxy-beta-D-glucopyranose-(1-4)-2-acetamido-2-deoxy-beta-D-glucopyranose
5 non-polymer 2-acetamido-2-deoxy-beta-D-glucopyranose
#
loop_
_entity_poly.entity_id
_entity_poly.type
_entity_poly.pdbx_seq_one_letter_code
_entity_poly.pdbx_strand_id
1 'polypeptide(L)'
;PSTEDLVNTFLEKFNYEAEELSYQSSLASWDYNTNISDENVQKMNNAGAKWSAFYEEQSKLAKTYPLEEIQDSTVKRQLR
ALQHSGSSVLSADKNQRLNTILNSMSTIYSTGKACNPSNPQECLLLEPGLDDIMENSKDYNERLWAWEGWRSEVGKQLRP
LYEEYVALKNEMARANNYEDYGDYWRGDYEEEWENGYNYSRNQLIDDVEHTFTQIMPLYQHLHAYVRTKLMDTYPSYISP
TGCLPAHLLGDMWGRFWTNLYPLTVPFGQKPNIDVTNAMVNQSWDARRIFKEAEKFFVSVGLPNMTQGFWENSMLTEPSD
SRKVVCHPTAWDLGKGDFRIKMCTKVTMDDFLTAHHEMGHIQYDMAYAAQPFLLRNGANEGFHEAVGEIMSLSAATPNHL
KNIGLLPPSFFEDSETEINFLLKQALTIVGTLPFTYMLEKWRWMVFKGEIPKDQWMKTWWEMKRNIVGVVEPVPHDETYC
DPASLFHVANDYSFIRYYTRTIYQFQFQEALCQIAKHEGPLHKCDISNSSEAGQKLLEMLKLGKSKPWTYALEIVVGAKN
MDVRPLLNYFEPLFTWLKEQNRNSFVGWNTDW
;
A,B
2 'polypeptide(L)'
;TNLCPFGEVFNATRFASVYAWNRKRISNCVADYSVLYNSASFSTFKCYGVSPTKLNDLCFTNVYADSFVIRGDEVRQIAP
GQTGKIADYNYKLPDDFTGCVIAWNSNNLDSKVGGNYNYLYRLFRKSNLKPFERDISTEIYQAGSTPCNGVEGFNCYFPL
QSYGFQPTNGVGYQPYRVVVLSFELLHAPATVCGP
;
E,C
#
# COMPACT_ATOMS: atom_id res chain seq x y z
N PRO A 1 -44.00 21.41 -28.69
CA PRO A 1 -42.62 21.19 -29.15
C PRO A 1 -41.94 20.07 -28.37
N SER A 2 -40.75 19.66 -28.82
CA SER A 2 -40.02 18.61 -28.14
C SER A 2 -39.78 18.98 -26.69
N THR A 3 -39.76 17.98 -25.83
CA THR A 3 -39.46 18.22 -24.42
C THR A 3 -38.13 18.96 -24.26
N GLU A 4 -37.18 18.71 -25.17
CA GLU A 4 -35.89 19.37 -25.11
C GLU A 4 -36.02 20.88 -25.33
N ASP A 5 -36.83 21.28 -26.32
CA ASP A 5 -37.05 22.70 -26.56
C ASP A 5 -37.66 23.36 -25.33
N LEU A 6 -38.68 22.71 -24.76
CA LEU A 6 -39.32 23.19 -23.55
C LEU A 6 -38.30 23.34 -22.42
N VAL A 7 -37.40 22.37 -22.29
CA VAL A 7 -36.35 22.45 -21.28
C VAL A 7 -35.51 23.68 -21.51
N ASN A 8 -34.89 23.81 -22.69
CA ASN A 8 -34.12 24.99 -23.01
C ASN A 8 -34.83 26.27 -22.59
N THR A 9 -36.12 26.37 -22.89
CA THR A 9 -36.88 27.53 -22.44
C THR A 9 -36.85 27.67 -20.92
N PHE A 10 -37.12 26.58 -20.21
CA PHE A 10 -37.14 26.59 -18.75
C PHE A 10 -35.81 27.03 -18.16
N LEU A 11 -34.73 26.33 -18.54
CA LEU A 11 -33.40 26.72 -18.09
C LEU A 11 -33.11 28.18 -18.43
N GLU A 12 -33.26 28.57 -19.69
CA GLU A 12 -33.00 29.96 -20.07
C GLU A 12 -33.79 30.95 -19.23
N LYS A 13 -34.93 30.54 -18.65
CA LYS A 13 -35.56 31.38 -17.65
C LYS A 13 -34.81 31.34 -16.33
N PHE A 14 -34.64 30.12 -15.83
CA PHE A 14 -34.02 29.95 -14.49
C PHE A 14 -32.79 30.82 -14.43
N ASN A 15 -31.89 30.62 -15.39
CA ASN A 15 -30.63 31.38 -15.36
C ASN A 15 -30.98 32.87 -15.30
N TYR A 16 -31.78 33.36 -16.23
CA TYR A 16 -32.03 34.83 -16.29
C TYR A 16 -32.72 35.35 -15.03
N GLU A 17 -33.20 34.49 -14.13
CA GLU A 17 -33.74 35.01 -12.88
C GLU A 17 -32.86 34.63 -11.69
N ALA A 18 -32.40 33.37 -11.67
CA ALA A 18 -31.49 32.89 -10.64
C ALA A 18 -30.25 33.76 -10.54
N GLU A 19 -29.67 34.16 -11.68
CA GLU A 19 -28.47 34.98 -11.63
C GLU A 19 -28.71 36.26 -10.87
N GLU A 20 -29.81 36.95 -11.19
CA GLU A 20 -30.13 38.20 -10.51
C GLU A 20 -30.36 37.95 -9.01
N LEU A 21 -31.10 36.90 -8.68
CA LEU A 21 -31.38 36.61 -7.28
C LEU A 21 -30.08 36.32 -6.51
N SER A 22 -29.19 35.55 -7.13
CA SER A 22 -27.91 35.23 -6.52
C SER A 22 -27.08 36.49 -6.31
N TYR A 23 -27.16 37.44 -7.25
CA TYR A 23 -26.44 38.70 -7.06
C TYR A 23 -27.01 39.48 -5.89
N GLN A 24 -28.34 39.55 -5.79
CA GLN A 24 -28.95 40.22 -4.64
C GLN A 24 -28.46 39.62 -3.33
N SER A 25 -28.56 38.29 -3.23
CA SER A 25 -28.10 37.58 -2.03
C SER A 25 -26.63 37.87 -1.75
N SER A 26 -25.79 37.82 -2.79
CA SER A 26 -24.36 38.00 -2.63
C SER A 26 -24.04 39.39 -2.11
N LEU A 27 -24.68 40.40 -2.67
CA LEU A 27 -24.42 41.78 -2.25
C LEU A 27 -24.87 42.01 -0.81
N ALA A 28 -26.05 41.49 -0.44
CA ALA A 28 -26.51 41.62 0.95
C ALA A 28 -25.55 40.94 1.91
N SER A 29 -25.06 39.75 1.55
CA SER A 29 -24.09 39.09 2.42
C SER A 29 -22.81 39.90 2.51
N TRP A 30 -22.32 40.43 1.38
CA TRP A 30 -21.15 41.31 1.41
C TRP A 30 -21.34 42.41 2.44
N ASP A 31 -22.54 42.99 2.47
CA ASP A 31 -22.84 43.97 3.51
C ASP A 31 -22.67 43.37 4.90
N TYR A 32 -23.18 42.15 5.10
CA TYR A 32 -23.15 41.56 6.46
C TYR A 32 -21.76 41.02 6.81
N ASN A 33 -20.91 40.90 5.82
CA ASN A 33 -19.52 40.47 6.12
C ASN A 33 -18.64 41.72 6.23
N THR A 34 -18.78 42.65 5.29
CA THR A 34 -17.97 43.89 5.33
C THR A 34 -18.49 44.80 6.44
N ASN A 35 -19.74 44.63 6.84
CA ASN A 35 -20.32 45.41 7.95
C ASN A 35 -20.98 44.37 8.84
N ILE A 36 -20.99 44.54 10.15
CA ILE A 36 -21.73 43.50 10.91
C ILE A 36 -22.77 44.22 11.76
N SER A 37 -23.99 44.30 11.26
CA SER A 37 -25.07 45.02 11.99
C SER A 37 -26.31 44.13 12.03
N ASP A 38 -26.97 44.05 13.18
CA ASP A 38 -28.22 43.25 13.28
C ASP A 38 -29.02 43.44 11.99
N GLU A 39 -29.22 44.70 11.58
CA GLU A 39 -29.95 44.97 10.33
C GLU A 39 -29.37 44.08 9.23
N ASN A 40 -28.10 44.30 8.89
CA ASN A 40 -27.49 43.54 7.77
C ASN A 40 -27.80 42.05 7.93
N VAL A 41 -27.69 41.52 9.15
CA VAL A 41 -27.99 40.10 9.35
C VAL A 41 -29.38 39.78 8.85
N GLN A 42 -30.38 40.57 9.28
CA GLN A 42 -31.75 40.30 8.84
C GLN A 42 -31.91 40.44 7.33
N LYS A 43 -31.26 41.44 6.73
CA LYS A 43 -31.33 41.61 5.28
C LYS A 43 -30.74 40.41 4.55
N MET A 44 -29.57 39.96 5.01
CA MET A 44 -28.95 38.74 4.50
C MET A 44 -29.92 37.56 4.58
N ASN A 45 -30.64 37.43 5.70
CA ASN A 45 -31.55 36.30 5.85
C ASN A 45 -32.72 36.37 4.86
N ASN A 46 -33.30 37.58 4.68
CA ASN A 46 -34.36 37.72 3.69
C ASN A 46 -33.90 37.30 2.29
N ALA A 47 -32.73 37.81 1.88
CA ALA A 47 -32.22 37.46 0.55
C ALA A 47 -31.93 35.97 0.41
N GLY A 48 -31.33 35.37 1.45
CA GLY A 48 -31.09 33.95 1.43
C GLY A 48 -32.37 33.14 1.31
N ALA A 49 -33.43 33.57 2.00
CA ALA A 49 -34.72 32.89 1.91
C ALA A 49 -35.30 32.96 0.51
N LYS A 50 -35.19 34.12 -0.14
CA LYS A 50 -35.71 34.21 -1.51
C LYS A 50 -34.93 33.29 -2.45
N TRP A 51 -33.59 33.27 -2.33
CA TRP A 51 -32.80 32.36 -3.16
C TRP A 51 -33.18 30.91 -2.92
N SER A 52 -33.33 30.54 -1.64
CA SER A 52 -33.77 29.21 -1.26
C SER A 52 -35.05 28.85 -2.00
N ALA A 53 -36.12 29.60 -1.71
CA ALA A 53 -37.42 29.39 -2.34
C ALA A 53 -37.31 29.22 -3.85
N PHE A 54 -36.51 30.08 -4.49
CA PHE A 54 -36.32 29.95 -5.93
C PHE A 54 -35.81 28.56 -6.29
N TYR A 55 -34.64 28.19 -5.76
CA TYR A 55 -34.06 26.89 -6.09
C TYR A 55 -35.00 25.75 -5.77
N GLU A 56 -35.74 25.86 -4.66
CA GLU A 56 -36.68 24.82 -4.26
C GLU A 56 -37.72 24.57 -5.35
N GLU A 57 -38.50 25.62 -5.66
CA GLU A 57 -39.56 25.46 -6.64
C GLU A 57 -39.00 25.09 -8.00
N GLN A 58 -37.91 25.74 -8.43
CA GLN A 58 -37.35 25.47 -9.73
C GLN A 58 -36.82 24.05 -9.83
N SER A 59 -36.34 23.50 -8.70
CA SER A 59 -35.97 22.10 -8.67
C SER A 59 -37.17 21.21 -8.94
N LYS A 60 -38.25 21.41 -8.17
CA LYS A 60 -39.46 20.61 -8.41
C LYS A 60 -39.89 20.70 -9.87
N LEU A 61 -39.98 21.92 -10.41
CA LEU A 61 -40.41 22.11 -11.79
C LEU A 61 -39.47 21.40 -12.76
N ALA A 62 -38.17 21.46 -12.50
CA ALA A 62 -37.21 20.78 -13.37
C ALA A 62 -37.42 19.27 -13.37
N LYS A 63 -37.82 18.71 -12.22
CA LYS A 63 -38.08 17.27 -12.16
C LYS A 63 -39.17 16.85 -13.14
N THR A 64 -40.15 17.71 -13.38
CA THR A 64 -41.21 17.37 -14.33
C THR A 64 -40.66 17.14 -15.73
N TYR A 65 -39.54 17.80 -16.09
CA TYR A 65 -38.90 17.44 -17.35
C TYR A 65 -38.08 16.17 -17.16
N PRO A 66 -38.11 15.25 -18.13
CA PRO A 66 -37.38 13.99 -17.98
C PRO A 66 -35.99 14.01 -18.62
N LEU A 67 -34.95 13.90 -17.79
CA LEU A 67 -33.57 13.91 -18.28
C LEU A 67 -33.36 12.92 -19.42
N GLU A 68 -33.93 11.72 -19.31
CA GLU A 68 -33.73 10.68 -20.33
C GLU A 68 -34.03 11.21 -21.73
N GLU A 69 -35.10 12.00 -21.85
CA GLU A 69 -35.53 12.54 -23.14
C GLU A 69 -34.69 13.72 -23.57
N ILE A 70 -33.75 14.16 -22.75
CA ILE A 70 -32.83 15.23 -23.11
C ILE A 70 -31.58 14.61 -23.72
N GLN A 71 -31.12 15.23 -24.79
CA GLN A 71 -30.04 14.57 -25.57
C GLN A 71 -28.74 15.36 -25.48
N ASP A 72 -28.74 16.64 -25.85
CA ASP A 72 -27.55 17.50 -25.63
C ASP A 72 -27.09 17.28 -24.18
N SER A 73 -25.84 16.92 -23.94
CA SER A 73 -25.46 16.64 -22.53
C SER A 73 -25.42 17.94 -21.71
N THR A 74 -24.82 19.00 -22.28
CA THR A 74 -24.78 20.31 -21.56
C THR A 74 -26.15 20.58 -20.94
N VAL A 75 -27.18 20.68 -21.77
CA VAL A 75 -28.55 20.91 -21.28
C VAL A 75 -28.90 19.85 -20.25
N LYS A 76 -28.58 18.59 -20.55
CA LYS A 76 -28.87 17.50 -19.63
C LYS A 76 -28.22 17.75 -18.27
N ARG A 77 -26.98 18.21 -18.25
CA ARG A 77 -26.25 18.40 -17.01
C ARG A 77 -26.85 19.52 -16.17
N GLN A 78 -27.09 20.67 -16.81
CA GLN A 78 -27.76 21.76 -16.10
C GLN A 78 -29.04 21.27 -15.46
N LEU A 79 -29.85 20.56 -16.24
CA LEU A 79 -31.14 20.09 -15.75
C LEU A 79 -30.94 19.13 -14.58
N ARG A 80 -30.09 18.12 -14.77
CA ARG A 80 -29.70 17.19 -13.71
C ARG A 80 -29.41 17.92 -12.41
N ALA A 81 -28.44 18.84 -12.45
CA ALA A 81 -28.07 19.62 -11.28
C ALA A 81 -29.29 20.21 -10.62
N LEU A 82 -30.13 20.90 -11.39
CA LEU A 82 -31.30 21.52 -10.79
C LEU A 82 -32.26 20.47 -10.21
N GLN A 83 -32.25 19.24 -10.73
CA GLN A 83 -33.09 18.15 -10.24
C GLN A 83 -32.45 17.42 -9.05
N HIS A 84 -32.12 18.18 -8.01
CA HIS A 84 -31.53 17.54 -6.80
C HIS A 84 -32.05 18.25 -5.55
N SER A 85 -33.35 18.15 -5.30
CA SER A 85 -33.96 18.85 -4.14
C SER A 85 -33.34 18.33 -2.84
N GLY A 86 -33.39 17.02 -2.64
CA GLY A 86 -32.86 16.42 -1.39
C GLY A 86 -33.88 16.47 -0.29
N SER A 87 -33.67 17.36 0.70
CA SER A 87 -34.58 17.44 1.86
C SER A 87 -36.04 17.32 1.43
N SER A 88 -36.43 18.03 0.36
CA SER A 88 -37.84 18.04 -0.07
C SER A 88 -38.44 16.63 0.00
N VAL A 89 -37.83 15.67 -0.68
CA VAL A 89 -38.43 14.31 -0.74
C VAL A 89 -38.87 13.83 0.64
N LEU A 90 -38.16 14.21 1.69
CA LEU A 90 -38.49 13.71 3.05
C LEU A 90 -39.71 14.46 3.59
N SER A 91 -40.55 13.80 4.38
CA SER A 91 -41.66 14.53 4.98
C SER A 91 -41.15 15.78 5.67
N ALA A 92 -41.88 16.89 5.52
CA ALA A 92 -41.45 18.16 6.09
C ALA A 92 -41.20 18.04 7.59
N ASP A 93 -41.91 17.12 8.26
CA ASP A 93 -41.56 16.79 9.64
C ASP A 93 -40.12 16.31 9.72
N LYS A 94 -39.74 15.34 8.88
CA LYS A 94 -38.36 14.86 8.87
C LYS A 94 -37.37 15.92 8.42
N ASN A 95 -37.78 16.77 7.47
CA ASN A 95 -36.92 17.88 7.06
C ASN A 95 -36.59 18.76 8.25
N GLN A 96 -37.62 19.16 8.99
CA GLN A 96 -37.40 19.92 10.23
C GLN A 96 -36.59 19.12 11.23
N ARG A 97 -36.79 17.81 11.29
CA ARG A 97 -36.04 16.98 12.24
C ARG A 97 -34.54 17.07 11.95
N LEU A 98 -34.17 16.84 10.70
CA LEU A 98 -32.76 16.90 10.31
C LEU A 98 -32.21 18.31 10.45
N ASN A 99 -33.01 19.32 10.10
CA ASN A 99 -32.58 20.71 10.28
C ASN A 99 -32.30 21.01 11.74
N THR A 100 -33.21 20.61 12.62
CA THR A 100 -33.05 20.84 14.04
C THR A 100 -31.85 20.08 14.60
N ILE A 101 -31.65 18.84 14.15
CA ILE A 101 -30.52 18.05 14.64
C ILE A 101 -29.20 18.66 14.18
N LEU A 102 -29.11 19.03 12.91
CA LEU A 102 -27.90 19.68 12.41
C LEU A 102 -27.63 20.99 13.14
N ASN A 103 -28.68 21.78 13.38
CA ASN A 103 -28.52 23.03 14.11
C ASN A 103 -28.06 22.77 15.54
N SER A 104 -28.60 21.72 16.18
CA SER A 104 -28.20 21.40 17.54
C SER A 104 -26.74 20.93 17.61
N MET A 105 -26.33 20.12 16.64
CA MET A 105 -24.93 19.69 16.58
C MET A 105 -24.00 20.87 16.34
N SER A 106 -24.36 21.74 15.40
CA SER A 106 -23.58 22.94 15.14
C SER A 106 -23.50 23.81 16.38
N THR A 107 -24.61 23.97 17.11
CA THR A 107 -24.60 24.80 18.30
C THR A 107 -23.76 24.17 19.41
N ILE A 108 -23.78 22.84 19.51
CA ILE A 108 -22.91 22.19 20.50
C ILE A 108 -21.45 22.42 20.16
N TYR A 109 -21.11 22.28 18.88
CA TYR A 109 -19.73 22.52 18.45
C TYR A 109 -19.29 23.94 18.75
N SER A 110 -20.15 24.92 18.48
CA SER A 110 -19.77 26.32 18.68
C SER A 110 -19.76 26.71 20.16
N THR A 111 -20.82 26.36 20.88
CA THR A 111 -20.96 26.71 22.30
C THR A 111 -20.04 25.90 23.20
N GLY A 112 -19.56 24.74 22.73
CA GLY A 112 -18.74 23.86 23.53
C GLY A 112 -17.56 24.53 24.21
N LYS A 113 -17.43 24.31 25.52
CA LYS A 113 -16.35 24.89 26.30
C LYS A 113 -15.94 23.88 27.38
N ALA A 114 -14.64 23.58 27.42
CA ALA A 114 -14.09 22.57 28.31
C ALA A 114 -13.32 23.26 29.43
N CYS A 115 -13.53 22.80 30.65
CA CYS A 115 -12.91 23.40 31.82
C CYS A 115 -11.75 22.53 32.30
N ASN A 116 -10.88 23.12 33.12
CA ASN A 116 -9.72 22.40 33.64
C ASN A 116 -10.20 21.17 34.41
N PRO A 117 -9.33 20.15 34.57
CA PRO A 117 -9.65 19.10 35.54
C PRO A 117 -9.54 19.59 36.97
N SER A 118 -9.04 20.81 37.17
CA SER A 118 -8.84 21.40 38.47
C SER A 118 -9.50 22.77 38.56
N ASN A 119 -8.83 23.81 38.04
CA ASN A 119 -9.30 25.18 38.20
C ASN A 119 -10.69 25.37 37.61
N PRO A 120 -11.70 25.70 38.43
CA PRO A 120 -13.04 25.98 37.89
C PRO A 120 -13.09 27.25 37.06
N GLN A 121 -12.08 28.11 37.17
CA GLN A 121 -12.03 29.36 36.42
C GLN A 121 -11.32 29.22 35.07
N GLU A 122 -10.85 28.03 34.72
CA GLU A 122 -10.16 27.86 33.45
C GLU A 122 -11.04 27.17 32.41
N CYS A 123 -12.35 27.37 32.51
CA CYS A 123 -13.24 26.87 31.46
C CYS A 123 -13.03 27.70 30.20
N LEU A 124 -12.48 27.07 29.16
CA LEU A 124 -12.18 27.80 27.91
C LEU A 124 -12.93 27.18 26.73
N LEU A 125 -13.21 27.98 25.69
CA LEU A 125 -14.04 27.50 24.54
C LEU A 125 -13.21 26.68 23.57
N LEU A 126 -13.83 26.12 22.54
CA LEU A 126 -13.01 25.21 21.71
C LEU A 126 -11.91 25.97 20.95
N GLU A 127 -12.29 26.88 20.03
CA GLU A 127 -11.36 27.65 19.14
C GLU A 127 -10.57 28.74 19.87
N PRO A 128 -11.19 29.62 20.69
CA PRO A 128 -10.52 30.71 21.41
C PRO A 128 -9.25 30.30 22.15
N GLY A 129 -9.22 29.11 22.77
CA GLY A 129 -8.07 28.74 23.56
C GLY A 129 -7.58 27.31 23.43
N LEU A 130 -8.49 26.33 23.51
CA LEU A 130 -8.11 24.92 23.46
C LEU A 130 -7.29 24.60 22.21
N ASP A 131 -7.67 25.17 21.08
CA ASP A 131 -6.89 25.02 19.85
C ASP A 131 -5.45 25.45 20.08
N ASP A 132 -5.27 26.69 20.54
CA ASP A 132 -3.93 27.22 20.81
C ASP A 132 -3.14 26.26 21.69
N ILE A 133 -3.75 25.81 22.79
CA ILE A 133 -3.12 24.84 23.68
C ILE A 133 -2.61 23.65 22.88
N MET A 134 -3.53 22.90 22.27
CA MET A 134 -3.15 21.70 21.54
C MET A 134 -2.21 21.96 20.37
N GLU A 135 -1.99 23.22 20.01
CA GLU A 135 -1.13 23.55 18.88
C GLU A 135 0.24 24.11 19.27
N ASN A 136 0.43 24.56 20.51
CA ASN A 136 1.73 25.11 20.89
C ASN A 136 2.09 24.81 22.34
N SER A 137 1.59 23.71 22.88
CA SER A 137 1.95 23.27 24.23
C SER A 137 2.74 21.96 24.15
N LYS A 138 3.52 21.70 25.19
CA LYS A 138 4.45 20.57 25.23
C LYS A 138 4.28 19.76 26.50
N ASP A 139 3.06 19.61 26.98
CA ASP A 139 2.79 18.87 28.22
C ASP A 139 1.83 17.73 27.90
N TYR A 140 2.27 16.50 28.19
CA TYR A 140 1.38 15.34 28.02
C TYR A 140 0.11 15.52 28.84
N ASN A 141 0.25 15.95 30.10
CA ASN A 141 -0.90 16.07 30.99
C ASN A 141 -1.92 17.09 30.47
N GLU A 142 -1.46 18.30 30.18
CA GLU A 142 -2.35 19.38 29.74
C GLU A 142 -3.05 19.02 28.43
N ARG A 143 -2.27 18.58 27.44
CA ARG A 143 -2.83 18.23 26.13
C ARG A 143 -3.83 17.08 26.26
N LEU A 144 -3.50 16.06 27.05
CA LEU A 144 -4.42 14.96 27.28
C LEU A 144 -5.73 15.46 27.88
N TRP A 145 -5.64 16.38 28.86
CA TRP A 145 -6.85 16.92 29.45
C TRP A 145 -7.72 17.60 28.40
N ALA A 146 -7.13 18.48 27.58
CA ALA A 146 -7.92 19.20 26.58
C ALA A 146 -8.56 18.22 25.60
N TRP A 147 -7.77 17.25 25.13
CA TRP A 147 -8.25 16.25 24.18
C TRP A 147 -9.45 15.50 24.74
N GLU A 148 -9.31 14.95 25.95
CA GLU A 148 -10.38 14.21 26.58
C GLU A 148 -11.60 15.10 26.83
N GLY A 149 -11.38 16.35 27.24
CA GLY A 149 -12.50 17.24 27.47
C GLY A 149 -13.37 17.41 26.25
N TRP A 150 -12.74 17.72 25.11
CA TRP A 150 -13.51 17.91 23.88
C TRP A 150 -14.20 16.61 23.46
N ARG A 151 -13.46 15.50 23.40
CA ARG A 151 -14.11 14.27 22.93
C ARG A 151 -15.01 13.62 23.97
N SER A 152 -15.08 14.17 25.18
CA SER A 152 -15.98 13.64 26.20
C SER A 152 -17.25 14.48 26.27
N GLU A 153 -17.13 15.73 26.74
CA GLU A 153 -18.33 16.55 26.89
C GLU A 153 -18.99 16.81 25.54
N VAL A 154 -18.24 17.38 24.60
CA VAL A 154 -18.81 17.74 23.31
C VAL A 154 -19.17 16.49 22.50
N GLY A 155 -18.35 15.45 22.57
CA GLY A 155 -18.58 14.27 21.75
C GLY A 155 -19.73 13.38 22.20
N LYS A 156 -19.72 12.99 23.48
CA LYS A 156 -20.76 12.13 24.01
C LYS A 156 -22.15 12.69 23.72
N GLN A 157 -22.31 14.02 23.86
CA GLN A 157 -23.60 14.64 23.54
C GLN A 157 -23.99 14.38 22.09
N LEU A 158 -23.04 14.54 21.17
CA LEU A 158 -23.37 14.41 19.76
C LEU A 158 -23.67 12.96 19.37
N ARG A 159 -23.15 11.98 20.13
CA ARG A 159 -23.33 10.58 19.77
C ARG A 159 -24.79 10.24 19.39
N PRO A 160 -25.79 10.47 20.24
CA PRO A 160 -27.17 10.13 19.83
C PRO A 160 -27.65 10.95 18.64
N LEU A 161 -27.30 12.23 18.61
CA LEU A 161 -27.69 13.09 17.50
C LEU A 161 -27.20 12.51 16.18
N TYR A 162 -25.92 12.11 16.13
CA TYR A 162 -25.37 11.52 14.90
C TYR A 162 -26.02 10.18 14.61
N GLU A 163 -26.35 9.41 15.65
CA GLU A 163 -27.02 8.13 15.44
C GLU A 163 -28.32 8.29 14.70
N GLU A 164 -29.11 9.32 15.05
CA GLU A 164 -30.34 9.59 14.30
C GLU A 164 -30.06 10.30 12.97
N TYR A 165 -29.03 11.14 12.94
CA TYR A 165 -28.65 11.87 11.74
C TYR A 165 -28.35 10.92 10.59
N VAL A 166 -27.64 9.83 10.88
CA VAL A 166 -27.32 8.86 9.83
C VAL A 166 -28.59 8.26 9.27
N ALA A 167 -29.53 7.89 10.14
CA ALA A 167 -30.80 7.33 9.68
C ALA A 167 -31.52 8.31 8.75
N LEU A 168 -31.76 9.54 9.23
CA LEU A 168 -32.50 10.51 8.42
C LEU A 168 -31.76 10.86 7.14
N LYS A 169 -30.44 10.95 7.21
CA LYS A 169 -29.63 11.34 6.04
C LYS A 169 -29.68 10.25 4.98
N ASN A 170 -29.46 9.01 5.40
CA ASN A 170 -29.58 7.88 4.48
C ASN A 170 -30.98 7.79 3.89
N GLU A 171 -32.00 8.07 4.71
CA GLU A 171 -33.38 8.10 4.21
C GLU A 171 -33.52 9.11 3.09
N MET A 172 -33.02 10.33 3.31
CA MET A 172 -33.00 11.35 2.25
C MET A 172 -32.34 10.82 0.99
N ALA A 173 -31.14 10.23 1.13
CA ALA A 173 -30.42 9.73 -0.03
C ALA A 173 -31.23 8.68 -0.78
N ARG A 174 -31.80 7.71 -0.06
CA ARG A 174 -32.57 6.65 -0.69
C ARG A 174 -33.81 7.21 -1.37
N ALA A 175 -34.42 8.24 -0.78
CA ALA A 175 -35.56 8.90 -1.40
C ALA A 175 -35.15 9.75 -2.59
N ASN A 176 -33.86 10.08 -2.72
CA ASN A 176 -33.33 10.74 -3.90
C ASN A 176 -32.62 9.77 -4.83
N ASN A 177 -32.94 8.47 -4.74
CA ASN A 177 -32.40 7.43 -5.63
C ASN A 177 -30.89 7.29 -5.44
N TYR A 178 -30.46 7.19 -4.18
CA TYR A 178 -29.07 6.96 -3.82
C TYR A 178 -29.02 5.87 -2.75
N GLU A 179 -28.06 4.95 -2.89
CA GLU A 179 -28.01 3.81 -1.98
C GLU A 179 -27.80 4.24 -0.53
N ASP A 180 -26.96 5.26 -0.32
CA ASP A 180 -26.74 5.80 1.02
C ASP A 180 -26.33 7.26 0.86
N TYR A 181 -26.30 7.97 1.99
CA TYR A 181 -25.84 9.35 1.96
C TYR A 181 -24.42 9.43 1.41
N GLY A 182 -23.63 8.39 1.65
CA GLY A 182 -22.31 8.27 1.06
C GLY A 182 -22.31 8.34 -0.45
N ASP A 183 -23.18 7.55 -1.11
CA ASP A 183 -23.27 7.62 -2.56
C ASP A 183 -23.70 9.01 -3.02
N TYR A 184 -24.60 9.65 -2.28
CA TYR A 184 -25.00 11.01 -2.63
C TYR A 184 -23.80 11.94 -2.63
N TRP A 185 -22.94 11.85 -1.61
CA TRP A 185 -21.72 12.66 -1.60
C TRP A 185 -20.79 12.27 -2.75
N ARG A 186 -20.59 10.95 -2.96
CA ARG A 186 -19.65 10.49 -3.98
C ARG A 186 -20.11 10.87 -5.38
N GLY A 187 -21.41 11.06 -5.60
CA GLY A 187 -21.93 11.52 -6.87
C GLY A 187 -21.49 12.91 -7.28
N ASP A 188 -20.90 13.67 -6.34
CA ASP A 188 -20.34 14.97 -6.69
C ASP A 188 -19.23 14.83 -7.73
N TYR A 189 -18.56 13.68 -7.76
CA TYR A 189 -17.54 13.38 -8.75
C TYR A 189 -18.11 12.65 -9.96
N GLU A 190 -19.40 12.31 -9.93
CA GLU A 190 -19.98 11.55 -11.04
C GLU A 190 -20.05 12.40 -12.29
N GLU A 191 -19.79 11.79 -13.43
CA GLU A 191 -19.92 12.54 -14.70
C GLU A 191 -20.13 11.53 -15.82
N GLU A 192 -20.73 11.96 -16.93
CA GLU A 192 -21.06 10.95 -17.97
C GLU A 192 -21.06 11.59 -19.35
N TRP A 193 -21.62 10.88 -20.33
CA TRP A 193 -21.78 11.43 -21.70
C TRP A 193 -20.44 11.67 -22.39
N GLU A 194 -19.61 10.63 -22.48
CA GLU A 194 -18.37 10.76 -23.27
C GLU A 194 -17.84 9.37 -23.55
N ASN A 195 -16.70 9.27 -24.24
CA ASN A 195 -16.09 7.94 -24.44
C ASN A 195 -15.11 7.70 -23.30
N GLY A 196 -15.55 7.01 -22.25
CA GLY A 196 -14.64 6.68 -21.15
C GLY A 196 -14.52 7.81 -20.14
N TYR A 197 -14.53 9.06 -20.62
CA TYR A 197 -14.40 10.21 -19.69
C TYR A 197 -15.36 9.94 -18.53
N ASN A 198 -16.58 9.52 -18.85
CA ASN A 198 -17.61 9.22 -17.81
C ASN A 198 -16.97 8.57 -16.58
N TYR A 199 -17.25 9.09 -15.39
CA TYR A 199 -16.77 8.48 -14.13
C TYR A 199 -17.98 7.98 -13.37
N SER A 200 -17.89 6.81 -12.73
CA SER A 200 -19.01 6.29 -11.90
C SER A 200 -18.77 6.67 -10.44
N ARG A 201 -19.73 6.40 -9.56
CA ARG A 201 -19.52 6.86 -8.18
C ARG A 201 -18.55 5.95 -7.42
N ASN A 202 -18.80 4.64 -7.42
CA ASN A 202 -17.93 3.73 -6.66
C ASN A 202 -16.50 3.73 -7.20
N GLN A 203 -16.33 4.10 -8.46
CA GLN A 203 -14.99 4.20 -9.00
C GLN A 203 -14.17 5.23 -8.22
N LEU A 204 -14.83 6.15 -7.52
CA LEU A 204 -14.12 7.05 -6.61
C LEU A 204 -13.49 6.29 -5.47
N ILE A 205 -14.23 5.38 -4.84
CA ILE A 205 -13.65 4.52 -3.81
C ILE A 205 -12.44 3.79 -4.35
N ASP A 206 -12.61 3.14 -5.51
CA ASP A 206 -11.51 2.40 -6.12
C ASP A 206 -10.28 3.29 -6.31
N ASP A 207 -10.48 4.48 -6.86
CA ASP A 207 -9.34 5.34 -7.21
C ASP A 207 -8.67 5.91 -5.96
N VAL A 208 -9.46 6.35 -4.98
CA VAL A 208 -8.88 6.85 -3.74
C VAL A 208 -7.99 5.79 -3.10
N GLU A 209 -8.45 4.53 -3.07
CA GLU A 209 -7.63 3.51 -2.43
C GLU A 209 -6.39 3.18 -3.25
N HIS A 210 -6.54 3.02 -4.58
CA HIS A 210 -5.38 2.65 -5.39
C HIS A 210 -4.35 3.76 -5.41
N THR A 211 -4.74 4.99 -5.07
CA THR A 211 -3.76 6.06 -4.93
C THR A 211 -3.14 6.06 -3.53
N PHE A 212 -3.97 5.84 -2.50
CA PHE A 212 -3.47 5.84 -1.14
C PHE A 212 -2.36 4.83 -0.96
N THR A 213 -2.47 3.67 -1.63
CA THR A 213 -1.40 2.69 -1.53
C THR A 213 -0.07 3.27 -2.00
N GLN A 214 -0.06 3.92 -3.16
CA GLN A 214 1.16 4.51 -3.69
C GLN A 214 1.68 5.63 -2.80
N ILE A 215 0.82 6.28 -2.02
CA ILE A 215 1.30 7.28 -1.07
C ILE A 215 1.74 6.68 0.28
N MET A 216 1.27 5.49 0.61
CA MET A 216 1.56 4.87 1.90
C MET A 216 3.05 4.82 2.26
N PRO A 217 3.97 4.40 1.37
CA PRO A 217 5.40 4.39 1.74
C PRO A 217 5.90 5.71 2.29
N LEU A 218 5.55 6.79 1.61
CA LEU A 218 5.95 8.12 2.04
C LEU A 218 5.43 8.44 3.42
N TYR A 219 4.13 8.21 3.65
CA TYR A 219 3.55 8.48 4.96
C TYR A 219 4.21 7.64 6.04
N GLN A 220 4.59 6.40 5.72
CA GLN A 220 5.29 5.56 6.68
C GLN A 220 6.62 6.18 7.10
N HIS A 221 7.40 6.65 6.12
CA HIS A 221 8.71 7.19 6.47
C HIS A 221 8.59 8.53 7.19
N LEU A 222 7.65 9.37 6.76
CA LEU A 222 7.36 10.59 7.51
C LEU A 222 6.92 10.26 8.94
N HIS A 223 6.09 9.24 9.09
CA HIS A 223 5.67 8.76 10.40
C HIS A 223 6.86 8.39 11.25
N ALA A 224 7.82 7.66 10.68
CA ALA A 224 8.99 7.24 11.44
C ALA A 224 9.77 8.46 11.92
N TYR A 225 10.01 9.42 11.03
CA TYR A 225 10.75 10.62 11.43
C TYR A 225 10.04 11.34 12.57
N VAL A 226 8.73 11.59 12.40
CA VAL A 226 7.96 12.29 13.41
C VAL A 226 7.99 11.52 14.73
N ARG A 227 7.76 10.20 14.65
CA ARG A 227 7.77 9.34 15.84
C ARG A 227 9.07 9.50 16.61
N THR A 228 10.20 9.44 15.91
CA THR A 228 11.50 9.53 16.59
C THR A 228 11.68 10.87 17.29
N LYS A 229 11.46 11.97 16.56
CA LYS A 229 11.71 13.27 17.19
C LYS A 229 10.75 13.49 18.37
N LEU A 230 9.48 13.15 18.18
CA LEU A 230 8.50 13.25 19.27
C LEU A 230 8.92 12.41 20.46
N MET A 231 9.37 11.18 20.22
CA MET A 231 9.96 10.36 21.27
C MET A 231 11.00 11.13 22.04
N ASP A 232 11.90 11.81 21.32
CA ASP A 232 12.91 12.62 21.99
C ASP A 232 12.33 13.81 22.74
N THR A 233 11.07 14.18 22.51
CA THR A 233 10.45 15.18 23.38
C THR A 233 9.53 14.59 24.46
N TYR A 234 8.74 13.55 24.13
CA TYR A 234 7.89 12.89 25.12
C TYR A 234 8.34 11.45 25.33
N PRO A 235 9.54 11.22 25.86
CA PRO A 235 10.09 9.85 25.84
C PRO A 235 9.36 8.89 26.75
N SER A 236 8.45 9.36 27.59
CA SER A 236 7.79 8.52 28.58
C SER A 236 6.59 7.77 28.01
N TYR A 237 6.14 8.10 26.79
CA TYR A 237 4.89 7.59 26.28
C TYR A 237 4.94 7.09 24.84
N ILE A 238 5.97 7.42 24.08
CA ILE A 238 6.04 7.08 22.67
C ILE A 238 6.89 5.84 22.49
N SER A 239 6.26 4.75 22.09
CA SER A 239 6.99 3.55 21.71
C SER A 239 7.76 3.81 20.41
N PRO A 240 8.92 3.18 20.25
CA PRO A 240 9.69 3.36 19.01
C PRO A 240 9.13 2.57 17.85
N THR A 241 8.22 1.62 18.11
CA THR A 241 7.72 0.70 17.09
C THR A 241 6.19 0.63 17.13
N GLY A 242 5.55 1.69 17.61
CA GLY A 242 4.10 1.70 17.74
C GLY A 242 3.52 3.00 17.21
N CYS A 243 2.20 3.09 17.32
CA CYS A 243 1.49 4.29 16.90
C CYS A 243 1.79 5.45 17.84
N LEU A 244 1.35 6.63 17.45
CA LEU A 244 1.57 7.84 18.23
C LEU A 244 0.29 8.24 18.95
N PRO A 245 0.40 8.83 20.15
CA PRO A 245 -0.81 9.28 20.86
C PRO A 245 -1.40 10.53 20.23
N ALA A 246 -2.72 10.52 20.05
CA ALA A 246 -3.38 11.53 19.23
C ALA A 246 -3.14 12.94 19.77
N HIS A 247 -3.08 13.10 21.09
CA HIS A 247 -3.03 14.42 21.70
C HIS A 247 -1.70 15.11 21.42
N LEU A 248 -0.81 14.45 20.69
CA LEU A 248 0.53 14.98 20.41
C LEU A 248 0.71 15.35 18.94
N LEU A 249 -0.37 15.44 18.18
CA LEU A 249 -0.28 15.58 16.73
C LEU A 249 -0.27 17.04 16.28
N GLY A 250 -0.39 18.00 17.19
CA GLY A 250 -0.31 19.40 16.85
C GLY A 250 -1.64 20.09 16.67
N ASP A 251 -2.75 19.35 16.59
CA ASP A 251 -4.07 19.95 16.55
C ASP A 251 -5.05 19.01 17.24
N MET A 252 -6.18 19.59 17.66
CA MET A 252 -7.17 18.85 18.46
C MET A 252 -7.58 17.54 17.81
N TRP A 253 -7.47 17.43 16.49
CA TRP A 253 -7.91 16.25 15.78
C TRP A 253 -6.78 15.48 15.10
N GLY A 254 -5.56 15.99 15.14
CA GLY A 254 -4.48 15.35 14.43
C GLY A 254 -4.64 15.37 12.93
N ARG A 255 -5.27 16.42 12.39
CA ARG A 255 -5.50 16.52 10.97
C ARG A 255 -4.37 17.25 10.25
N PHE A 256 -3.58 18.06 10.96
CA PHE A 256 -2.45 18.76 10.36
C PHE A 256 -1.26 18.72 11.30
N TRP A 257 -0.18 18.09 10.85
CA TRP A 257 1.02 17.94 11.68
C TRP A 257 1.94 19.13 11.53
N THR A 258 1.38 20.30 11.19
CA THR A 258 2.21 21.45 10.87
C THR A 258 2.88 22.03 12.11
N ASN A 259 2.20 21.99 13.25
CA ASN A 259 2.72 22.55 14.48
C ASN A 259 3.85 21.72 15.08
N LEU A 260 4.20 20.60 14.48
CA LEU A 260 5.26 19.72 14.95
C LEU A 260 6.61 20.10 14.36
N TYR A 261 6.67 21.12 13.50
CA TYR A 261 7.93 21.52 12.88
C TYR A 261 9.01 21.85 13.91
N PRO A 262 8.78 22.67 14.94
CA PRO A 262 9.85 22.93 15.92
C PRO A 262 10.30 21.68 16.65
N LEU A 263 9.44 20.68 16.75
CA LEU A 263 9.78 19.39 17.33
C LEU A 263 10.33 18.42 16.30
N THR A 264 10.20 18.73 15.01
CA THR A 264 10.61 17.77 13.96
C THR A 264 11.44 18.51 12.91
N VAL A 265 11.97 19.68 13.24
CA VAL A 265 12.70 20.51 12.24
C VAL A 265 14.05 19.89 11.95
N PRO A 266 14.30 19.48 10.69
CA PRO A 266 15.55 18.85 10.32
C PRO A 266 16.52 20.01 10.48
N PHE A 267 17.81 19.72 10.67
CA PHE A 267 18.71 20.87 10.91
C PHE A 267 18.11 21.62 12.10
N GLY A 268 17.66 22.87 11.97
CA GLY A 268 17.04 23.58 13.10
C GLY A 268 17.66 24.95 13.23
N GLN A 269 18.98 25.03 13.07
CA GLN A 269 19.73 26.31 12.99
C GLN A 269 19.43 27.02 11.67
N LYS A 270 19.60 26.34 10.54
CA LYS A 270 19.37 26.99 9.21
C LYS A 270 18.04 27.72 9.26
N PRO A 271 17.94 28.96 8.73
CA PRO A 271 16.66 29.67 8.72
C PRO A 271 15.77 29.38 7.51
N ASN A 272 14.50 29.79 7.59
CA ASN A 272 13.60 29.61 6.46
C ASN A 272 13.29 30.98 5.87
N ILE A 273 13.16 31.02 4.54
CA ILE A 273 12.90 32.28 3.84
C ILE A 273 11.64 32.92 4.41
N ASP A 274 11.78 34.11 4.98
CA ASP A 274 10.68 34.85 5.57
C ASP A 274 10.77 36.29 5.06
N VAL A 275 10.19 36.54 3.89
CA VAL A 275 10.27 37.87 3.28
C VAL A 275 9.48 38.92 4.04
N THR A 276 8.76 38.53 5.10
CA THR A 276 7.91 39.45 5.85
C THR A 276 8.67 40.72 6.26
N ASN A 277 9.80 40.55 6.96
CA ASN A 277 10.62 41.69 7.34
C ASN A 277 11.06 42.49 6.12
N ALA A 278 11.37 41.80 5.02
CA ALA A 278 11.78 42.49 3.80
C ALA A 278 10.66 43.35 3.23
N MET A 279 9.43 42.84 3.22
CA MET A 279 8.29 43.63 2.77
C MET A 279 8.09 44.84 3.68
N VAL A 280 8.15 44.63 4.99
CA VAL A 280 8.01 45.76 5.92
C VAL A 280 9.05 46.82 5.64
N ASN A 281 10.28 46.41 5.34
CA ASN A 281 11.35 47.37 5.03
C ASN A 281 11.11 48.07 3.69
N GLN A 282 10.55 47.37 2.70
CA GLN A 282 10.25 47.99 1.42
C GLN A 282 8.91 48.73 1.43
N SER A 283 8.38 49.03 2.61
CA SER A 283 7.12 49.73 2.80
C SER A 283 6.03 49.24 1.84
N TRP A 284 5.93 47.93 1.68
CA TRP A 284 4.86 47.37 0.88
C TRP A 284 3.53 47.58 1.61
N ASP A 285 2.45 47.61 0.84
CA ASP A 285 1.10 47.73 1.40
C ASP A 285 0.20 46.69 0.77
N ALA A 286 -1.05 46.63 1.24
CA ALA A 286 -1.98 45.59 0.82
C ALA A 286 -2.15 45.61 -0.70
N ARG A 287 -2.54 46.77 -1.25
CA ARG A 287 -2.53 47.01 -2.68
C ARG A 287 -1.29 46.45 -3.36
N ARG A 288 -0.10 46.81 -2.88
CA ARG A 288 1.12 46.34 -3.55
C ARG A 288 1.16 44.82 -3.64
N ILE A 289 0.74 44.15 -2.56
CA ILE A 289 0.66 42.69 -2.57
C ILE A 289 -0.24 42.22 -3.69
N PHE A 290 -1.47 42.75 -3.73
CA PHE A 290 -2.41 42.29 -4.74
C PHE A 290 -2.02 42.73 -6.15
N LYS A 291 -1.31 43.84 -6.27
CA LYS A 291 -0.85 44.33 -7.57
C LYS A 291 0.24 43.43 -8.11
N GLU A 292 1.15 42.98 -7.23
CA GLU A 292 2.16 42.01 -7.61
C GLU A 292 1.51 40.70 -8.05
N ALA A 293 0.45 40.29 -7.34
CA ALA A 293 -0.30 39.10 -7.75
C ALA A 293 -0.89 39.26 -9.15
N GLU A 294 -1.59 40.39 -9.38
CA GLU A 294 -2.12 40.71 -10.70
C GLU A 294 -1.03 40.61 -11.76
N LYS A 295 0.14 41.21 -11.49
CA LYS A 295 1.24 41.15 -12.43
C LYS A 295 1.63 39.71 -12.76
N PHE A 296 1.70 38.86 -11.74
CA PHE A 296 2.00 37.45 -11.94
C PHE A 296 1.04 36.82 -12.94
N PHE A 297 -0.27 36.94 -12.65
CA PHE A 297 -1.25 36.34 -13.55
C PHE A 297 -1.21 36.96 -14.94
N VAL A 298 -0.90 38.25 -15.04
CA VAL A 298 -0.71 38.87 -16.34
C VAL A 298 0.40 38.17 -17.09
N SER A 299 1.51 37.89 -16.40
CA SER A 299 2.64 37.22 -17.04
C SER A 299 2.21 35.88 -17.63
N VAL A 300 1.48 35.07 -16.85
CA VAL A 300 1.15 33.75 -17.40
C VAL A 300 0.15 33.84 -18.55
N GLY A 301 -0.62 34.94 -18.67
CA GLY A 301 -1.49 35.11 -19.82
C GLY A 301 -2.92 35.47 -19.51
N LEU A 302 -3.33 35.25 -18.27
CA LEU A 302 -4.69 35.54 -17.83
C LEU A 302 -4.91 37.05 -17.81
N PRO A 303 -6.17 37.51 -17.80
CA PRO A 303 -6.43 38.94 -17.74
C PRO A 303 -6.08 39.53 -16.37
N ASN A 304 -6.16 40.86 -16.28
CA ASN A 304 -5.99 41.52 -15.01
C ASN A 304 -7.35 41.75 -14.37
N MET A 305 -7.32 42.12 -13.09
CA MET A 305 -8.54 42.29 -12.32
C MET A 305 -9.47 43.33 -12.93
N THR A 306 -10.76 43.17 -12.68
CA THR A 306 -11.71 44.20 -13.07
C THR A 306 -11.47 45.45 -12.22
N GLN A 307 -11.65 46.62 -12.83
CA GLN A 307 -11.67 47.85 -12.05
C GLN A 307 -12.61 47.73 -10.87
N GLY A 308 -13.75 47.06 -11.06
CA GLY A 308 -14.66 46.82 -9.96
C GLY A 308 -14.01 46.04 -8.82
N PHE A 309 -13.12 45.10 -9.17
CA PHE A 309 -12.40 44.36 -8.15
C PHE A 309 -11.68 45.32 -7.20
N TRP A 310 -10.81 46.18 -7.75
CA TRP A 310 -10.07 47.11 -6.90
C TRP A 310 -10.99 48.13 -6.25
N GLU A 311 -12.09 48.48 -6.91
CA GLU A 311 -12.94 49.57 -6.43
C GLU A 311 -13.78 49.14 -5.24
N ASN A 312 -14.29 47.90 -5.26
CA ASN A 312 -15.22 47.45 -4.23
C ASN A 312 -14.64 46.41 -3.28
N SER A 313 -13.58 45.70 -3.64
CA SER A 313 -13.01 44.71 -2.75
C SER A 313 -12.50 45.38 -1.48
N MET A 314 -12.62 44.66 -0.36
CA MET A 314 -12.05 45.10 0.90
C MET A 314 -10.76 44.31 1.12
N LEU A 315 -9.63 45.02 1.11
CA LEU A 315 -8.33 44.39 1.21
C LEU A 315 -7.62 44.67 2.53
N THR A 316 -8.12 45.65 3.27
CA THR A 316 -7.51 46.01 4.56
C THR A 316 -8.58 46.08 5.65
N GLU A 317 -8.22 45.70 6.88
CA GLU A 317 -9.20 45.83 7.98
C GLU A 317 -9.92 47.15 7.82
N PRO A 318 -11.24 47.22 8.07
CA PRO A 318 -11.99 48.45 7.86
C PRO A 318 -11.60 49.42 8.98
N SER A 319 -10.33 49.81 9.05
CA SER A 319 -9.89 50.66 10.18
C SER A 319 -10.59 50.11 11.42
N ASP A 320 -11.14 50.98 12.25
CA ASP A 320 -11.98 50.49 13.38
C ASP A 320 -13.39 50.91 13.01
N SER A 321 -13.52 51.52 11.83
CA SER A 321 -14.83 52.02 11.39
C SER A 321 -15.91 50.94 11.43
N ARG A 322 -15.52 49.70 11.24
CA ARG A 322 -16.56 48.66 11.12
C ARG A 322 -16.14 47.37 11.80
N LYS A 323 -17.11 46.51 12.06
CA LYS A 323 -16.77 45.19 12.58
C LYS A 323 -16.98 44.17 11.47
N VAL A 324 -16.00 43.28 11.26
CA VAL A 324 -15.93 42.47 10.05
C VAL A 324 -15.36 41.08 10.38
N VAL A 325 -15.78 40.09 9.60
CA VAL A 325 -15.17 38.76 9.63
C VAL A 325 -13.90 38.78 8.79
N CYS A 326 -12.83 38.16 9.32
CA CYS A 326 -11.52 38.30 8.69
C CYS A 326 -11.11 37.14 7.80
N HIS A 327 -11.72 35.97 7.94
CA HIS A 327 -11.33 34.80 7.16
C HIS A 327 -11.24 35.15 5.66
N PRO A 328 -10.10 34.92 5.02
CA PRO A 328 -9.94 35.33 3.61
C PRO A 328 -10.92 34.58 2.71
N THR A 329 -11.58 35.33 1.82
CA THR A 329 -12.63 34.80 0.98
C THR A 329 -12.62 35.47 -0.39
N ALA A 330 -12.64 34.67 -1.45
CA ALA A 330 -12.91 35.16 -2.80
C ALA A 330 -14.41 35.15 -3.06
N TRP A 331 -14.83 35.98 -4.02
CA TRP A 331 -16.25 36.27 -4.18
C TRP A 331 -16.62 36.43 -5.66
N ASP A 332 -17.55 35.60 -6.11
CA ASP A 332 -18.17 35.68 -7.44
C ASP A 332 -19.64 36.05 -7.24
N LEU A 333 -19.93 37.34 -7.20
CA LEU A 333 -21.31 37.77 -7.00
C LEU A 333 -22.18 37.56 -8.23
N GLY A 334 -21.61 37.03 -9.31
CA GLY A 334 -22.25 37.07 -10.60
C GLY A 334 -22.18 38.46 -11.18
N LYS A 335 -22.66 38.58 -12.42
CA LYS A 335 -22.86 39.88 -13.07
C LYS A 335 -21.55 40.66 -13.18
N GLY A 336 -20.43 39.94 -13.22
CA GLY A 336 -19.15 40.62 -13.38
C GLY A 336 -18.60 41.28 -12.13
N ASP A 337 -19.29 41.20 -11.01
CA ASP A 337 -18.78 41.73 -9.75
C ASP A 337 -17.94 40.65 -9.09
N PHE A 338 -16.62 40.77 -9.23
CA PHE A 338 -15.67 39.88 -8.58
C PHE A 338 -14.99 40.65 -7.47
N ARG A 339 -14.90 40.04 -6.28
CA ARG A 339 -14.35 40.74 -5.13
C ARG A 339 -13.52 39.79 -4.28
N ILE A 340 -12.72 40.37 -3.37
CA ILE A 340 -11.94 39.60 -2.40
C ILE A 340 -12.03 40.30 -1.06
N LYS A 341 -12.31 39.53 -0.01
CA LYS A 341 -12.33 40.01 1.37
C LYS A 341 -11.16 39.37 2.11
N MET A 342 -10.22 40.20 2.57
CA MET A 342 -9.12 39.68 3.37
C MET A 342 -8.57 40.81 4.23
N CYS A 343 -8.43 40.56 5.53
CA CYS A 343 -7.77 41.50 6.44
C CYS A 343 -6.26 41.42 6.23
N THR A 344 -5.84 41.75 5.01
CA THR A 344 -4.47 41.52 4.59
C THR A 344 -3.48 42.22 5.51
N LYS A 345 -2.37 41.54 5.78
CA LYS A 345 -1.27 42.09 6.58
C LYS A 345 0.03 41.85 5.83
N VAL A 346 1.02 42.68 6.09
CA VAL A 346 2.29 42.60 5.37
C VAL A 346 3.12 41.44 5.92
N THR A 347 2.72 40.22 5.55
CA THR A 347 3.48 39.02 5.86
C THR A 347 3.50 38.13 4.63
N MET A 348 4.59 37.38 4.47
CA MET A 348 4.73 36.38 3.41
C MET A 348 3.49 35.51 3.31
N ASP A 349 2.94 35.14 4.48
CA ASP A 349 1.75 34.31 4.52
C ASP A 349 0.59 34.95 3.76
N ASP A 350 0.26 36.19 4.11
CA ASP A 350 -0.84 36.88 3.44
C ASP A 350 -0.54 37.10 1.96
N PHE A 351 0.73 37.27 1.60
CA PHE A 351 1.13 37.42 0.21
C PHE A 351 0.75 36.17 -0.59
N LEU A 352 1.21 35.01 -0.11
CA LEU A 352 0.89 33.74 -0.76
C LEU A 352 -0.62 33.50 -0.77
N THR A 353 -1.27 33.83 0.34
CA THR A 353 -2.72 33.66 0.44
C THR A 353 -3.44 34.49 -0.60
N ALA A 354 -2.99 35.73 -0.81
CA ALA A 354 -3.58 36.59 -1.82
C ALA A 354 -3.42 36.00 -3.20
N HIS A 355 -2.24 35.43 -3.49
CA HIS A 355 -2.07 34.71 -4.76
C HIS A 355 -3.12 33.61 -4.91
N HIS A 356 -3.32 32.82 -3.85
CA HIS A 356 -4.30 31.74 -3.88
C HIS A 356 -5.71 32.26 -4.18
N GLU A 357 -6.12 33.28 -3.44
CA GLU A 357 -7.49 33.78 -3.53
C GLU A 357 -7.75 34.47 -4.86
N MET A 358 -6.76 35.24 -5.34
CA MET A 358 -6.87 35.83 -6.67
C MET A 358 -6.91 34.75 -7.75
N GLY A 359 -6.26 33.61 -7.53
CA GLY A 359 -6.40 32.48 -8.45
C GLY A 359 -7.83 31.99 -8.53
N HIS A 360 -8.48 31.86 -7.36
CA HIS A 360 -9.91 31.59 -7.35
C HIS A 360 -10.67 32.62 -8.19
N ILE A 361 -10.37 33.90 -7.97
CA ILE A 361 -11.02 34.97 -8.73
C ILE A 361 -10.82 34.76 -10.22
N GLN A 362 -9.62 34.35 -10.63
CA GLN A 362 -9.36 34.20 -12.06
C GLN A 362 -10.15 33.05 -12.64
N TYR A 363 -10.22 31.94 -11.91
CA TYR A 363 -11.09 30.83 -12.31
C TYR A 363 -12.50 31.33 -12.58
N ASP A 364 -13.06 32.07 -11.61
CA ASP A 364 -14.42 32.61 -11.76
C ASP A 364 -14.52 33.55 -12.97
N MET A 365 -13.49 34.37 -13.18
CA MET A 365 -13.45 35.27 -14.34
C MET A 365 -13.31 34.51 -15.65
N ALA A 366 -12.92 33.23 -15.60
CA ALA A 366 -12.72 32.44 -16.80
C ALA A 366 -13.92 31.58 -17.18
N TYR A 367 -14.90 31.38 -16.30
CA TYR A 367 -16.10 30.63 -16.67
C TYR A 367 -17.38 31.47 -16.55
N ALA A 368 -17.27 32.81 -16.65
CA ALA A 368 -18.46 33.66 -16.66
C ALA A 368 -19.25 33.50 -17.96
N ALA A 369 -18.57 33.23 -19.08
CA ALA A 369 -19.26 33.05 -20.35
C ALA A 369 -20.22 31.85 -20.31
N GLN A 370 -20.06 30.95 -19.35
CA GLN A 370 -20.89 29.77 -19.24
C GLN A 370 -22.22 30.10 -18.56
N PRO A 371 -23.25 29.28 -18.77
CA PRO A 371 -24.52 29.50 -18.07
C PRO A 371 -24.38 29.29 -16.57
N PHE A 372 -25.33 29.87 -15.83
CA PHE A 372 -25.25 29.90 -14.36
C PHE A 372 -24.98 28.52 -13.80
N LEU A 373 -25.75 27.52 -14.23
CA LEU A 373 -25.64 26.19 -13.63
C LEU A 373 -24.29 25.54 -13.93
N LEU A 374 -23.67 25.90 -15.04
CA LEU A 374 -22.36 25.34 -15.40
C LEU A 374 -21.20 26.20 -14.91
N ARG A 375 -21.50 27.30 -14.21
CA ARG A 375 -20.50 28.25 -13.71
C ARG A 375 -19.99 27.77 -12.35
N ASN A 376 -19.11 26.78 -12.39
CA ASN A 376 -18.48 26.32 -11.16
C ASN A 376 -17.30 25.46 -11.54
N GLY A 377 -16.42 25.20 -10.56
CA GLY A 377 -15.25 24.38 -10.78
C GLY A 377 -15.59 23.02 -11.35
N ALA A 378 -14.62 22.37 -12.00
CA ALA A 378 -14.90 21.12 -12.69
C ALA A 378 -15.46 20.08 -11.72
N ASN A 379 -14.76 19.85 -10.61
CA ASN A 379 -15.31 19.09 -9.50
C ASN A 379 -15.22 19.95 -8.24
N GLU A 380 -15.39 19.32 -7.08
CA GLU A 380 -15.29 20.05 -5.83
C GLU A 380 -13.86 20.39 -5.43
N GLY A 381 -12.87 19.86 -6.14
CA GLY A 381 -11.48 20.08 -5.77
C GLY A 381 -10.70 20.94 -6.74
N PHE A 382 -11.27 21.23 -7.91
CA PHE A 382 -10.57 22.01 -8.92
C PHE A 382 -10.27 23.42 -8.45
N HIS A 383 -11.20 24.06 -7.76
CA HIS A 383 -11.04 25.44 -7.34
C HIS A 383 -9.83 25.60 -6.42
N GLU A 384 -9.87 24.86 -5.31
CA GLU A 384 -8.82 24.93 -4.29
C GLU A 384 -7.47 24.56 -4.87
N ALA A 385 -7.44 23.58 -5.78
CA ALA A 385 -6.19 23.15 -6.38
C ALA A 385 -5.52 24.28 -7.14
N VAL A 386 -6.29 25.02 -7.95
CA VAL A 386 -5.73 26.11 -8.72
C VAL A 386 -5.17 27.20 -7.81
N GLY A 387 -5.95 27.59 -6.79
CA GLY A 387 -5.42 28.54 -5.83
C GLY A 387 -4.09 28.08 -5.24
N GLU A 388 -4.03 26.81 -4.85
CA GLU A 388 -2.80 26.28 -4.27
C GLU A 388 -1.64 26.39 -5.25
N ILE A 389 -1.82 25.95 -6.49
CA ILE A 389 -0.71 25.99 -7.44
C ILE A 389 -0.18 27.40 -7.58
N MET A 390 -1.06 28.41 -7.51
CA MET A 390 -0.57 29.79 -7.53
C MET A 390 0.37 30.06 -6.36
N SER A 391 -0.06 29.70 -5.14
CA SER A 391 0.80 29.95 -3.98
C SER A 391 2.12 29.14 -4.07
N LEU A 392 2.03 27.89 -4.52
CA LEU A 392 3.21 27.03 -4.62
C LEU A 392 4.20 27.55 -5.65
N SER A 393 3.71 28.26 -6.67
CA SER A 393 4.61 28.88 -7.63
C SER A 393 5.14 30.21 -7.15
N ALA A 394 4.46 30.86 -6.21
CA ALA A 394 4.99 32.09 -5.63
C ALA A 394 5.98 31.86 -4.51
N ALA A 395 5.91 30.72 -3.81
CA ALA A 395 6.85 30.47 -2.72
C ALA A 395 8.26 30.20 -3.21
N THR A 396 8.40 29.71 -4.44
CA THR A 396 9.71 29.42 -5.02
C THR A 396 10.62 30.63 -4.87
N PRO A 397 11.85 30.45 -4.35
CA PRO A 397 12.77 31.59 -4.20
C PRO A 397 12.92 32.44 -5.45
N ASN A 398 12.71 31.84 -6.62
CA ASN A 398 12.84 32.57 -7.88
C ASN A 398 11.88 33.77 -7.91
N HIS A 399 10.58 33.51 -7.83
CA HIS A 399 9.60 34.60 -7.88
C HIS A 399 9.84 35.61 -6.77
N LEU A 400 10.36 35.16 -5.63
CA LEU A 400 10.71 36.08 -4.54
C LEU A 400 11.82 37.03 -4.97
N LYS A 401 12.83 36.50 -5.66
CA LYS A 401 13.90 37.35 -6.20
C LYS A 401 13.37 38.33 -7.24
N ASN A 402 12.47 37.84 -8.11
CA ASN A 402 11.96 38.64 -9.22
C ASN A 402 11.25 39.89 -8.72
N ILE A 403 10.20 39.71 -7.90
CA ILE A 403 9.53 40.84 -7.28
C ILE A 403 10.45 41.66 -6.39
N GLY A 404 11.64 41.17 -6.09
CA GLY A 404 12.59 41.96 -5.34
C GLY A 404 12.45 41.88 -3.84
N LEU A 405 11.82 40.82 -3.34
CA LEU A 405 11.71 40.61 -1.90
C LEU A 405 12.84 39.76 -1.35
N LEU A 406 13.76 39.32 -2.20
CA LEU A 406 14.84 38.44 -1.84
C LEU A 406 16.10 38.93 -2.54
N PRO A 407 17.26 38.88 -1.89
CA PRO A 407 18.49 39.39 -2.50
C PRO A 407 18.76 38.76 -3.86
N PRO A 408 19.46 39.46 -4.74
CA PRO A 408 19.63 38.96 -6.12
C PRO A 408 20.51 37.73 -6.23
N SER A 409 21.45 37.52 -5.30
CA SER A 409 22.37 36.38 -5.37
C SER A 409 22.09 35.33 -4.32
N PHE A 410 20.92 35.39 -3.67
CA PHE A 410 20.53 34.38 -2.70
C PHE A 410 20.56 32.98 -3.33
N PHE A 411 21.06 32.01 -2.58
CA PHE A 411 21.12 30.63 -3.05
C PHE A 411 20.60 29.71 -1.96
N GLU A 412 19.78 28.75 -2.37
CA GLU A 412 19.21 27.80 -1.43
C GLU A 412 20.23 26.72 -1.10
N ASP A 413 20.26 26.30 0.16
CA ASP A 413 21.08 25.18 0.58
C ASP A 413 20.18 23.99 0.85
N SER A 414 20.72 22.79 0.60
CA SER A 414 19.94 21.56 0.74
C SER A 414 19.24 21.50 2.10
N GLU A 415 19.88 22.01 3.14
CA GLU A 415 19.26 22.02 4.46
C GLU A 415 17.98 22.84 4.48
N THR A 416 18.01 24.02 3.84
CA THR A 416 16.82 24.87 3.77
C THR A 416 15.73 24.21 2.93
N GLU A 417 16.11 23.66 1.77
CA GLU A 417 15.14 22.98 0.93
C GLU A 417 14.45 21.86 1.68
N ILE A 418 15.21 21.10 2.49
CA ILE A 418 14.63 19.99 3.21
C ILE A 418 13.72 20.50 4.34
N ASN A 419 14.11 21.58 5.02
CA ASN A 419 13.21 22.19 6.01
C ASN A 419 11.87 22.55 5.37
N PHE A 420 11.92 23.24 4.23
CA PHE A 420 10.70 23.66 3.55
C PHE A 420 9.86 22.46 3.11
N LEU A 421 10.50 21.48 2.47
CA LEU A 421 9.79 20.30 2.02
C LEU A 421 9.15 19.55 3.18
N LEU A 422 9.83 19.51 4.33
CA LEU A 422 9.27 18.83 5.50
C LEU A 422 8.05 19.56 6.03
N LYS A 423 8.12 20.89 6.14
CA LYS A 423 6.94 21.66 6.55
C LYS A 423 5.76 21.37 5.62
N GLN A 424 6.02 21.48 4.31
CA GLN A 424 5.03 21.12 3.31
C GLN A 424 4.48 19.73 3.54
N ALA A 425 5.36 18.77 3.84
CA ALA A 425 4.97 17.38 3.97
C ALA A 425 4.07 17.18 5.17
N LEU A 426 4.45 17.73 6.31
CA LEU A 426 3.53 17.72 7.44
C LEU A 426 2.16 18.18 6.99
N THR A 427 2.05 19.44 6.56
CA THR A 427 0.72 20.00 6.28
C THR A 427 -0.05 19.19 5.23
N ILE A 428 0.64 18.61 4.25
CA ILE A 428 -0.02 18.01 3.08
C ILE A 428 -0.10 16.50 3.24
N VAL A 429 1.07 15.87 3.23
CA VAL A 429 1.19 14.44 3.36
C VAL A 429 0.62 13.93 4.68
N GLY A 430 0.58 14.77 5.72
CA GLY A 430 0.06 14.31 6.99
C GLY A 430 -1.45 14.23 6.99
N THR A 431 -2.11 15.26 6.43
CA THR A 431 -3.56 15.23 6.44
C THR A 431 -4.09 14.15 5.49
N LEU A 432 -3.36 13.87 4.39
CA LEU A 432 -3.90 12.91 3.41
C LEU A 432 -4.42 11.61 4.03
N PRO A 433 -3.63 10.91 4.85
CA PRO A 433 -4.14 9.64 5.43
C PRO A 433 -5.33 9.84 6.34
N PHE A 434 -5.26 10.85 7.21
CA PHE A 434 -6.35 11.17 8.12
C PHE A 434 -7.63 11.43 7.34
N THR A 435 -7.52 12.19 6.25
CA THR A 435 -8.65 12.47 5.38
C THR A 435 -9.27 11.19 4.85
N TYR A 436 -8.44 10.33 4.25
CA TYR A 436 -8.96 9.07 3.71
C TYR A 436 -9.66 8.26 4.80
N MET A 437 -9.02 8.17 5.97
CA MET A 437 -9.59 7.41 7.09
C MET A 437 -10.97 7.92 7.47
N LEU A 438 -11.09 9.23 7.69
CA LEU A 438 -12.38 9.80 8.09
C LEU A 438 -13.46 9.51 7.05
N GLU A 439 -13.15 9.76 5.77
CA GLU A 439 -14.21 9.63 4.77
C GLU A 439 -14.59 8.17 4.53
N LYS A 440 -13.63 7.24 4.62
CA LYS A 440 -13.95 5.82 4.51
C LYS A 440 -14.84 5.38 5.66
N TRP A 441 -14.53 5.83 6.88
CA TRP A 441 -15.38 5.49 8.02
C TRP A 441 -16.80 5.97 7.79
N ARG A 442 -16.97 7.22 7.35
CA ARG A 442 -18.34 7.73 7.15
C ARG A 442 -19.05 7.00 6.01
N TRP A 443 -18.33 6.67 4.94
CA TRP A 443 -18.94 5.94 3.83
C TRP A 443 -19.47 4.59 4.30
N MET A 444 -18.64 3.84 5.02
CA MET A 444 -19.08 2.53 5.48
C MET A 444 -20.19 2.64 6.52
N VAL A 445 -20.12 3.64 7.40
CA VAL A 445 -21.15 3.85 8.41
C VAL A 445 -22.50 4.11 7.75
N PHE A 446 -22.54 5.04 6.78
CA PHE A 446 -23.77 5.31 6.07
C PHE A 446 -24.24 4.07 5.31
N LYS A 447 -23.30 3.34 4.68
CA LYS A 447 -23.64 2.09 4.03
C LYS A 447 -24.22 1.09 5.01
N GLY A 448 -23.84 1.17 6.28
CA GLY A 448 -24.34 0.31 7.31
C GLY A 448 -23.39 -0.77 7.76
N GLU A 449 -22.18 -0.82 7.18
CA GLU A 449 -21.25 -1.91 7.47
C GLU A 449 -20.79 -1.88 8.93
N ILE A 450 -20.71 -0.70 9.53
CA ILE A 450 -20.27 -0.56 10.92
C ILE A 450 -21.51 -0.39 11.78
N PRO A 451 -21.89 -1.40 12.58
CA PRO A 451 -22.99 -1.20 13.53
C PRO A 451 -22.57 -0.28 14.65
N LYS A 452 -23.56 0.38 15.26
CA LYS A 452 -23.28 1.36 16.31
C LYS A 452 -22.48 0.73 17.45
N ASP A 453 -22.80 -0.52 17.81
CA ASP A 453 -22.11 -1.18 18.91
C ASP A 453 -20.61 -1.24 18.71
N GLN A 454 -20.16 -1.23 17.45
CA GLN A 454 -18.71 -1.21 17.15
C GLN A 454 -18.41 0.08 16.40
N TRP A 455 -19.24 1.11 16.63
CA TRP A 455 -19.12 2.38 15.87
C TRP A 455 -17.87 3.17 16.24
N MET A 456 -17.48 3.23 17.51
CA MET A 456 -16.25 4.00 17.79
C MET A 456 -15.11 3.00 17.76
N LYS A 457 -15.46 1.76 18.05
CA LYS A 457 -14.42 0.70 18.08
C LYS A 457 -13.67 0.74 16.75
N THR A 458 -14.38 0.44 15.66
CA THR A 458 -13.71 0.40 14.33
C THR A 458 -12.98 1.73 14.13
N TRP A 459 -13.58 2.84 14.56
CA TRP A 459 -12.97 4.14 14.34
C TRP A 459 -11.51 4.11 14.76
N TRP A 460 -11.27 3.82 16.04
CA TRP A 460 -9.89 3.84 16.50
C TRP A 460 -9.09 2.73 15.85
N GLU A 461 -9.69 1.55 15.67
CA GLU A 461 -9.05 0.51 14.88
C GLU A 461 -8.52 1.11 13.59
N MET A 462 -9.42 1.74 12.83
CA MET A 462 -9.02 2.33 11.55
C MET A 462 -7.86 3.29 11.74
N LYS A 463 -7.98 4.21 12.70
CA LYS A 463 -6.89 5.15 12.97
C LYS A 463 -5.56 4.39 13.02
N ARG A 464 -5.47 3.42 13.92
CA ARG A 464 -4.23 2.69 14.12
C ARG A 464 -3.76 2.06 12.82
N ASN A 465 -4.67 1.44 12.09
CA ASN A 465 -4.28 0.73 10.88
C ASN A 465 -3.85 1.70 9.80
N ILE A 466 -4.49 2.87 9.74
CA ILE A 466 -4.26 3.76 8.61
C ILE A 466 -3.39 4.93 9.05
N VAL A 467 -3.97 5.83 9.85
CA VAL A 467 -3.23 7.01 10.28
C VAL A 467 -2.02 6.64 11.13
N GLY A 468 -2.08 5.48 11.78
CA GLY A 468 -1.03 5.11 12.73
C GLY A 468 -1.09 5.87 14.03
N VAL A 469 -2.30 6.19 14.50
CA VAL A 469 -2.52 6.95 15.73
C VAL A 469 -3.35 6.07 16.68
N VAL A 470 -3.12 6.26 17.98
CA VAL A 470 -3.72 5.42 19.01
C VAL A 470 -4.45 6.33 20.01
N GLU A 471 -5.48 5.78 20.64
CA GLU A 471 -6.22 6.55 21.65
C GLU A 471 -5.38 6.67 22.92
N PRO A 472 -5.16 7.88 23.43
CA PRO A 472 -4.49 8.01 24.73
C PRO A 472 -5.24 7.33 25.86
N VAL A 473 -6.57 7.31 25.78
CA VAL A 473 -7.43 6.72 26.81
C VAL A 473 -8.49 5.91 26.07
N PRO A 474 -8.86 4.73 26.55
CA PRO A 474 -9.91 3.96 25.86
C PRO A 474 -11.24 4.71 25.87
N HIS A 475 -11.87 4.76 24.70
CA HIS A 475 -13.17 5.41 24.52
C HIS A 475 -14.21 4.34 24.17
N ASP A 476 -15.19 4.15 25.05
CA ASP A 476 -16.26 3.22 24.75
C ASP A 476 -17.20 3.84 23.72
N GLU A 477 -18.29 3.14 23.43
CA GLU A 477 -19.22 3.62 22.41
C GLU A 477 -20.06 4.80 22.89
N THR A 478 -19.95 5.17 24.17
CA THR A 478 -20.59 6.40 24.64
C THR A 478 -19.99 7.64 23.98
N TYR A 479 -18.68 7.60 23.71
CA TYR A 479 -17.99 8.70 23.06
C TYR A 479 -18.42 8.78 21.59
N CYS A 480 -18.05 9.88 20.95
CA CYS A 480 -18.27 10.05 19.52
C CYS A 480 -17.20 11.00 18.99
N ASP A 481 -15.94 10.62 19.16
CA ASP A 481 -14.82 11.43 18.71
C ASP A 481 -14.89 11.85 17.24
N PRO A 482 -15.38 11.02 16.30
CA PRO A 482 -15.47 11.48 14.90
C PRO A 482 -16.17 12.81 14.73
N ALA A 483 -17.26 13.07 15.47
CA ALA A 483 -18.03 14.30 15.32
C ALA A 483 -17.30 15.51 15.90
N SER A 484 -16.19 15.30 16.61
CA SER A 484 -15.42 16.40 17.18
C SER A 484 -14.81 17.30 16.12
N LEU A 485 -14.86 16.90 14.85
CA LEU A 485 -14.36 17.72 13.76
C LEU A 485 -15.51 18.53 13.18
N PHE A 486 -15.26 19.83 12.98
CA PHE A 486 -16.28 20.74 12.46
C PHE A 486 -16.95 20.18 11.21
N HIS A 487 -16.14 19.73 10.25
CA HIS A 487 -16.63 19.21 8.98
C HIS A 487 -17.58 18.03 9.13
N VAL A 488 -17.61 17.40 10.32
CA VAL A 488 -18.44 16.22 10.55
C VAL A 488 -19.74 16.62 11.24
N ALA A 489 -19.60 17.25 12.41
CA ALA A 489 -20.80 17.73 13.13
C ALA A 489 -21.60 18.63 12.22
N ASN A 490 -20.94 19.25 11.24
CA ASN A 490 -21.65 20.23 10.37
C ASN A 490 -21.95 19.59 9.00
N ASP A 491 -22.02 18.27 8.94
CA ASP A 491 -22.50 17.60 7.70
C ASP A 491 -21.67 17.93 6.47
N TYR A 492 -20.39 18.29 6.61
CA TYR A 492 -19.66 18.61 5.35
C TYR A 492 -18.94 17.38 4.82
N SER A 493 -18.57 17.44 3.53
CA SER A 493 -17.81 16.32 2.92
C SER A 493 -16.34 16.57 3.22
N PHE A 494 -15.53 15.52 3.29
CA PHE A 494 -14.16 15.73 3.70
C PHE A 494 -13.14 15.20 2.70
N ILE A 495 -13.60 14.50 1.65
CA ILE A 495 -12.73 13.92 0.64
C ILE A 495 -12.11 14.97 -0.29
N ARG A 496 -12.72 16.16 -0.35
CA ARG A 496 -12.25 17.21 -1.25
C ARG A 496 -10.78 17.52 -1.04
N TYR A 497 -10.30 17.40 0.19
CA TYR A 497 -8.91 17.75 0.47
C TYR A 497 -7.96 16.70 -0.11
N TYR A 498 -8.32 15.42 0.03
CA TYR A 498 -7.57 14.35 -0.64
C TYR A 498 -7.48 14.62 -2.13
N THR A 499 -8.64 14.86 -2.76
CA THR A 499 -8.61 15.07 -4.20
C THR A 499 -7.86 16.34 -4.59
N ARG A 500 -8.14 17.46 -3.91
CA ARG A 500 -7.45 18.71 -4.15
C ARG A 500 -5.94 18.51 -4.14
N THR A 501 -5.45 17.83 -3.10
CA THR A 501 -4.02 17.59 -2.98
C THR A 501 -3.50 16.80 -4.16
N ILE A 502 -4.15 15.67 -4.47
CA ILE A 502 -3.66 14.86 -5.60
C ILE A 502 -3.63 15.69 -6.88
N TYR A 503 -4.70 16.45 -7.13
CA TYR A 503 -4.83 17.18 -8.39
C TYR A 503 -3.74 18.25 -8.52
N GLN A 504 -3.60 19.08 -7.47
CA GLN A 504 -2.78 20.29 -7.60
C GLN A 504 -1.39 19.98 -8.12
N PHE A 505 -0.81 18.84 -7.71
CA PHE A 505 0.52 18.50 -8.17
C PHE A 505 0.52 18.01 -9.62
N GLN A 506 -0.51 17.27 -10.03
CA GLN A 506 -0.64 16.92 -11.45
C GLN A 506 -0.66 18.17 -12.30
N PHE A 507 -1.54 19.11 -11.96
CA PHE A 507 -1.60 20.40 -12.64
C PHE A 507 -0.22 21.04 -12.70
N GLN A 508 0.38 21.27 -11.53
CA GLN A 508 1.66 21.97 -11.46
C GLN A 508 2.70 21.29 -12.33
N GLU A 509 2.76 19.96 -12.30
CA GLU A 509 3.75 19.27 -13.12
C GLU A 509 3.52 19.51 -14.59
N ALA A 510 2.26 19.41 -15.04
CA ALA A 510 1.95 19.71 -16.43
C ALA A 510 2.42 21.12 -16.79
N LEU A 511 1.99 22.10 -15.99
CA LEU A 511 2.29 23.50 -16.27
C LEU A 511 3.79 23.74 -16.36
N CYS A 512 4.56 23.16 -15.43
CA CYS A 512 6.01 23.31 -15.49
C CYS A 512 6.57 22.65 -16.74
N GLN A 513 6.20 21.39 -16.96
CA GLN A 513 6.62 20.67 -18.16
C GLN A 513 6.37 21.48 -19.42
N ILE A 514 5.40 22.39 -19.35
CA ILE A 514 5.07 23.25 -20.53
C ILE A 514 5.98 24.48 -20.48
N ALA A 515 6.41 24.88 -19.29
CA ALA A 515 7.34 26.03 -19.16
C ALA A 515 8.76 25.56 -19.38
N LYS A 516 8.94 24.31 -19.80
CA LYS A 516 10.29 23.76 -20.07
C LYS A 516 11.14 23.84 -18.80
N HIS A 517 10.56 24.23 -17.68
CA HIS A 517 11.35 24.21 -16.45
C HIS A 517 12.08 22.89 -16.31
N GLU A 518 13.28 22.96 -15.73
CA GLU A 518 14.11 21.78 -15.50
C GLU A 518 14.55 21.75 -14.04
N GLY A 519 14.40 20.59 -13.41
CA GLY A 519 14.83 20.43 -12.04
C GLY A 519 13.68 20.08 -11.12
N PRO A 520 13.95 20.14 -9.81
CA PRO A 520 12.93 19.78 -8.82
C PRO A 520 11.64 20.56 -9.02
N LEU A 521 10.53 19.82 -9.05
CA LEU A 521 9.21 20.45 -9.20
C LEU A 521 8.95 21.44 -8.08
N HIS A 522 9.54 21.22 -6.91
CA HIS A 522 9.44 22.18 -5.81
C HIS A 522 10.07 23.53 -6.16
N LYS A 523 10.89 23.58 -7.22
CA LYS A 523 11.49 24.82 -7.68
C LYS A 523 10.98 25.22 -9.06
N CYS A 524 9.68 25.43 -9.20
CA CYS A 524 9.10 25.74 -10.49
C CYS A 524 8.27 27.01 -10.39
N ASP A 525 8.45 27.90 -11.37
CA ASP A 525 7.66 29.12 -11.48
C ASP A 525 7.12 29.21 -12.90
N ILE A 526 5.79 29.16 -13.03
CA ILE A 526 5.16 29.30 -14.34
C ILE A 526 5.17 30.72 -14.85
N SER A 527 5.72 31.67 -14.09
CA SER A 527 5.69 33.06 -14.49
C SER A 527 6.29 33.26 -15.88
N ASN A 528 5.64 34.10 -16.69
CA ASN A 528 6.05 34.45 -18.06
C ASN A 528 5.92 33.28 -19.04
N SER A 529 5.24 32.21 -18.66
CA SER A 529 5.05 31.06 -19.55
C SER A 529 3.64 31.17 -20.12
N SER A 530 3.53 31.90 -21.22
CA SER A 530 2.24 32.11 -21.86
C SER A 530 1.57 30.78 -22.21
N GLU A 531 2.36 29.79 -22.58
CA GLU A 531 1.81 28.47 -22.91
C GLU A 531 1.13 27.84 -21.70
N ALA A 532 1.75 27.95 -20.53
CA ALA A 532 1.14 27.42 -19.31
C ALA A 532 -0.20 28.09 -19.04
N GLY A 533 -0.24 29.41 -19.15
CA GLY A 533 -1.50 30.13 -18.96
C GLY A 533 -2.56 29.69 -19.96
N GLN A 534 -2.16 29.44 -21.20
CA GLN A 534 -3.13 28.99 -22.20
C GLN A 534 -3.71 27.63 -21.85
N LYS A 535 -2.87 26.68 -21.46
CA LYS A 535 -3.40 25.36 -21.08
C LYS A 535 -4.35 25.49 -19.88
N LEU A 536 -3.92 26.25 -18.87
CA LEU A 536 -4.76 26.43 -17.70
C LEU A 536 -6.11 27.06 -18.08
N LEU A 537 -6.09 28.10 -18.92
CA LEU A 537 -7.34 28.74 -19.35
C LEU A 537 -8.22 27.79 -20.14
N GLU A 538 -7.63 27.02 -21.06
CA GLU A 538 -8.41 26.06 -21.82
C GLU A 538 -9.12 25.06 -20.92
N MET A 539 -8.59 24.83 -19.72
CA MET A 539 -9.38 24.06 -18.75
C MET A 539 -10.38 24.95 -17.99
N LEU A 540 -9.93 26.10 -17.49
CA LEU A 540 -10.74 26.93 -16.59
C LEU A 540 -12.03 27.40 -17.26
N LYS A 541 -11.95 27.85 -18.52
CA LYS A 541 -13.13 28.28 -19.25
C LYS A 541 -14.21 27.21 -19.33
N LEU A 542 -13.83 25.94 -19.17
CA LEU A 542 -14.80 24.86 -19.31
C LEU A 542 -15.79 24.84 -18.16
N GLY A 543 -15.40 25.33 -16.98
CA GLY A 543 -16.26 25.24 -15.81
C GLY A 543 -16.59 23.79 -15.48
N LYS A 544 -17.86 23.54 -15.19
CA LYS A 544 -18.38 22.18 -15.10
C LYS A 544 -19.17 21.79 -16.35
N SER A 545 -19.00 22.53 -17.45
CA SER A 545 -19.70 22.20 -18.69
C SER A 545 -19.26 20.85 -19.23
N LYS A 546 -17.96 20.61 -19.25
CA LYS A 546 -17.37 19.37 -19.74
C LYS A 546 -16.98 18.45 -18.59
N PRO A 547 -16.84 17.15 -18.85
CA PRO A 547 -16.54 16.22 -17.75
C PRO A 547 -15.23 16.59 -17.06
N TRP A 548 -15.21 16.43 -15.73
CA TRP A 548 -14.02 16.79 -14.97
C TRP A 548 -12.79 16.04 -15.48
N THR A 549 -12.99 14.79 -15.91
CA THR A 549 -11.91 14.04 -16.55
C THR A 549 -11.40 14.76 -17.80
N TYR A 550 -12.30 15.37 -18.57
CA TYR A 550 -11.90 16.04 -19.80
C TYR A 550 -11.09 17.30 -19.50
N ALA A 551 -11.52 18.09 -18.52
CA ALA A 551 -10.73 19.24 -18.09
C ALA A 551 -9.33 18.81 -17.68
N LEU A 552 -9.27 17.79 -16.81
CA LEU A 552 -7.98 17.25 -16.41
C LEU A 552 -7.15 16.87 -17.62
N GLU A 553 -7.73 16.10 -18.56
CA GLU A 553 -6.97 15.65 -19.71
C GLU A 553 -6.45 16.82 -20.54
N ILE A 554 -7.26 17.87 -20.62
CA ILE A 554 -6.84 19.07 -21.37
C ILE A 554 -5.61 19.67 -20.70
N VAL A 555 -5.41 19.41 -19.40
CA VAL A 555 -4.28 20.13 -18.74
C VAL A 555 -3.15 19.19 -18.32
N VAL A 556 -3.47 18.01 -17.80
CA VAL A 556 -2.41 17.10 -17.26
C VAL A 556 -2.12 16.02 -18.29
N GLY A 557 -3.11 15.67 -19.11
CA GLY A 557 -2.96 14.65 -20.12
C GLY A 557 -3.37 13.24 -19.69
N ALA A 558 -4.18 13.11 -18.65
CA ALA A 558 -4.70 11.83 -18.21
C ALA A 558 -6.18 11.97 -17.89
N LYS A 559 -6.85 10.84 -17.72
CA LYS A 559 -8.29 10.84 -17.46
C LYS A 559 -8.62 10.43 -16.03
N ASN A 560 -7.66 10.47 -15.12
CA ASN A 560 -7.90 9.99 -13.76
C ASN A 560 -6.78 10.48 -12.86
N MET A 561 -6.95 10.28 -11.55
CA MET A 561 -5.97 10.76 -10.57
C MET A 561 -4.70 9.92 -10.61
N ASP A 562 -3.56 10.58 -10.46
CA ASP A 562 -2.27 9.92 -10.33
C ASP A 562 -1.44 10.63 -9.27
N VAL A 563 -0.64 9.86 -8.53
CA VAL A 563 0.15 10.40 -7.44
C VAL A 563 1.60 10.65 -7.82
N ARG A 564 2.06 10.11 -8.96
CA ARG A 564 3.43 10.34 -9.39
C ARG A 564 3.84 11.80 -9.39
N PRO A 565 2.98 12.77 -9.75
CA PRO A 565 3.38 14.19 -9.58
C PRO A 565 3.71 14.56 -8.14
N LEU A 566 2.86 14.18 -7.19
CA LEU A 566 3.10 14.47 -5.78
C LEU A 566 4.42 13.84 -5.32
N LEU A 567 4.59 12.55 -5.62
CA LEU A 567 5.81 11.86 -5.23
C LEU A 567 7.04 12.50 -5.84
N ASN A 568 6.93 13.02 -7.07
CA ASN A 568 8.07 13.72 -7.65
C ASN A 568 8.32 15.04 -6.94
N TYR A 569 7.25 15.76 -6.58
CA TYR A 569 7.42 17.03 -5.88
C TYR A 569 8.15 16.82 -4.55
N PHE A 570 7.87 15.71 -3.87
CA PHE A 570 8.47 15.46 -2.56
C PHE A 570 9.62 14.45 -2.58
N GLU A 571 10.06 14.00 -3.75
CA GLU A 571 11.10 12.95 -3.81
C GLU A 571 12.37 13.29 -3.04
N PRO A 572 12.99 14.49 -3.19
CA PRO A 572 14.18 14.78 -2.37
C PRO A 572 13.97 14.53 -0.89
N LEU A 573 12.87 15.05 -0.34
CA LEU A 573 12.53 14.82 1.05
C LEU A 573 12.35 13.34 1.33
N PHE A 574 11.71 12.62 0.41
CA PHE A 574 11.50 11.19 0.57
C PHE A 574 12.82 10.47 0.82
N THR A 575 13.81 10.70 -0.05
CA THR A 575 15.09 10.01 0.09
C THR A 575 15.81 10.41 1.37
N TRP A 576 15.79 11.70 1.71
CA TRP A 576 16.44 12.13 2.94
C TRP A 576 15.82 11.43 4.15
N LEU A 577 14.49 11.31 4.17
CA LEU A 577 13.80 10.59 5.24
C LEU A 577 14.22 9.12 5.28
N LYS A 578 14.32 8.49 4.12
CA LYS A 578 14.72 7.08 4.06
C LYS A 578 16.05 6.86 4.77
N GLU A 579 17.06 7.67 4.41
CA GLU A 579 18.35 7.53 5.08
C GLU A 579 18.23 7.81 6.56
N GLN A 580 17.56 8.91 6.94
CA GLN A 580 17.45 9.22 8.36
C GLN A 580 16.70 8.15 9.15
N ASN A 581 15.96 7.27 8.48
CA ASN A 581 15.24 6.20 9.14
C ASN A 581 15.91 4.84 9.02
N ARG A 582 17.04 4.76 8.32
CA ARG A 582 17.76 3.47 8.22
C ARG A 582 17.97 2.79 9.57
N ASN A 583 18.32 3.55 10.61
CA ASN A 583 18.60 2.95 11.93
C ASN A 583 17.37 2.88 12.83
N SER A 584 16.18 3.06 12.30
CA SER A 584 14.95 2.98 13.09
C SER A 584 13.95 2.07 12.41
N PHE A 585 12.70 2.07 12.87
CA PHE A 585 11.68 1.18 12.34
C PHE A 585 10.68 2.00 11.53
N VAL A 586 10.33 1.50 10.35
CA VAL A 586 9.35 2.12 9.47
C VAL A 586 8.10 1.24 9.45
N GLY A 587 7.04 1.73 10.08
CA GLY A 587 5.81 0.99 10.21
C GLY A 587 5.21 1.25 11.58
N TRP A 588 4.15 0.49 11.87
CA TRP A 588 3.45 0.62 13.18
C TRP A 588 2.64 -0.65 13.46
N ASN A 589 2.84 -1.25 14.64
CA ASN A 589 2.06 -2.45 15.04
C ASN A 589 0.61 -2.01 15.26
N THR A 590 -0.29 -2.49 14.41
CA THR A 590 -1.72 -2.10 14.49
C THR A 590 -2.18 -2.10 15.94
N ASP A 591 -2.21 -3.26 16.60
CA ASP A 591 -2.71 -3.36 17.99
C ASP A 591 -1.75 -2.67 18.95
N TRP A 592 -0.45 -2.62 18.61
CA TRP A 592 0.59 -2.00 19.43
C TRP A 592 0.85 -2.77 20.73
N PRO B 1 10.42 -36.86 41.03
CA PRO B 1 9.21 -36.29 41.65
C PRO B 1 8.63 -35.11 40.87
N SER B 2 9.44 -34.06 40.68
CA SER B 2 8.98 -32.90 39.92
C SER B 2 8.54 -33.34 38.52
N THR B 3 7.39 -32.84 38.09
CA THR B 3 6.91 -33.17 36.74
C THR B 3 7.96 -32.82 35.69
N GLU B 4 8.66 -31.70 35.87
CA GLU B 4 9.72 -31.32 34.94
C GLU B 4 10.81 -32.39 34.85
N ASP B 5 11.14 -33.00 35.99
CA ASP B 5 12.13 -34.07 36.00
C ASP B 5 11.64 -35.28 35.22
N LEU B 6 10.42 -35.73 35.54
CA LEU B 6 9.78 -36.81 34.79
C LEU B 6 9.76 -36.50 33.31
N VAL B 7 9.56 -35.22 32.97
CA VAL B 7 9.52 -34.81 31.57
C VAL B 7 10.88 -35.05 30.93
N ASN B 8 11.94 -34.43 31.47
CA ASN B 8 13.29 -34.70 30.96
C ASN B 8 13.53 -36.17 30.73
N THR B 9 13.14 -37.01 31.69
CA THR B 9 13.29 -38.45 31.48
C THR B 9 12.55 -38.91 30.22
N PHE B 10 11.29 -38.52 30.10
CA PHE B 10 10.47 -38.89 28.95
C PHE B 10 11.08 -38.41 27.63
N LEU B 11 11.39 -37.11 27.56
CA LEU B 11 11.93 -36.53 26.33
C LEU B 11 13.27 -37.13 25.94
N GLU B 12 14.13 -37.45 26.91
CA GLU B 12 15.39 -38.08 26.57
C GLU B 12 15.15 -39.47 26.01
N LYS B 13 14.22 -40.23 26.63
CA LYS B 13 13.81 -41.50 26.04
C LYS B 13 13.29 -41.31 24.62
N PHE B 14 12.44 -40.30 24.42
CA PHE B 14 11.87 -40.03 23.12
C PHE B 14 13.01 -39.85 22.14
N ASN B 15 13.77 -38.76 22.29
CA ASN B 15 14.92 -38.49 21.42
C ASN B 15 15.73 -39.75 21.11
N TYR B 16 16.12 -40.51 22.14
CA TYR B 16 16.99 -41.66 21.91
C TYR B 16 16.28 -42.83 21.23
N GLU B 17 14.96 -42.81 21.11
CA GLU B 17 14.25 -43.79 20.30
C GLU B 17 13.86 -43.24 18.93
N ALA B 18 13.45 -41.97 18.92
CA ALA B 18 12.98 -41.30 17.71
C ALA B 18 14.10 -41.10 16.71
N GLU B 19 15.31 -40.80 17.17
CA GLU B 19 16.41 -40.67 16.23
C GLU B 19 16.60 -41.95 15.44
N GLU B 20 16.53 -43.09 16.12
CA GLU B 20 16.75 -44.37 15.45
C GLU B 20 15.61 -44.67 14.49
N LEU B 21 14.36 -44.45 14.94
CA LEU B 21 13.23 -44.74 14.06
C LEU B 21 13.23 -43.84 12.83
N SER B 22 13.55 -42.55 13.02
CA SER B 22 13.60 -41.63 11.88
C SER B 22 14.73 -41.99 10.94
N TYR B 23 15.88 -42.44 11.49
CA TYR B 23 16.97 -42.89 10.64
C TYR B 23 16.54 -44.08 9.80
N GLN B 24 15.79 -45.02 10.38
CA GLN B 24 15.36 -46.18 9.61
C GLN B 24 14.38 -45.78 8.51
N SER B 25 13.39 -44.94 8.87
CA SER B 25 12.49 -44.37 7.89
C SER B 25 13.26 -43.72 6.75
N SER B 26 14.27 -42.92 7.10
CA SER B 26 15.01 -42.15 6.10
C SER B 26 15.86 -43.06 5.21
N LEU B 27 16.47 -44.09 5.79
CA LEU B 27 17.27 -45.02 5.00
C LEU B 27 16.41 -45.81 4.02
N ALA B 28 15.27 -46.33 4.49
CA ALA B 28 14.36 -47.01 3.57
C ALA B 28 13.84 -46.06 2.49
N SER B 29 13.57 -44.81 2.87
CA SER B 29 13.10 -43.84 1.89
C SER B 29 14.18 -43.52 0.86
N TRP B 30 15.43 -43.39 1.31
CA TRP B 30 16.52 -43.15 0.38
C TRP B 30 16.67 -44.31 -0.58
N ASP B 31 16.56 -45.54 -0.07
CA ASP B 31 16.64 -46.70 -0.95
C ASP B 31 15.51 -46.69 -1.97
N TYR B 32 14.29 -46.35 -1.56
CA TYR B 32 13.19 -46.34 -2.52
C TYR B 32 13.33 -45.21 -3.52
N ASN B 33 13.52 -44.00 -2.97
CA ASN B 33 13.61 -42.78 -3.81
C ASN B 33 14.76 -42.96 -4.79
N THR B 34 15.70 -43.84 -4.47
CA THR B 34 16.78 -44.12 -5.43
C THR B 34 16.40 -45.37 -6.21
N ASN B 35 16.29 -46.51 -5.55
CA ASN B 35 16.08 -47.75 -6.34
C ASN B 35 14.60 -48.13 -6.36
N ILE B 36 13.76 -47.33 -7.01
CA ILE B 36 12.29 -47.60 -7.03
C ILE B 36 12.03 -49.07 -7.38
N SER B 37 11.38 -49.82 -6.49
CA SER B 37 11.04 -51.24 -6.75
C SER B 37 9.89 -51.63 -5.82
N ASP B 38 8.88 -52.34 -6.33
CA ASP B 38 7.71 -52.62 -5.48
C ASP B 38 8.18 -52.99 -4.09
N GLU B 39 9.24 -53.79 -3.98
CA GLU B 39 9.65 -54.23 -2.65
C GLU B 39 10.10 -53.05 -1.80
N ASN B 40 10.93 -52.17 -2.37
CA ASN B 40 11.37 -50.99 -1.63
C ASN B 40 10.21 -50.07 -1.30
N VAL B 41 9.19 -50.02 -2.19
CA VAL B 41 7.97 -49.27 -1.87
C VAL B 41 7.35 -49.80 -0.59
N GLN B 42 7.15 -51.13 -0.53
CA GLN B 42 6.56 -51.74 0.66
C GLN B 42 7.40 -51.45 1.90
N LYS B 43 8.73 -51.55 1.77
CA LYS B 43 9.59 -51.33 2.94
C LYS B 43 9.48 -49.88 3.44
N MET B 44 9.48 -48.92 2.50
CA MET B 44 9.30 -47.53 2.90
C MET B 44 7.98 -47.34 3.62
N ASN B 45 6.91 -47.95 3.11
CA ASN B 45 5.61 -47.82 3.77
C ASN B 45 5.61 -48.41 5.18
N ASN B 46 6.25 -49.57 5.35
CA ASN B 46 6.28 -50.21 6.67
C ASN B 46 7.07 -49.37 7.68
N ALA B 47 8.27 -48.92 7.30
CA ALA B 47 9.05 -48.09 8.21
C ALA B 47 8.35 -46.77 8.51
N GLY B 48 7.67 -46.20 7.51
CA GLY B 48 6.87 -45.01 7.76
C GLY B 48 5.75 -45.26 8.74
N ALA B 49 5.12 -46.43 8.66
CA ALA B 49 4.06 -46.78 9.61
C ALA B 49 4.62 -46.89 11.02
N LYS B 50 5.81 -47.48 11.17
CA LYS B 50 6.40 -47.57 12.51
C LYS B 50 6.70 -46.18 13.07
N TRP B 51 7.29 -45.30 12.25
CA TRP B 51 7.53 -43.92 12.69
C TRP B 51 6.23 -43.22 13.07
N SER B 52 5.19 -43.42 12.25
CA SER B 52 3.87 -42.89 12.54
C SER B 52 3.41 -43.29 13.93
N ALA B 53 3.34 -44.61 14.16
CA ALA B 53 2.85 -45.14 15.44
C ALA B 53 3.63 -44.57 16.61
N PHE B 54 4.96 -44.50 16.48
CA PHE B 54 5.77 -43.93 17.55
C PHE B 54 5.34 -42.50 17.84
N TYR B 55 5.25 -41.65 16.82
CA TYR B 55 4.90 -40.25 17.07
C TYR B 55 3.51 -40.12 17.68
N GLU B 56 2.56 -40.94 17.22
CA GLU B 56 1.20 -40.88 17.74
C GLU B 56 1.16 -41.21 19.24
N GLU B 57 1.69 -42.39 19.58
CA GLU B 57 1.66 -42.84 20.97
C GLU B 57 2.40 -41.85 21.87
N GLN B 58 3.61 -41.47 21.46
CA GLN B 58 4.39 -40.54 22.28
C GLN B 58 3.73 -39.18 22.37
N SER B 59 2.96 -38.78 21.35
CA SER B 59 2.24 -37.52 21.43
C SER B 59 1.20 -37.56 22.54
N LYS B 60 0.40 -38.64 22.59
CA LYS B 60 -0.56 -38.78 23.69
C LYS B 60 0.16 -38.76 25.05
N LEU B 61 1.15 -39.65 25.21
CA LEU B 61 1.86 -39.74 26.48
C LEU B 61 2.51 -38.41 26.86
N ALA B 62 2.87 -37.60 25.86
CA ALA B 62 3.40 -36.27 26.14
C ALA B 62 2.31 -35.30 26.57
N LYS B 63 1.11 -35.45 25.99
CA LYS B 63 -0.04 -34.68 26.46
C LYS B 63 -0.33 -34.92 27.94
N THR B 64 0.01 -36.10 28.45
CA THR B 64 -0.14 -36.33 29.89
C THR B 64 0.64 -35.31 30.74
N TYR B 65 1.89 -34.94 30.33
CA TYR B 65 2.63 -33.96 31.15
C TYR B 65 2.11 -32.54 30.89
N PRO B 66 2.02 -31.70 31.93
CA PRO B 66 1.47 -30.35 31.74
C PRO B 66 2.51 -29.27 31.40
N LEU B 67 2.43 -28.72 30.18
CA LEU B 67 3.33 -27.67 29.74
C LEU B 67 3.47 -26.55 30.76
N GLU B 68 2.35 -26.00 31.22
CA GLU B 68 2.36 -24.84 32.11
C GLU B 68 3.33 -25.04 33.27
N GLU B 69 3.43 -26.27 33.77
CA GLU B 69 4.31 -26.56 34.90
C GLU B 69 5.77 -26.56 34.49
N ILE B 70 6.05 -26.90 33.22
CA ILE B 70 7.43 -26.94 32.76
C ILE B 70 8.04 -25.56 32.85
N GLN B 71 9.26 -25.48 33.38
CA GLN B 71 9.87 -24.14 33.60
C GLN B 71 10.86 -23.85 32.47
N ASP B 72 11.82 -24.74 32.26
CA ASP B 72 12.82 -24.57 31.17
C ASP B 72 12.05 -24.25 29.90
N SER B 73 12.47 -23.19 29.20
CA SER B 73 11.82 -22.87 27.92
C SER B 73 12.06 -24.01 26.93
N THR B 74 13.29 -24.52 26.85
CA THR B 74 13.61 -25.53 25.85
C THR B 74 12.77 -26.77 26.03
N VAL B 75 12.71 -27.27 27.26
CA VAL B 75 11.90 -28.45 27.56
C VAL B 75 10.44 -28.19 27.21
N LYS B 76 9.94 -27.02 27.62
CA LYS B 76 8.57 -26.66 27.29
C LYS B 76 8.33 -26.68 25.79
N ARG B 77 9.28 -26.16 25.00
CA ARG B 77 9.11 -26.10 23.54
C ARG B 77 9.07 -27.48 22.92
N GLN B 78 10.07 -28.32 23.24
CA GLN B 78 10.04 -29.71 22.79
C GLN B 78 8.72 -30.36 23.12
N LEU B 79 8.24 -30.14 24.35
CA LEU B 79 7.07 -30.86 24.81
C LEU B 79 5.83 -30.39 24.05
N ARG B 80 5.70 -29.06 23.93
CA ARG B 80 4.63 -28.46 23.13
C ARG B 80 4.56 -29.08 21.75
N ALA B 81 5.69 -29.07 21.05
CA ALA B 81 5.73 -29.61 19.68
C ALA B 81 5.24 -31.06 19.67
N LEU B 82 5.69 -31.83 20.66
CA LEU B 82 5.32 -33.27 20.70
C LEU B 82 3.84 -33.39 21.01
N GLN B 83 3.28 -32.40 21.71
CA GLN B 83 1.87 -32.49 22.14
C GLN B 83 0.95 -32.02 21.01
N HIS B 84 1.52 -31.56 19.90
CA HIS B 84 0.67 -30.98 18.82
C HIS B 84 -0.49 -31.94 18.50
N SER B 85 -0.32 -33.24 18.74
CA SER B 85 -1.44 -34.20 18.56
C SER B 85 -1.75 -34.44 17.09
N GLY B 86 -2.47 -33.52 16.46
CA GLY B 86 -2.92 -33.76 15.06
C GLY B 86 -4.38 -34.21 15.07
N SER B 87 -4.77 -35.03 14.09
CA SER B 87 -6.18 -35.47 14.00
C SER B 87 -6.48 -36.50 15.09
N SER B 88 -5.49 -36.83 15.91
CA SER B 88 -5.70 -37.89 16.93
C SER B 88 -6.92 -37.54 17.78
N VAL B 89 -7.28 -36.26 17.85
CA VAL B 89 -8.48 -35.86 18.63
C VAL B 89 -9.73 -36.20 17.83
N LEU B 90 -9.74 -35.89 16.53
CA LEU B 90 -10.97 -36.12 15.72
C LEU B 90 -11.36 -37.60 15.76
N SER B 91 -12.67 -37.88 15.70
CA SER B 91 -13.16 -39.28 15.70
C SER B 91 -12.40 -40.10 14.67
N ALA B 92 -12.12 -41.37 14.99
CA ALA B 92 -11.46 -42.19 13.98
C ALA B 92 -12.28 -42.26 12.69
N ASP B 93 -13.60 -42.19 12.80
CA ASP B 93 -14.45 -42.07 11.61
C ASP B 93 -14.03 -40.89 10.76
N LYS B 94 -14.04 -39.68 11.35
CA LYS B 94 -13.64 -38.50 10.59
C LYS B 94 -12.15 -38.48 10.27
N ASN B 95 -11.31 -39.11 11.09
CA ASN B 95 -9.92 -39.27 10.73
C ASN B 95 -9.80 -39.97 9.38
N GLN B 96 -10.43 -41.14 9.26
CA GLN B 96 -10.44 -41.85 7.99
C GLN B 96 -11.16 -41.06 6.90
N ARG B 97 -12.24 -40.36 7.26
CA ARG B 97 -12.98 -39.57 6.28
C ARG B 97 -12.10 -38.52 5.64
N LEU B 98 -11.38 -37.75 6.46
CA LEU B 98 -10.50 -36.71 5.95
C LEU B 98 -9.31 -37.33 5.21
N ASN B 99 -8.80 -38.47 5.68
CA ASN B 99 -7.76 -39.15 4.91
C ASN B 99 -8.26 -39.54 3.53
N THR B 100 -9.49 -40.07 3.47
CA THR B 100 -10.10 -40.45 2.19
C THR B 100 -10.31 -39.24 1.30
N ILE B 101 -10.78 -38.14 1.90
CA ILE B 101 -11.00 -36.91 1.14
C ILE B 101 -9.70 -36.39 0.56
N LEU B 102 -8.66 -36.29 1.40
CA LEU B 102 -7.38 -35.78 0.95
C LEU B 102 -6.74 -36.69 -0.09
N ASN B 103 -6.87 -38.01 0.09
CA ASN B 103 -6.34 -38.94 -0.89
C ASN B 103 -7.08 -38.83 -2.21
N SER B 104 -8.41 -38.66 -2.17
CA SER B 104 -9.17 -38.47 -3.39
C SER B 104 -8.82 -37.15 -4.06
N MET B 105 -8.61 -36.09 -3.28
CA MET B 105 -8.23 -34.81 -3.85
C MET B 105 -6.86 -34.89 -4.51
N SER B 106 -5.90 -35.51 -3.83
CA SER B 106 -4.56 -35.67 -4.40
C SER B 106 -4.59 -36.53 -5.65
N THR B 107 -5.39 -37.61 -5.64
CA THR B 107 -5.45 -38.48 -6.80
C THR B 107 -6.20 -37.82 -7.96
N ILE B 108 -7.15 -36.93 -7.66
CA ILE B 108 -7.79 -36.16 -8.71
C ILE B 108 -6.80 -35.18 -9.32
N TYR B 109 -5.98 -34.54 -8.48
CA TYR B 109 -4.97 -33.62 -9.00
C TYR B 109 -3.96 -34.36 -9.88
N SER B 110 -3.60 -35.58 -9.49
CA SER B 110 -2.58 -36.31 -10.25
C SER B 110 -3.15 -36.93 -11.51
N THR B 111 -4.14 -37.81 -11.37
CA THR B 111 -4.71 -38.52 -12.51
C THR B 111 -5.38 -37.59 -13.51
N GLY B 112 -5.68 -36.36 -13.12
CA GLY B 112 -6.46 -35.48 -13.98
C GLY B 112 -5.72 -35.14 -15.26
N LYS B 113 -6.48 -35.06 -16.35
CA LYS B 113 -5.95 -34.69 -17.66
C LYS B 113 -7.06 -34.03 -18.45
N ALA B 114 -6.68 -33.24 -19.46
CA ALA B 114 -7.61 -32.46 -20.26
C ALA B 114 -7.55 -32.91 -21.72
N CYS B 115 -8.42 -32.34 -22.54
CA CYS B 115 -8.53 -32.71 -23.95
C CYS B 115 -8.88 -31.50 -24.80
N ASN B 116 -8.31 -31.41 -25.99
CA ASN B 116 -8.49 -30.24 -26.83
C ASN B 116 -9.83 -30.34 -27.57
N PRO B 117 -10.64 -29.29 -27.58
CA PRO B 117 -11.97 -29.40 -28.20
C PRO B 117 -11.92 -29.48 -29.72
N SER B 118 -10.92 -28.84 -30.35
CA SER B 118 -10.75 -28.98 -31.79
C SER B 118 -10.52 -30.43 -32.17
N ASN B 119 -9.86 -31.20 -31.31
CA ASN B 119 -9.65 -32.64 -31.50
C ASN B 119 -10.09 -33.34 -30.22
N PRO B 120 -11.40 -33.57 -30.05
CA PRO B 120 -11.90 -34.17 -28.80
C PRO B 120 -11.21 -35.48 -28.44
N GLN B 121 -10.62 -36.12 -29.44
CA GLN B 121 -9.92 -37.39 -29.22
C GLN B 121 -8.67 -37.19 -28.38
N GLU B 122 -7.84 -36.21 -28.74
CA GLU B 122 -6.57 -35.99 -28.05
C GLU B 122 -6.80 -35.63 -26.58
N CYS B 123 -6.05 -36.29 -25.70
CA CYS B 123 -6.12 -36.04 -24.27
C CYS B 123 -4.71 -36.13 -23.67
N LEU B 124 -4.39 -35.19 -22.79
CA LEU B 124 -3.04 -35.01 -22.28
C LEU B 124 -3.07 -34.72 -20.78
N LEU B 125 -2.14 -35.31 -20.04
CA LEU B 125 -2.16 -35.14 -18.57
C LEU B 125 -1.73 -33.71 -18.21
N LEU B 126 -1.65 -33.40 -16.91
CA LEU B 126 -1.32 -32.02 -16.47
C LEU B 126 0.20 -31.83 -16.51
N GLU B 127 0.94 -32.50 -15.63
CA GLU B 127 2.40 -32.25 -15.52
C GLU B 127 3.14 -32.57 -16.82
N PRO B 128 3.20 -33.83 -17.27
CA PRO B 128 4.02 -34.20 -18.42
C PRO B 128 3.93 -33.16 -19.53
N GLY B 129 2.74 -32.63 -19.80
CA GLY B 129 2.63 -31.73 -20.96
C GLY B 129 1.85 -30.45 -20.73
N LEU B 130 0.66 -30.53 -20.13
CA LEU B 130 -0.14 -29.28 -20.07
C LEU B 130 0.76 -28.09 -19.78
N ASP B 131 1.39 -28.08 -18.61
CA ASP B 131 2.22 -26.90 -18.22
C ASP B 131 2.93 -26.40 -19.47
N ASP B 132 3.51 -27.32 -20.26
CA ASP B 132 4.32 -26.82 -21.36
C ASP B 132 3.58 -25.78 -22.19
N ILE B 133 2.32 -26.07 -22.55
CA ILE B 133 1.49 -25.11 -23.26
C ILE B 133 1.44 -23.79 -22.49
N MET B 134 0.94 -23.83 -21.26
CA MET B 134 0.87 -22.58 -20.50
C MET B 134 2.23 -21.97 -20.22
N GLU B 135 3.33 -22.63 -20.60
CA GLU B 135 4.68 -22.18 -20.28
C GLU B 135 5.41 -21.53 -21.45
N ASN B 136 5.34 -22.09 -22.66
CA ASN B 136 6.07 -21.54 -23.80
C ASN B 136 5.18 -21.42 -25.03
N SER B 137 3.87 -21.29 -24.86
CA SER B 137 2.96 -21.06 -25.98
C SER B 137 2.62 -19.57 -26.08
N LYS B 138 1.94 -19.23 -27.17
CA LYS B 138 1.64 -17.83 -27.47
C LYS B 138 0.25 -17.66 -28.08
N ASP B 139 -0.65 -18.61 -27.90
CA ASP B 139 -1.98 -18.58 -28.51
C ASP B 139 -3.01 -18.28 -27.42
N TYR B 140 -3.81 -17.23 -27.63
CA TYR B 140 -4.88 -16.92 -26.69
C TYR B 140 -5.85 -18.09 -26.57
N ASN B 141 -6.27 -18.66 -27.70
CA ASN B 141 -7.26 -19.73 -27.66
C ASN B 141 -6.71 -21.01 -27.06
N GLU B 142 -5.47 -21.38 -27.42
CA GLU B 142 -4.88 -22.60 -26.88
C GLU B 142 -4.68 -22.49 -25.36
N ARG B 143 -4.05 -21.39 -24.92
CA ARG B 143 -3.82 -21.19 -23.50
C ARG B 143 -5.13 -21.09 -22.73
N LEU B 144 -6.11 -20.38 -23.29
CA LEU B 144 -7.44 -20.32 -22.69
C LEU B 144 -8.06 -21.70 -22.56
N TRP B 145 -7.91 -22.54 -23.58
CA TRP B 145 -8.46 -23.89 -23.51
C TRP B 145 -7.84 -24.67 -22.37
N ALA B 146 -6.51 -24.67 -22.26
CA ALA B 146 -5.86 -25.40 -21.17
C ALA B 146 -6.29 -24.84 -19.82
N TRP B 147 -6.31 -23.51 -19.71
CA TRP B 147 -6.63 -22.82 -18.47
C TRP B 147 -8.02 -23.18 -17.98
N GLU B 148 -9.00 -23.20 -18.89
CA GLU B 148 -10.36 -23.59 -18.52
C GLU B 148 -10.47 -25.09 -18.30
N GLY B 149 -9.73 -25.90 -19.06
CA GLY B 149 -9.86 -27.34 -18.92
C GLY B 149 -9.50 -27.81 -17.52
N TRP B 150 -8.35 -27.36 -17.01
CA TRP B 150 -7.95 -27.78 -15.68
C TRP B 150 -8.93 -27.30 -14.62
N ARG B 151 -9.31 -26.03 -14.67
CA ARG B 151 -10.21 -25.49 -13.65
C ARG B 151 -11.64 -25.97 -13.79
N SER B 152 -12.00 -26.59 -14.92
CA SER B 152 -13.35 -27.11 -15.11
C SER B 152 -13.44 -28.57 -14.68
N GLU B 153 -12.65 -29.44 -15.31
CA GLU B 153 -12.72 -30.86 -14.95
C GLU B 153 -12.16 -31.08 -13.55
N VAL B 154 -10.92 -30.63 -13.30
CA VAL B 154 -10.31 -30.89 -12.01
C VAL B 154 -10.96 -30.06 -10.91
N GLY B 155 -11.31 -28.82 -11.21
CA GLY B 155 -11.84 -27.92 -10.19
C GLY B 155 -13.23 -28.25 -9.66
N LYS B 156 -14.21 -28.32 -10.57
CA LYS B 156 -15.58 -28.63 -10.17
C LYS B 156 -15.65 -29.91 -9.35
N GLN B 157 -14.84 -30.92 -9.72
CA GLN B 157 -14.81 -32.16 -8.93
C GLN B 157 -14.38 -31.90 -7.50
N LEU B 158 -13.35 -31.08 -7.31
CA LEU B 158 -12.82 -30.84 -5.97
C LEU B 158 -13.68 -29.92 -5.13
N ARG B 159 -14.60 -29.17 -5.75
CA ARG B 159 -15.42 -28.22 -4.99
C ARG B 159 -16.14 -28.88 -3.78
N PRO B 160 -16.97 -29.92 -3.98
CA PRO B 160 -17.65 -30.53 -2.80
C PRO B 160 -16.66 -31.07 -1.78
N LEU B 161 -15.60 -31.73 -2.27
CA LEU B 161 -14.57 -32.28 -1.40
C LEU B 161 -13.96 -31.18 -0.54
N TYR B 162 -13.64 -30.03 -1.14
CA TYR B 162 -13.03 -28.95 -0.38
C TYR B 162 -13.99 -28.39 0.66
N GLU B 163 -15.28 -28.33 0.34
CA GLU B 163 -16.25 -27.90 1.36
C GLU B 163 -16.20 -28.78 2.60
N GLU B 164 -16.36 -30.10 2.41
CA GLU B 164 -16.31 -31.00 3.57
C GLU B 164 -14.93 -30.96 4.25
N TYR B 165 -13.87 -30.82 3.44
CA TYR B 165 -12.51 -30.76 3.96
C TYR B 165 -12.33 -29.58 4.91
N VAL B 166 -12.81 -28.41 4.50
CA VAL B 166 -12.74 -27.23 5.36
C VAL B 166 -13.47 -27.49 6.66
N ALA B 167 -14.69 -28.05 6.58
CA ALA B 167 -15.44 -28.33 7.80
C ALA B 167 -14.62 -29.21 8.76
N LEU B 168 -14.13 -30.34 8.26
CA LEU B 168 -13.42 -31.29 9.11
C LEU B 168 -12.12 -30.68 9.67
N LYS B 169 -11.40 -29.92 8.84
CA LYS B 169 -10.13 -29.35 9.25
C LYS B 169 -10.33 -28.32 10.36
N ASN B 170 -11.33 -27.44 10.19
CA ASN B 170 -11.64 -26.47 11.24
C ASN B 170 -12.04 -27.17 12.52
N GLU B 171 -12.81 -28.26 12.42
CA GLU B 171 -13.12 -29.03 13.62
C GLU B 171 -11.87 -29.54 14.31
N MET B 172 -10.94 -30.11 13.53
CA MET B 172 -9.67 -30.56 14.10
C MET B 172 -8.98 -29.43 14.84
N ALA B 173 -8.89 -28.25 14.21
CA ALA B 173 -8.22 -27.12 14.82
C ALA B 173 -8.84 -26.77 16.17
N ARG B 174 -10.18 -26.64 16.20
CA ARG B 174 -10.84 -26.35 17.47
C ARG B 174 -10.61 -27.46 18.49
N ALA B 175 -10.53 -28.70 18.02
CA ALA B 175 -10.29 -29.83 18.89
C ALA B 175 -8.87 -29.84 19.46
N ASN B 176 -7.95 -29.08 18.86
CA ASN B 176 -6.63 -28.83 19.42
C ASN B 176 -6.52 -27.42 20.00
N ASN B 177 -7.65 -26.78 20.28
CA ASN B 177 -7.74 -25.45 20.88
C ASN B 177 -7.29 -24.33 19.96
N TYR B 178 -7.30 -24.56 18.64
CA TYR B 178 -7.00 -23.55 17.65
C TYR B 178 -8.30 -22.99 17.09
N GLU B 179 -8.38 -21.67 16.93
CA GLU B 179 -9.64 -21.03 16.55
C GLU B 179 -10.15 -21.56 15.21
N ASP B 180 -9.24 -21.84 14.28
CA ASP B 180 -9.57 -22.37 12.97
C ASP B 180 -8.31 -22.98 12.39
N TYR B 181 -8.44 -23.62 11.23
CA TYR B 181 -7.27 -24.17 10.56
C TYR B 181 -6.26 -23.06 10.28
N GLY B 182 -6.74 -21.83 10.09
CA GLY B 182 -5.89 -20.67 9.98
C GLY B 182 -4.89 -20.54 11.11
N ASP B 183 -5.37 -20.40 12.36
CA ASP B 183 -4.46 -20.35 13.51
C ASP B 183 -3.56 -21.57 13.56
N TYR B 184 -4.07 -22.74 13.19
CA TYR B 184 -3.24 -23.93 13.15
C TYR B 184 -1.99 -23.70 12.30
N TRP B 185 -2.18 -23.35 11.03
CA TRP B 185 -1.05 -23.07 10.16
C TRP B 185 -0.21 -21.91 10.67
N ARG B 186 -0.85 -20.83 11.11
CA ARG B 186 -0.15 -19.65 11.59
C ARG B 186 0.70 -19.94 12.82
N GLY B 187 0.36 -21.00 13.56
CA GLY B 187 1.11 -21.31 14.77
C GLY B 187 2.56 -21.64 14.53
N ASP B 188 2.89 -22.02 13.28
CA ASP B 188 4.28 -22.27 12.91
C ASP B 188 5.15 -21.08 13.25
N TYR B 189 4.58 -19.88 13.26
CA TYR B 189 5.33 -18.66 13.53
C TYR B 189 5.15 -18.17 14.96
N GLU B 190 4.76 -19.04 15.89
CA GLU B 190 4.47 -18.63 17.25
C GLU B 190 5.55 -19.14 18.19
N GLU B 191 6.14 -18.23 18.96
CA GLU B 191 7.08 -18.57 20.02
C GLU B 191 6.93 -17.53 21.12
N GLU B 192 7.31 -17.88 22.35
CA GLU B 192 7.08 -16.91 23.47
C GLU B 192 8.09 -17.12 24.60
N TRP B 193 9.23 -16.44 24.54
CA TRP B 193 10.29 -16.58 25.57
C TRP B 193 11.22 -15.37 25.44
N GLU B 194 11.79 -14.91 26.54
CA GLU B 194 12.65 -13.70 26.51
C GLU B 194 11.81 -12.47 26.15
N ASN B 195 12.09 -11.35 26.80
CA ASN B 195 11.26 -10.15 26.57
C ASN B 195 11.21 -9.83 25.07
N GLY B 196 10.02 -9.55 24.54
CA GLY B 196 9.90 -9.12 23.14
C GLY B 196 10.49 -10.05 22.11
N TYR B 197 10.89 -11.26 22.50
CA TYR B 197 11.36 -12.22 21.46
C TYR B 197 10.21 -13.19 21.18
N ASN B 198 8.98 -12.72 21.40
CA ASN B 198 7.81 -13.61 21.23
C ASN B 198 7.03 -13.23 19.98
N TYR B 199 5.98 -13.98 19.66
CA TYR B 199 5.16 -13.72 18.48
C TYR B 199 3.86 -14.49 18.58
N SER B 200 2.75 -13.77 18.43
CA SER B 200 1.41 -14.36 18.45
C SER B 200 0.95 -14.63 17.03
N ARG B 201 0.22 -15.73 16.85
CA ARG B 201 -0.19 -16.18 15.52
C ARG B 201 -0.86 -15.06 14.73
N ASN B 202 -1.70 -14.26 15.39
CA ASN B 202 -2.40 -13.20 14.67
C ASN B 202 -1.45 -12.16 14.13
N GLN B 203 -0.40 -11.83 14.89
CA GLN B 203 0.56 -10.82 14.46
C GLN B 203 1.18 -11.16 13.11
N LEU B 204 1.16 -12.43 12.71
CA LEU B 204 1.61 -12.82 11.38
C LEU B 204 0.84 -12.10 10.30
N ILE B 205 -0.49 -12.04 10.44
CA ILE B 205 -1.33 -11.37 9.45
C ILE B 205 -0.93 -9.91 9.33
N ASP B 206 -0.86 -9.23 10.47
CA ASP B 206 -0.49 -7.82 10.48
C ASP B 206 0.86 -7.59 9.81
N ASP B 207 1.83 -8.48 10.06
CA ASP B 207 3.15 -8.24 9.50
C ASP B 207 3.19 -8.54 8.01
N VAL B 208 2.52 -9.61 7.56
CA VAL B 208 2.40 -9.86 6.13
C VAL B 208 1.82 -8.64 5.42
N GLU B 209 0.82 -8.01 6.03
CA GLU B 209 0.23 -6.85 5.36
C GLU B 209 1.13 -5.61 5.44
N HIS B 210 1.71 -5.33 6.61
CA HIS B 210 2.53 -4.12 6.68
C HIS B 210 3.79 -4.26 5.83
N THR B 211 4.09 -5.47 5.36
CA THR B 211 5.15 -5.63 4.37
C THR B 211 4.64 -5.57 2.94
N PHE B 212 3.51 -6.22 2.67
CA PHE B 212 2.97 -6.19 1.32
C PHE B 212 2.70 -4.76 0.87
N THR B 213 2.10 -3.95 1.75
CA THR B 213 1.82 -2.56 1.42
C THR B 213 3.06 -1.81 0.94
N GLN B 214 4.23 -2.16 1.48
CA GLN B 214 5.48 -1.53 1.06
C GLN B 214 6.07 -2.17 -0.18
N ILE B 215 5.62 -3.37 -0.53
CA ILE B 215 6.01 -3.94 -1.82
C ILE B 215 5.09 -3.53 -2.97
N MET B 216 3.81 -3.27 -2.68
CA MET B 216 2.80 -2.92 -3.70
C MET B 216 3.26 -1.92 -4.74
N PRO B 217 3.95 -0.82 -4.42
CA PRO B 217 4.44 0.08 -5.48
C PRO B 217 5.27 -0.64 -6.52
N LEU B 218 6.25 -1.42 -6.06
CA LEU B 218 7.13 -2.16 -6.96
C LEU B 218 6.32 -3.10 -7.86
N TYR B 219 5.40 -3.85 -7.26
CA TYR B 219 4.59 -4.77 -8.04
C TYR B 219 3.73 -4.03 -9.06
N GLN B 220 3.23 -2.85 -8.71
CA GLN B 220 2.44 -2.06 -9.65
C GLN B 220 3.27 -1.70 -10.87
N HIS B 221 4.52 -1.27 -10.65
CA HIS B 221 5.33 -0.85 -11.81
C HIS B 221 5.76 -2.05 -12.65
N LEU B 222 6.05 -3.18 -12.00
CA LEU B 222 6.29 -4.41 -12.76
C LEU B 222 5.07 -4.81 -13.58
N HIS B 223 3.88 -4.69 -12.96
CA HIS B 223 2.62 -4.92 -13.66
C HIS B 223 2.51 -4.05 -14.89
N ALA B 224 2.85 -2.77 -14.75
CA ALA B 224 2.77 -1.85 -15.88
C ALA B 224 3.66 -2.32 -17.03
N TYR B 225 4.92 -2.61 -16.73
CA TYR B 225 5.84 -3.03 -17.79
C TYR B 225 5.36 -4.31 -18.48
N VAL B 226 5.01 -5.32 -17.68
CA VAL B 226 4.56 -6.59 -18.23
C VAL B 226 3.31 -6.39 -19.07
N ARG B 227 2.35 -5.63 -18.53
CA ARG B 227 1.11 -5.35 -19.24
C ARG B 227 1.37 -4.74 -20.61
N THR B 228 2.25 -3.74 -20.68
CA THR B 228 2.49 -3.07 -21.95
C THR B 228 3.15 -3.99 -22.96
N LYS B 229 4.20 -4.71 -22.56
CA LYS B 229 4.87 -5.58 -23.52
C LYS B 229 3.94 -6.69 -23.99
N LEU B 230 3.23 -7.32 -23.04
CA LEU B 230 2.25 -8.34 -23.38
C LEU B 230 1.19 -7.80 -24.34
N MET B 231 0.72 -6.57 -24.09
CA MET B 231 -0.14 -5.88 -25.04
C MET B 231 0.46 -5.91 -26.44
N ASP B 232 1.72 -5.51 -26.55
CA ASP B 232 2.35 -5.54 -27.86
C ASP B 232 2.46 -6.95 -28.44
N THR B 233 2.34 -7.99 -27.61
CA THR B 233 2.23 -9.34 -28.19
C THR B 233 0.79 -9.77 -28.42
N TYR B 234 -0.12 -9.49 -27.48
CA TYR B 234 -1.54 -9.84 -27.59
C TYR B 234 -2.39 -8.57 -27.59
N PRO B 235 -2.27 -7.74 -28.63
CA PRO B 235 -2.89 -6.40 -28.57
C PRO B 235 -4.40 -6.43 -28.54
N SER B 236 -5.02 -7.50 -29.01
CA SER B 236 -6.47 -7.57 -29.12
C SER B 236 -7.15 -7.95 -27.81
N TYR B 237 -6.40 -8.15 -26.72
CA TYR B 237 -6.99 -8.61 -25.47
C TYR B 237 -6.57 -7.82 -24.23
N ILE B 238 -5.54 -7.00 -24.30
CA ILE B 238 -4.99 -6.36 -23.12
C ILE B 238 -5.35 -4.89 -23.14
N SER B 239 -6.04 -4.42 -22.09
CA SER B 239 -6.43 -3.03 -21.98
C SER B 239 -5.37 -2.26 -21.22
N PRO B 240 -4.90 -1.12 -21.73
CA PRO B 240 -3.80 -0.40 -21.09
C PRO B 240 -4.07 0.01 -19.64
N THR B 241 -5.33 -0.01 -19.21
CA THR B 241 -5.72 0.45 -17.88
C THR B 241 -6.50 -0.63 -17.16
N GLY B 242 -6.10 -1.89 -17.31
CA GLY B 242 -6.88 -2.97 -16.72
C GLY B 242 -5.98 -4.09 -16.24
N CYS B 243 -6.63 -5.08 -15.62
CA CYS B 243 -5.94 -6.28 -15.17
C CYS B 243 -5.62 -7.19 -16.35
N LEU B 244 -4.67 -8.11 -16.11
CA LEU B 244 -4.18 -9.02 -17.12
C LEU B 244 -4.96 -10.33 -17.10
N PRO B 245 -5.05 -11.02 -18.24
CA PRO B 245 -5.74 -12.33 -18.27
C PRO B 245 -4.88 -13.46 -17.78
N ALA B 246 -5.49 -14.34 -16.98
CA ALA B 246 -4.72 -15.35 -16.25
C ALA B 246 -4.01 -16.32 -17.17
N HIS B 247 -4.65 -16.69 -18.29
CA HIS B 247 -4.10 -17.69 -19.18
C HIS B 247 -2.87 -17.16 -19.91
N LEU B 248 -2.48 -15.93 -19.59
CA LEU B 248 -1.34 -15.28 -20.25
C LEU B 248 -0.29 -14.85 -19.24
N LEU B 249 0.06 -15.75 -18.31
CA LEU B 249 0.96 -15.38 -17.22
C LEU B 249 2.21 -16.24 -17.12
N GLY B 250 2.36 -17.26 -17.97
CA GLY B 250 3.56 -18.07 -17.98
C GLY B 250 3.41 -19.44 -17.34
N ASP B 251 2.36 -19.67 -16.56
CA ASP B 251 2.12 -20.98 -15.98
C ASP B 251 0.62 -21.16 -15.77
N MET B 252 0.21 -22.41 -15.53
CA MET B 252 -1.20 -22.77 -15.42
C MET B 252 -1.94 -21.93 -14.38
N TRP B 253 -1.24 -21.35 -13.40
CA TRP B 253 -1.85 -20.58 -12.33
C TRP B 253 -1.48 -19.12 -12.35
N GLY B 254 -0.26 -18.78 -12.74
CA GLY B 254 0.26 -17.45 -12.59
C GLY B 254 1.10 -17.23 -11.35
N ARG B 255 1.59 -18.31 -10.72
CA ARG B 255 2.43 -18.16 -9.55
C ARG B 255 3.79 -17.57 -9.90
N PHE B 256 4.27 -17.80 -11.11
CA PHE B 256 5.57 -17.29 -11.53
C PHE B 256 5.47 -16.72 -12.94
N TRP B 257 6.14 -15.59 -13.17
CA TRP B 257 6.11 -14.91 -14.45
C TRP B 257 7.41 -15.11 -15.23
N THR B 258 8.23 -16.07 -14.82
CA THR B 258 9.54 -16.25 -15.43
C THR B 258 9.42 -16.49 -16.92
N ASN B 259 8.47 -17.34 -17.33
CA ASN B 259 8.30 -17.68 -18.73
C ASN B 259 7.89 -16.49 -19.58
N LEU B 260 7.45 -15.39 -18.97
CA LEU B 260 7.13 -14.17 -19.68
C LEU B 260 8.37 -13.39 -20.09
N TYR B 261 9.56 -13.80 -19.65
CA TYR B 261 10.77 -13.08 -19.99
C TYR B 261 10.96 -12.89 -21.49
N PRO B 262 10.79 -13.89 -22.35
CA PRO B 262 10.92 -13.66 -23.80
C PRO B 262 10.13 -12.48 -24.29
N LEU B 263 8.92 -12.29 -23.76
CA LEU B 263 8.03 -11.22 -24.16
C LEU B 263 8.27 -9.95 -23.37
N THR B 264 9.10 -9.99 -22.32
CA THR B 264 9.35 -8.84 -21.46
C THR B 264 10.82 -8.51 -21.34
N VAL B 265 11.67 -9.06 -22.21
CA VAL B 265 13.10 -8.76 -22.10
C VAL B 265 13.30 -7.26 -22.32
N PRO B 266 13.97 -6.56 -21.41
CA PRO B 266 14.17 -5.11 -21.58
C PRO B 266 14.86 -4.75 -22.88
N PHE B 267 16.06 -5.27 -23.08
CA PHE B 267 16.80 -4.85 -24.29
C PHE B 267 16.52 -5.86 -25.39
N GLY B 268 16.74 -7.15 -25.12
CA GLY B 268 16.38 -8.18 -26.10
C GLY B 268 17.49 -8.45 -27.09
N GLN B 269 18.57 -7.69 -27.00
CA GLN B 269 19.67 -7.83 -27.98
C GLN B 269 20.96 -8.21 -27.24
N LYS B 270 21.03 -7.89 -25.95
CA LYS B 270 22.28 -8.16 -25.20
C LYS B 270 22.16 -9.52 -24.55
N PRO B 271 22.98 -10.51 -24.97
CA PRO B 271 22.88 -11.87 -24.45
C PRO B 271 22.90 -11.93 -22.92
N ASN B 272 22.48 -13.07 -22.34
CA ASN B 272 22.44 -13.21 -20.86
C ASN B 272 23.61 -14.09 -20.41
N ILE B 273 24.06 -13.93 -19.16
CA ILE B 273 25.20 -14.68 -18.67
C ILE B 273 24.79 -16.14 -18.48
N ASP B 274 25.41 -17.04 -19.23
CA ASP B 274 25.21 -18.50 -19.05
C ASP B 274 26.60 -19.13 -19.05
N VAL B 275 27.17 -19.39 -17.87
CA VAL B 275 28.51 -20.04 -17.78
C VAL B 275 28.36 -21.48 -18.24
N THR B 276 27.15 -21.89 -18.62
CA THR B 276 26.95 -23.31 -18.98
C THR B 276 28.03 -23.72 -19.97
N ASN B 277 28.00 -23.09 -21.13
CA ASN B 277 28.97 -23.45 -22.17
C ASN B 277 30.40 -23.38 -21.64
N ALA B 278 30.67 -22.43 -20.75
CA ALA B 278 31.98 -22.37 -20.12
C ALA B 278 32.27 -23.62 -19.30
N MET B 279 31.27 -24.07 -18.52
CA MET B 279 31.42 -25.31 -17.75
C MET B 279 31.67 -26.49 -18.69
N VAL B 280 30.83 -26.60 -19.71
CA VAL B 280 30.94 -27.76 -20.64
C VAL B 280 32.30 -27.68 -21.33
N ASN B 281 32.70 -26.47 -21.72
CA ASN B 281 33.98 -26.33 -22.46
C ASN B 281 35.04 -27.00 -21.59
N GLN B 282 35.18 -26.53 -20.34
CA GLN B 282 36.24 -27.06 -19.44
C GLN B 282 35.88 -28.47 -19.00
N SER B 283 34.77 -29.01 -19.51
CA SER B 283 34.44 -30.42 -19.18
C SER B 283 34.29 -30.56 -17.66
N TRP B 284 33.65 -29.58 -17.02
CA TRP B 284 33.36 -29.70 -15.56
C TRP B 284 32.49 -30.94 -15.36
N ASP B 285 32.37 -31.41 -14.12
CA ASP B 285 31.59 -32.65 -13.88
C ASP B 285 30.77 -32.50 -12.60
N ALA B 286 29.77 -33.37 -12.42
CA ALA B 286 28.90 -33.23 -11.26
C ALA B 286 29.70 -32.94 -9.99
N ARG B 287 30.71 -33.78 -9.74
CA ARG B 287 31.59 -33.63 -8.58
C ARG B 287 32.23 -32.27 -8.56
N ARG B 288 32.67 -31.77 -9.71
CA ARG B 288 33.29 -30.45 -9.74
C ARG B 288 32.33 -29.38 -9.26
N ILE B 289 31.07 -29.45 -9.72
CA ILE B 289 30.05 -28.50 -9.29
C ILE B 289 29.93 -28.52 -7.76
N PHE B 290 29.68 -29.70 -7.21
CA PHE B 290 29.48 -29.77 -5.76
C PHE B 290 30.74 -29.40 -4.99
N LYS B 291 31.91 -29.71 -5.55
CA LYS B 291 33.17 -29.41 -4.89
C LYS B 291 33.39 -27.91 -4.82
N GLU B 292 33.03 -27.20 -5.89
CA GLU B 292 33.13 -25.75 -5.89
C GLU B 292 32.20 -25.15 -4.84
N ALA B 293 31.01 -25.72 -4.71
CA ALA B 293 30.10 -25.30 -3.64
C ALA B 293 30.76 -25.45 -2.27
N GLU B 294 31.31 -26.64 -2.00
CA GLU B 294 32.03 -26.87 -0.74
C GLU B 294 33.10 -25.82 -0.49
N LYS B 295 33.89 -25.54 -1.53
CA LYS B 295 34.94 -24.52 -1.41
C LYS B 295 34.36 -23.19 -0.99
N PHE B 296 33.22 -22.80 -1.58
CA PHE B 296 32.57 -21.55 -1.19
C PHE B 296 32.23 -21.54 0.30
N PHE B 297 31.57 -22.60 0.75
CA PHE B 297 31.15 -22.63 2.16
C PHE B 297 32.35 -22.63 3.10
N VAL B 298 33.45 -23.27 2.70
CA VAL B 298 34.66 -23.18 3.49
C VAL B 298 35.18 -21.75 3.50
N SER B 299 35.16 -21.10 2.33
CA SER B 299 35.63 -19.73 2.21
C SER B 299 34.91 -18.81 3.19
N VAL B 300 33.62 -19.05 3.42
CA VAL B 300 32.93 -18.19 4.39
C VAL B 300 33.08 -18.66 5.82
N GLY B 301 33.70 -19.82 6.06
CA GLY B 301 33.98 -20.27 7.40
C GLY B 301 33.16 -21.44 7.88
N LEU B 302 32.22 -21.93 7.08
CA LEU B 302 31.43 -23.08 7.44
C LEU B 302 32.25 -24.35 7.22
N PRO B 303 31.92 -25.45 7.89
CA PRO B 303 32.70 -26.68 7.73
C PRO B 303 32.58 -27.26 6.32
N ASN B 304 33.44 -28.23 6.04
CA ASN B 304 33.30 -28.96 4.79
C ASN B 304 32.43 -30.19 4.99
N MET B 305 32.04 -30.80 3.88
CA MET B 305 31.12 -31.94 3.92
C MET B 305 31.72 -33.11 4.67
N THR B 306 30.84 -34.02 5.08
CA THR B 306 31.27 -35.28 5.66
C THR B 306 31.56 -36.26 4.54
N GLN B 307 32.58 -37.08 4.73
CA GLN B 307 32.94 -38.15 3.80
C GLN B 307 31.70 -38.91 3.34
N GLY B 308 30.79 -39.15 4.28
CA GLY B 308 29.53 -39.79 3.93
C GLY B 308 28.78 -39.08 2.83
N PHE B 309 28.75 -37.75 2.87
CA PHE B 309 28.06 -36.99 1.82
C PHE B 309 28.68 -37.29 0.46
N TRP B 310 30.01 -37.23 0.37
CA TRP B 310 30.69 -37.55 -0.87
C TRP B 310 30.64 -39.02 -1.24
N GLU B 311 30.12 -39.87 -0.35
CA GLU B 311 30.12 -41.31 -0.58
C GLU B 311 28.75 -41.87 -0.95
N ASN B 312 27.72 -41.55 -0.17
CA ASN B 312 26.38 -42.10 -0.32
C ASN B 312 25.48 -41.26 -1.21
N SER B 313 25.68 -39.95 -1.24
CA SER B 313 24.84 -39.09 -2.08
C SER B 313 24.93 -39.52 -3.54
N MET B 314 23.80 -39.40 -4.22
CA MET B 314 23.73 -39.68 -5.65
C MET B 314 23.72 -38.35 -6.38
N LEU B 315 24.91 -37.79 -6.62
CA LEU B 315 24.95 -36.44 -7.23
C LEU B 315 24.83 -36.56 -8.75
N THR B 316 24.64 -37.77 -9.27
CA THR B 316 24.58 -37.97 -10.73
C THR B 316 23.73 -39.20 -11.05
N GLU B 317 22.71 -39.03 -11.88
CA GLU B 317 21.80 -40.15 -12.21
C GLU B 317 22.59 -41.43 -12.45
N PRO B 318 22.10 -42.61 -12.05
CA PRO B 318 22.83 -43.87 -12.22
C PRO B 318 23.26 -44.11 -13.66
N SER B 319 24.56 -44.34 -13.88
CA SER B 319 25.03 -44.65 -15.25
C SER B 319 24.24 -45.89 -15.66
N ASP B 320 24.44 -47.00 -14.96
CA ASP B 320 23.57 -48.17 -15.22
C ASP B 320 22.18 -47.72 -14.78
N SER B 321 21.11 -48.36 -15.25
CA SER B 321 19.75 -47.79 -15.01
C SER B 321 18.93 -48.42 -13.87
N ARG B 322 18.33 -47.59 -13.02
CA ARG B 322 17.41 -48.02 -11.94
C ARG B 322 16.60 -46.73 -11.80
N LYS B 323 15.28 -46.75 -12.02
CA LYS B 323 14.61 -45.44 -12.16
C LYS B 323 14.72 -44.70 -10.82
N VAL B 324 15.04 -43.41 -10.87
CA VAL B 324 15.20 -42.62 -9.61
C VAL B 324 14.46 -41.29 -9.77
N VAL B 325 13.78 -40.85 -8.73
CA VAL B 325 13.14 -39.55 -8.76
C VAL B 325 14.22 -38.48 -8.74
N CYS B 326 14.24 -37.64 -9.78
CA CYS B 326 15.35 -36.70 -9.94
C CYS B 326 15.15 -35.37 -9.23
N HIS B 327 14.01 -35.15 -8.58
CA HIS B 327 13.79 -33.87 -7.93
C HIS B 327 14.92 -33.57 -6.93
N PRO B 328 15.63 -32.46 -7.09
CA PRO B 328 16.73 -32.14 -6.18
C PRO B 328 16.25 -32.08 -4.73
N THR B 329 16.92 -32.85 -3.86
CA THR B 329 16.51 -32.96 -2.47
C THR B 329 17.74 -33.06 -1.58
N ALA B 330 17.75 -32.27 -0.51
CA ALA B 330 18.70 -32.47 0.58
C ALA B 330 18.13 -33.48 1.57
N TRP B 331 19.02 -34.14 2.31
CA TRP B 331 18.61 -35.28 3.11
C TRP B 331 19.39 -35.31 4.42
N ASP B 332 18.71 -35.08 5.53
CA ASP B 332 19.27 -35.27 6.87
C ASP B 332 18.67 -36.54 7.43
N LEU B 333 19.34 -37.67 7.19
CA LEU B 333 18.84 -38.95 7.66
C LEU B 333 18.91 -39.11 9.17
N GLY B 334 19.40 -38.09 9.87
CA GLY B 334 19.70 -38.22 11.28
C GLY B 334 20.99 -38.98 11.47
N LYS B 335 21.47 -39.06 12.71
CA LYS B 335 22.60 -39.90 13.05
C LYS B 335 23.85 -39.55 12.24
N GLY B 336 23.93 -38.30 11.78
CA GLY B 336 25.10 -37.83 11.05
C GLY B 336 25.16 -38.20 9.58
N ASP B 337 24.13 -38.85 9.04
CA ASP B 337 24.11 -39.23 7.63
C ASP B 337 23.50 -38.07 6.86
N PHE B 338 24.35 -37.27 6.23
CA PHE B 338 23.90 -36.15 5.40
C PHE B 338 24.13 -36.52 3.95
N ARG B 339 23.12 -36.27 3.10
CA ARG B 339 23.22 -36.67 1.71
C ARG B 339 22.47 -35.67 0.83
N ILE B 340 22.71 -35.76 -0.48
CA ILE B 340 22.02 -34.95 -1.48
C ILE B 340 21.68 -35.82 -2.68
N LYS B 341 20.41 -35.80 -3.08
CA LYS B 341 19.93 -36.45 -4.30
C LYS B 341 19.73 -35.39 -5.37
N MET B 342 20.46 -35.51 -6.47
CA MET B 342 20.23 -34.63 -7.60
C MET B 342 20.80 -35.28 -8.85
N CYS B 343 19.98 -35.37 -9.90
CA CYS B 343 20.43 -35.84 -11.21
C CYS B 343 21.13 -34.69 -11.92
N THR B 344 22.25 -34.28 -11.32
CA THR B 344 22.98 -33.08 -11.79
C THR B 344 23.39 -33.16 -13.25
N LYS B 345 22.73 -32.42 -14.11
CA LYS B 345 23.21 -32.34 -15.50
C LYS B 345 24.15 -31.13 -15.52
N VAL B 346 24.84 -30.86 -16.62
CA VAL B 346 25.85 -29.75 -16.63
C VAL B 346 25.21 -28.43 -17.09
N THR B 347 24.72 -27.62 -16.15
CA THR B 347 24.13 -26.31 -16.51
C THR B 347 24.31 -25.30 -15.39
N MET B 348 24.44 -24.04 -15.75
CA MET B 348 24.52 -22.98 -14.72
C MET B 348 23.42 -23.23 -13.69
N ASP B 349 22.25 -23.69 -14.14
CA ASP B 349 21.14 -23.84 -13.21
C ASP B 349 21.43 -24.91 -12.16
N ASP B 350 21.94 -26.06 -12.60
CA ASP B 350 22.28 -27.11 -11.64
C ASP B 350 23.38 -26.68 -10.68
N PHE B 351 24.32 -25.85 -11.16
CA PHE B 351 25.37 -25.32 -10.29
C PHE B 351 24.78 -24.50 -9.15
N LEU B 352 23.91 -23.54 -9.50
CA LEU B 352 23.24 -22.73 -8.49
C LEU B 352 22.38 -23.60 -7.57
N THR B 353 21.68 -24.57 -8.16
CA THR B 353 20.85 -25.48 -7.38
C THR B 353 21.67 -26.26 -6.36
N ALA B 354 22.88 -26.67 -6.77
CA ALA B 354 23.78 -27.37 -5.86
C ALA B 354 24.16 -26.48 -4.69
N HIS B 355 24.44 -25.21 -4.96
CA HIS B 355 24.70 -24.29 -3.84
C HIS B 355 23.52 -24.25 -2.88
N HIS B 356 22.30 -24.14 -3.42
CA HIS B 356 21.11 -24.08 -2.55
C HIS B 356 20.98 -25.34 -1.68
N GLU B 357 21.08 -26.52 -2.32
CA GLU B 357 20.88 -27.76 -1.59
C GLU B 357 21.98 -28.02 -0.58
N MET B 358 23.24 -27.73 -0.94
CA MET B 358 24.31 -27.89 0.02
C MET B 358 24.19 -26.90 1.17
N GLY B 359 23.62 -25.72 0.93
CA GLY B 359 23.32 -24.82 2.03
C GLY B 359 22.31 -25.42 2.99
N HIS B 360 21.28 -26.07 2.45
CA HIS B 360 20.40 -26.88 3.30
C HIS B 360 21.20 -27.86 4.14
N ILE B 361 22.14 -28.57 3.49
CA ILE B 361 22.95 -29.55 4.22
C ILE B 361 23.75 -28.88 5.32
N GLN B 362 24.27 -27.69 5.06
CA GLN B 362 25.08 -26.99 6.05
C GLN B 362 24.24 -26.61 7.26
N TYR B 363 23.03 -26.11 6.99
CA TYR B 363 22.10 -25.81 8.07
C TYR B 363 21.84 -27.05 8.92
N ASP B 364 21.54 -28.18 8.27
CA ASP B 364 21.32 -29.43 8.99
C ASP B 364 22.51 -29.79 9.87
N MET B 365 23.72 -29.68 9.30
CA MET B 365 24.94 -30.01 10.04
C MET B 365 25.11 -29.09 11.25
N ALA B 366 24.67 -27.84 11.12
CA ALA B 366 24.86 -26.89 12.22
C ALA B 366 24.07 -27.29 13.46
N TYR B 367 22.77 -27.53 13.31
CA TYR B 367 21.93 -27.86 14.46
C TYR B 367 21.89 -29.37 14.75
N ALA B 368 22.95 -30.10 14.39
CA ALA B 368 23.03 -31.50 14.79
C ALA B 368 23.20 -31.66 16.29
N ALA B 369 23.83 -30.67 16.93
CA ALA B 369 24.08 -30.75 18.37
C ALA B 369 22.81 -30.63 19.19
N GLN B 370 21.76 -30.02 18.64
CA GLN B 370 20.53 -29.80 19.39
C GLN B 370 19.76 -31.11 19.54
N PRO B 371 18.84 -31.21 20.49
CA PRO B 371 18.03 -32.43 20.63
C PRO B 371 17.07 -32.59 19.46
N PHE B 372 16.67 -33.84 19.22
CA PHE B 372 15.89 -34.23 18.03
C PHE B 372 14.76 -33.23 17.75
N LEU B 373 13.89 -33.03 18.73
CA LEU B 373 12.71 -32.20 18.51
C LEU B 373 13.09 -30.77 18.15
N LEU B 374 14.21 -30.27 18.69
CA LEU B 374 14.66 -28.92 18.40
C LEU B 374 15.56 -28.86 17.16
N ARG B 375 15.83 -30.01 16.52
CA ARG B 375 16.68 -30.10 15.34
C ARG B 375 15.83 -29.78 14.11
N ASN B 376 15.74 -28.51 13.76
CA ASN B 376 15.03 -28.13 12.54
C ASN B 376 15.26 -26.64 12.33
N GLY B 377 14.77 -26.12 11.22
CA GLY B 377 14.87 -24.70 10.93
C GLY B 377 14.18 -23.86 11.98
N ALA B 378 14.53 -22.58 12.00
CA ALA B 378 13.96 -21.66 12.98
C ALA B 378 12.44 -21.57 12.82
N ASN B 379 11.98 -21.25 11.61
CA ASN B 379 10.58 -21.35 11.23
C ASN B 379 10.51 -22.00 9.85
N GLU B 380 9.29 -22.12 9.31
CA GLU B 380 9.13 -22.80 8.03
C GLU B 380 9.92 -22.10 6.93
N GLY B 381 10.04 -20.79 7.00
CA GLY B 381 10.72 -20.03 5.96
C GLY B 381 12.11 -19.56 6.36
N PHE B 382 12.92 -20.46 6.88
CA PHE B 382 14.32 -20.18 7.20
C PHE B 382 15.28 -21.04 6.42
N HIS B 383 14.97 -22.33 6.29
CA HIS B 383 15.74 -23.28 5.49
C HIS B 383 15.90 -22.77 4.06
N GLU B 384 14.76 -22.48 3.41
CA GLU B 384 14.75 -22.06 2.02
C GLU B 384 15.49 -20.73 1.83
N ALA B 385 15.34 -19.83 2.79
CA ALA B 385 16.03 -18.54 2.75
C ALA B 385 17.54 -18.74 2.64
N VAL B 386 18.11 -19.56 3.52
CA VAL B 386 19.55 -19.82 3.51
C VAL B 386 19.99 -20.38 2.17
N GLY B 387 19.28 -21.39 1.68
CA GLY B 387 19.62 -21.93 0.36
C GLY B 387 19.68 -20.84 -0.70
N GLU B 388 18.68 -19.97 -0.72
CA GLU B 388 18.67 -18.91 -1.73
C GLU B 388 19.84 -17.97 -1.57
N ILE B 389 20.09 -17.46 -0.35
CA ILE B 389 21.19 -16.51 -0.16
C ILE B 389 22.49 -17.09 -0.72
N MET B 390 22.69 -18.40 -0.55
CA MET B 390 23.86 -19.04 -1.14
C MET B 390 23.85 -18.89 -2.66
N SER B 391 22.75 -19.28 -3.29
CA SER B 391 22.69 -19.22 -4.76
C SER B 391 22.84 -17.78 -5.27
N LEU B 392 22.24 -16.81 -4.58
CA LEU B 392 22.35 -15.41 -4.96
C LEU B 392 23.79 -14.95 -4.94
N SER B 393 24.51 -15.22 -3.84
CA SER B 393 25.91 -14.85 -3.77
C SER B 393 26.70 -15.48 -4.91
N ALA B 394 26.45 -16.76 -5.20
CA ALA B 394 27.19 -17.40 -6.28
C ALA B 394 26.87 -16.76 -7.64
N ALA B 395 25.62 -16.33 -7.85
CA ALA B 395 25.20 -15.83 -9.15
C ALA B 395 25.93 -14.55 -9.55
N THR B 396 26.30 -13.72 -8.58
CA THR B 396 26.96 -12.47 -8.86
C THR B 396 28.14 -12.68 -9.80
N PRO B 397 28.33 -11.82 -10.80
CA PRO B 397 29.43 -12.00 -11.76
C PRO B 397 30.79 -12.20 -11.09
N ASN B 398 30.98 -11.59 -9.91
CA ASN B 398 32.25 -11.72 -9.20
C ASN B 398 32.59 -13.18 -8.96
N HIS B 399 31.68 -13.92 -8.34
CA HIS B 399 31.94 -15.33 -8.03
C HIS B 399 32.18 -16.14 -9.29
N LEU B 400 31.47 -15.83 -10.37
CA LEU B 400 31.67 -16.54 -11.63
C LEU B 400 33.07 -16.28 -12.18
N LYS B 401 33.54 -15.03 -12.08
CA LYS B 401 34.92 -14.72 -12.42
C LYS B 401 35.91 -15.49 -11.56
N ASN B 402 35.64 -15.56 -10.25
CA ASN B 402 36.58 -16.18 -9.31
C ASN B 402 36.78 -17.67 -9.62
N ILE B 403 35.67 -18.41 -9.75
CA ILE B 403 35.77 -19.82 -10.11
C ILE B 403 36.28 -20.04 -11.53
N GLY B 404 36.41 -18.98 -12.32
CA GLY B 404 36.95 -19.14 -13.66
C GLY B 404 35.97 -19.59 -14.72
N LEU B 405 34.68 -19.41 -14.50
CA LEU B 405 33.64 -19.78 -15.46
C LEU B 405 33.32 -18.67 -16.44
N LEU B 406 34.24 -17.70 -16.61
CA LEU B 406 33.90 -16.48 -17.32
C LEU B 406 35.15 -15.60 -17.47
N PRO B 407 35.25 -14.71 -18.48
CA PRO B 407 36.48 -13.96 -18.70
C PRO B 407 36.90 -13.08 -17.53
N PRO B 408 38.19 -12.71 -17.43
CA PRO B 408 38.66 -11.83 -16.37
C PRO B 408 38.23 -10.40 -16.68
N SER B 409 37.69 -10.18 -17.88
CA SER B 409 37.25 -8.83 -18.30
C SER B 409 35.83 -8.57 -17.82
N PHE B 410 35.43 -7.30 -17.73
CA PHE B 410 34.10 -6.96 -17.17
C PHE B 410 33.05 -7.08 -18.28
N PHE B 411 32.18 -8.10 -18.20
CA PHE B 411 31.11 -8.37 -19.21
C PHE B 411 29.85 -7.73 -18.68
N GLU B 412 29.99 -6.81 -17.73
CA GLU B 412 28.78 -6.27 -17.10
C GLU B 412 28.48 -4.86 -17.60
N ASP B 413 27.22 -4.59 -17.86
CA ASP B 413 26.73 -3.29 -18.27
C ASP B 413 25.36 -3.08 -17.66
N SER B 414 24.98 -1.80 -17.53
CA SER B 414 23.68 -1.47 -16.94
C SER B 414 22.55 -2.26 -17.59
N GLU B 415 22.63 -2.45 -18.91
CA GLU B 415 21.57 -3.14 -19.64
C GLU B 415 21.48 -4.61 -19.23
N THR B 416 22.61 -5.30 -19.17
CA THR B 416 22.62 -6.69 -18.73
C THR B 416 22.11 -6.82 -17.30
N GLU B 417 22.54 -5.89 -16.43
CA GLU B 417 22.06 -5.89 -15.06
C GLU B 417 20.55 -5.77 -15.00
N ILE B 418 19.98 -4.88 -15.82
CA ILE B 418 18.53 -4.70 -15.81
C ILE B 418 17.82 -5.96 -16.31
N ASN B 419 18.37 -6.59 -17.35
CA ASN B 419 17.80 -7.86 -17.82
C ASN B 419 17.75 -8.89 -16.69
N PHE B 420 18.87 -9.06 -15.99
CA PHE B 420 18.96 -10.04 -14.91
C PHE B 420 17.97 -9.70 -13.79
N LEU B 421 18.00 -8.46 -13.32
CA LEU B 421 17.09 -8.02 -12.26
C LEU B 421 15.63 -8.21 -12.67
N LEU B 422 15.32 -8.05 -13.95
CA LEU B 422 13.94 -8.20 -14.42
C LEU B 422 13.51 -9.67 -14.34
N LYS B 423 14.36 -10.57 -14.83
CA LYS B 423 14.02 -12.00 -14.69
C LYS B 423 13.83 -12.36 -13.22
N GLN B 424 14.74 -11.87 -12.38
CA GLN B 424 14.62 -12.08 -10.94
C GLN B 424 13.30 -11.56 -10.41
N ALA B 425 12.89 -10.38 -10.88
CA ALA B 425 11.66 -9.76 -10.40
C ALA B 425 10.44 -10.59 -10.78
N LEU B 426 10.35 -10.97 -12.05
CA LEU B 426 9.26 -11.85 -12.50
C LEU B 426 9.16 -13.08 -11.62
N THR B 427 10.30 -13.70 -11.29
CA THR B 427 10.22 -14.93 -10.51
C THR B 427 9.97 -14.70 -9.02
N ILE B 428 10.30 -13.51 -8.49
CA ILE B 428 10.26 -13.27 -7.05
C ILE B 428 9.13 -12.32 -6.68
N VAL B 429 9.29 -11.08 -7.11
CA VAL B 429 8.28 -10.04 -6.85
C VAL B 429 6.99 -10.45 -7.50
N GLY B 430 7.05 -11.30 -8.51
CA GLY B 430 5.86 -11.86 -9.11
C GLY B 430 5.08 -12.77 -8.18
N THR B 431 5.74 -13.79 -7.63
CA THR B 431 4.99 -14.72 -6.78
C THR B 431 4.57 -14.09 -5.46
N LEU B 432 5.21 -13.00 -5.03
CA LEU B 432 4.82 -12.43 -3.73
C LEU B 432 3.32 -12.10 -3.61
N PRO B 433 2.74 -11.27 -4.49
CA PRO B 433 1.33 -10.90 -4.30
C PRO B 433 0.38 -12.06 -4.38
N PHE B 434 0.62 -12.95 -5.36
CA PHE B 434 -0.22 -14.14 -5.52
C PHE B 434 -0.21 -14.99 -4.26
N THR B 435 0.97 -15.14 -3.65
CA THR B 435 1.08 -15.90 -2.41
C THR B 435 0.25 -15.25 -1.31
N TYR B 436 0.43 -13.94 -1.11
CA TYR B 436 -0.36 -13.23 -0.11
C TYR B 436 -1.85 -13.44 -0.32
N MET B 437 -2.29 -13.30 -1.58
CA MET B 437 -3.70 -13.42 -1.93
C MET B 437 -4.23 -14.81 -1.58
N LEU B 438 -3.53 -15.85 -2.01
CA LEU B 438 -3.99 -17.21 -1.79
C LEU B 438 -4.10 -17.51 -0.30
N GLU B 439 -3.05 -17.19 0.47
CA GLU B 439 -3.10 -17.55 1.88
C GLU B 439 -4.14 -16.72 2.63
N LYS B 440 -4.35 -15.47 2.23
CA LYS B 440 -5.40 -14.67 2.86
C LYS B 440 -6.79 -15.25 2.58
N TRP B 441 -7.04 -15.67 1.33
CA TRP B 441 -8.33 -16.27 1.01
C TRP B 441 -8.56 -17.55 1.82
N ARG B 442 -7.55 -18.41 1.92
CA ARG B 442 -7.72 -19.63 2.71
C ARG B 442 -7.95 -19.32 4.18
N TRP B 443 -7.20 -18.36 4.74
CA TRP B 443 -7.39 -17.98 6.13
C TRP B 443 -8.81 -17.49 6.39
N MET B 444 -9.33 -16.65 5.49
CA MET B 444 -10.68 -16.13 5.67
C MET B 444 -11.72 -17.22 5.51
N VAL B 445 -11.52 -18.14 4.57
CA VAL B 445 -12.46 -19.25 4.36
C VAL B 445 -12.55 -20.12 5.61
N PHE B 446 -11.39 -20.57 6.11
CA PHE B 446 -11.38 -21.39 7.32
C PHE B 446 -11.96 -20.61 8.49
N LYS B 447 -11.56 -19.34 8.63
CA LYS B 447 -12.07 -18.46 9.67
C LYS B 447 -13.56 -18.18 9.53
N GLY B 448 -14.16 -18.54 8.40
CA GLY B 448 -15.59 -18.36 8.22
C GLY B 448 -15.96 -16.92 7.96
N GLU B 449 -15.29 -16.29 7.00
CA GLU B 449 -15.63 -14.95 6.55
C GLU B 449 -16.02 -14.94 5.10
N ILE B 450 -16.06 -16.10 4.44
CA ILE B 450 -16.47 -16.21 3.05
C ILE B 450 -17.48 -17.35 2.96
N PRO B 451 -18.78 -17.06 2.92
CA PRO B 451 -19.77 -18.13 2.72
C PRO B 451 -19.51 -18.82 1.39
N LYS B 452 -19.84 -20.11 1.35
CA LYS B 452 -19.57 -20.90 0.15
C LYS B 452 -20.17 -20.24 -1.09
N ASP B 453 -21.36 -19.66 -0.97
CA ASP B 453 -22.03 -19.02 -2.10
C ASP B 453 -21.18 -17.94 -2.75
N GLN B 454 -20.18 -17.43 -2.02
CA GLN B 454 -19.26 -16.39 -2.57
C GLN B 454 -17.82 -16.91 -2.54
N TRP B 455 -17.64 -18.24 -2.49
CA TRP B 455 -16.28 -18.82 -2.34
C TRP B 455 -15.40 -18.41 -3.52
N MET B 456 -15.85 -18.72 -4.73
CA MET B 456 -15.06 -18.35 -5.95
C MET B 456 -15.27 -16.87 -6.25
N LYS B 457 -16.33 -16.26 -5.72
CA LYS B 457 -16.61 -14.84 -6.03
C LYS B 457 -15.47 -14.00 -5.44
N THR B 458 -15.40 -13.96 -4.12
CA THR B 458 -14.33 -13.17 -3.46
C THR B 458 -13.01 -13.56 -4.10
N TRP B 459 -12.79 -14.85 -4.38
CA TRP B 459 -11.51 -15.26 -4.92
C TRP B 459 -11.11 -14.35 -6.06
N TRP B 460 -11.91 -14.33 -7.13
CA TRP B 460 -11.53 -13.52 -8.27
C TRP B 460 -11.53 -12.04 -7.92
N GLU B 461 -12.45 -11.61 -7.06
CA GLU B 461 -12.43 -10.24 -6.56
C GLU B 461 -11.03 -9.91 -6.05
N MET B 462 -10.50 -10.76 -5.18
CA MET B 462 -9.16 -10.56 -4.66
C MET B 462 -8.12 -10.55 -5.78
N LYS B 463 -8.19 -11.52 -6.69
CA LYS B 463 -7.25 -11.60 -7.79
C LYS B 463 -7.19 -10.31 -8.59
N ARG B 464 -8.15 -9.40 -8.39
CA ARG B 464 -8.15 -8.10 -9.03
C ARG B 464 -7.52 -7.06 -8.12
N ASN B 465 -8.04 -6.93 -6.90
CA ASN B 465 -7.57 -5.89 -5.99
C ASN B 465 -6.14 -6.14 -5.55
N ILE B 466 -5.68 -7.38 -5.62
CA ILE B 466 -4.33 -7.73 -5.16
C ILE B 466 -3.45 -8.05 -6.37
N VAL B 467 -3.62 -9.24 -6.93
CA VAL B 467 -2.73 -9.69 -8.00
C VAL B 467 -2.87 -8.81 -9.24
N GLY B 468 -4.07 -8.33 -9.52
CA GLY B 468 -4.30 -7.58 -10.74
C GLY B 468 -4.50 -8.45 -11.96
N VAL B 469 -5.13 -9.60 -11.80
CA VAL B 469 -5.43 -10.52 -12.88
C VAL B 469 -6.95 -10.68 -12.96
N VAL B 470 -7.46 -10.92 -14.16
CA VAL B 470 -8.89 -11.03 -14.41
C VAL B 470 -9.17 -12.41 -15.00
N GLU B 471 -10.38 -12.89 -14.75
CA GLU B 471 -10.79 -14.22 -15.26
C GLU B 471 -11.03 -14.12 -16.76
N PRO B 472 -10.41 -14.96 -17.60
CA PRO B 472 -10.71 -14.95 -19.03
C PRO B 472 -12.18 -15.33 -19.22
N VAL B 473 -12.56 -16.54 -18.81
CA VAL B 473 -13.96 -17.01 -18.96
C VAL B 473 -14.61 -16.91 -17.59
N PRO B 474 -15.73 -16.19 -17.43
CA PRO B 474 -16.32 -16.02 -16.10
C PRO B 474 -16.65 -17.36 -15.47
N HIS B 475 -16.45 -17.44 -14.15
CA HIS B 475 -16.65 -18.68 -13.41
C HIS B 475 -17.67 -18.47 -12.31
N ASP B 476 -18.50 -19.49 -12.09
CA ASP B 476 -19.53 -19.45 -11.07
C ASP B 476 -18.99 -20.09 -9.79
N GLU B 477 -19.88 -20.53 -8.91
CA GLU B 477 -19.49 -21.18 -7.67
C GLU B 477 -19.49 -22.70 -7.77
N THR B 478 -19.78 -23.25 -8.96
CA THR B 478 -19.58 -24.66 -9.20
C THR B 478 -18.10 -24.98 -9.37
N TYR B 479 -17.32 -24.01 -9.84
CA TYR B 479 -15.89 -24.18 -9.98
C TYR B 479 -15.22 -24.14 -8.61
N CYS B 480 -13.94 -24.46 -8.60
CA CYS B 480 -13.11 -24.31 -7.41
C CYS B 480 -11.66 -24.14 -7.85
N ASP B 481 -11.40 -23.09 -8.64
CA ASP B 481 -10.06 -22.81 -9.15
C ASP B 481 -8.96 -22.83 -8.09
N PRO B 482 -9.17 -22.34 -6.86
CA PRO B 482 -8.11 -22.46 -5.84
C PRO B 482 -7.55 -23.86 -5.68
N ALA B 483 -8.39 -24.90 -5.76
CA ALA B 483 -7.94 -26.29 -5.60
C ALA B 483 -6.99 -26.74 -6.69
N SER B 484 -6.93 -26.01 -7.82
CA SER B 484 -6.08 -26.37 -8.95
C SER B 484 -4.59 -26.29 -8.62
N LEU B 485 -4.21 -25.68 -7.51
CA LEU B 485 -2.81 -25.58 -7.13
C LEU B 485 -2.46 -26.77 -6.24
N PHE B 486 -1.39 -27.49 -6.61
CA PHE B 486 -0.97 -28.67 -5.86
C PHE B 486 -0.91 -28.39 -4.37
N HIS B 487 -0.26 -27.29 -3.98
CA HIS B 487 -0.12 -26.92 -2.58
C HIS B 487 -1.45 -26.63 -1.90
N VAL B 488 -2.56 -26.60 -2.64
CA VAL B 488 -3.88 -26.36 -2.08
C VAL B 488 -4.69 -27.65 -1.98
N ALA B 489 -4.76 -28.37 -3.09
CA ALA B 489 -5.51 -29.64 -3.09
C ALA B 489 -4.75 -30.64 -2.23
N ASN B 490 -3.49 -30.36 -1.93
CA ASN B 490 -2.66 -31.36 -1.19
C ASN B 490 -2.46 -30.91 0.26
N ASP B 491 -3.22 -29.91 0.71
CA ASP B 491 -3.20 -29.48 2.13
C ASP B 491 -1.84 -28.94 2.56
N TYR B 492 -1.14 -28.21 1.68
CA TYR B 492 0.13 -27.62 2.18
C TYR B 492 -0.01 -26.11 2.42
N SER B 493 0.77 -25.61 3.37
CA SER B 493 0.83 -24.16 3.67
C SER B 493 1.36 -23.41 2.46
N PHE B 494 1.19 -22.08 2.42
CA PHE B 494 1.75 -21.32 1.31
C PHE B 494 2.41 -20.03 1.73
N ILE B 495 2.17 -19.53 2.94
CA ILE B 495 2.82 -18.32 3.43
C ILE B 495 4.33 -18.48 3.50
N ARG B 496 4.82 -19.73 3.55
CA ARG B 496 6.25 -20.00 3.62
C ARG B 496 7.01 -19.27 2.52
N TYR B 497 6.44 -19.19 1.33
CA TYR B 497 7.15 -18.59 0.21
C TYR B 497 7.24 -17.08 0.36
N TYR B 498 6.17 -16.44 0.83
CA TYR B 498 6.22 -15.02 1.16
C TYR B 498 7.28 -14.72 2.22
N THR B 499 7.25 -15.48 3.32
CA THR B 499 8.22 -15.24 4.39
C THR B 499 9.64 -15.50 3.92
N ARG B 500 9.86 -16.58 3.19
CA ARG B 500 11.18 -16.87 2.62
C ARG B 500 11.69 -15.71 1.79
N THR B 501 10.84 -15.22 0.89
CA THR B 501 11.24 -14.12 0.03
C THR B 501 11.65 -12.91 0.84
N ILE B 502 10.90 -12.56 1.87
CA ILE B 502 11.26 -11.36 2.62
C ILE B 502 12.51 -11.60 3.46
N TYR B 503 12.65 -12.81 4.01
CA TYR B 503 13.79 -13.08 4.90
C TYR B 503 15.10 -13.07 4.14
N GLN B 504 15.15 -13.78 3.01
CA GLN B 504 16.43 -14.05 2.35
C GLN B 504 17.19 -12.77 2.04
N PHE B 505 16.48 -11.71 1.66
CA PHE B 505 17.17 -10.46 1.34
C PHE B 505 17.63 -9.72 2.60
N GLN B 506 16.88 -9.81 3.70
CA GLN B 506 17.39 -9.31 4.97
C GLN B 506 18.72 -9.98 5.31
N PHE B 507 18.72 -11.32 5.28
CA PHE B 507 19.94 -12.08 5.58
C PHE B 507 21.09 -11.66 4.67
N GLN B 508 20.82 -11.62 3.37
CA GLN B 508 21.87 -11.30 2.41
C GLN B 508 22.43 -9.90 2.67
N GLU B 509 21.57 -8.93 2.93
CA GLU B 509 22.05 -7.58 3.19
C GLU B 509 22.88 -7.51 4.45
N ALA B 510 22.46 -8.22 5.50
CA ALA B 510 23.24 -8.23 6.74
C ALA B 510 24.62 -8.83 6.50
N LEU B 511 24.66 -10.03 5.92
CA LEU B 511 25.93 -10.71 5.68
C LEU B 511 26.84 -9.90 4.77
N CYS B 512 26.26 -9.18 3.80
CA CYS B 512 27.07 -8.34 2.93
C CYS B 512 27.62 -7.14 3.68
N GLN B 513 26.73 -6.45 4.39
CA GLN B 513 27.15 -5.29 5.21
C GLN B 513 28.35 -5.72 6.04
N ILE B 514 28.46 -7.02 6.31
CA ILE B 514 29.56 -7.52 7.18
C ILE B 514 30.83 -7.61 6.35
N ALA B 515 30.72 -8.16 5.14
CA ALA B 515 31.90 -8.32 4.27
C ALA B 515 32.33 -6.93 3.78
N LYS B 516 31.68 -5.90 4.27
CA LYS B 516 32.06 -4.51 3.91
C LYS B 516 31.81 -4.29 2.41
N HIS B 517 31.18 -5.26 1.72
CA HIS B 517 30.88 -5.05 0.32
C HIS B 517 30.20 -3.70 0.13
N GLU B 518 30.62 -2.99 -0.91
CA GLU B 518 30.07 -1.68 -1.21
C GLU B 518 29.54 -1.68 -2.63
N GLY B 519 28.48 -0.91 -2.85
CA GLY B 519 27.81 -0.91 -4.12
C GLY B 519 26.50 -1.66 -4.04
N PRO B 520 25.89 -1.90 -5.21
CA PRO B 520 24.56 -2.54 -5.24
C PRO B 520 24.56 -3.89 -4.55
N LEU B 521 23.47 -4.17 -3.84
CA LEU B 521 23.33 -5.45 -3.16
C LEU B 521 23.17 -6.60 -4.14
N HIS B 522 22.71 -6.34 -5.37
CA HIS B 522 22.57 -7.41 -6.36
C HIS B 522 23.92 -7.90 -6.89
N LYS B 523 25.03 -7.31 -6.46
CA LYS B 523 26.36 -7.75 -6.90
C LYS B 523 27.21 -8.29 -5.75
N CYS B 524 26.61 -8.52 -4.58
CA CYS B 524 27.38 -8.88 -3.40
C CYS B 524 27.68 -10.37 -3.35
N ASP B 525 28.94 -10.72 -3.11
CA ASP B 525 29.39 -12.09 -2.95
C ASP B 525 30.02 -12.23 -1.57
N ILE B 526 29.40 -13.08 -0.73
CA ILE B 526 29.90 -13.27 0.63
C ILE B 526 31.16 -14.11 0.69
N SER B 527 31.61 -14.65 -0.45
CA SER B 527 32.80 -15.49 -0.48
C SER B 527 33.97 -14.81 0.21
N ASN B 528 34.76 -15.60 0.96
CA ASN B 528 35.96 -15.13 1.63
C ASN B 528 35.65 -14.06 2.68
N SER B 529 34.55 -14.24 3.40
CA SER B 529 34.20 -13.32 4.50
C SER B 529 33.84 -14.20 5.70
N SER B 530 34.87 -14.59 6.47
CA SER B 530 34.66 -15.49 7.59
C SER B 530 33.68 -14.91 8.60
N GLU B 531 33.71 -13.59 8.80
CA GLU B 531 32.79 -12.95 9.74
C GLU B 531 31.33 -13.23 9.39
N ALA B 532 31.02 -13.15 8.09
CA ALA B 532 29.67 -13.46 7.63
C ALA B 532 29.29 -14.89 7.97
N GLY B 533 30.22 -15.83 7.72
CA GLY B 533 29.96 -17.21 8.07
C GLY B 533 29.77 -17.42 9.55
N GLN B 534 30.47 -16.63 10.37
CA GLN B 534 30.28 -16.72 11.81
C GLN B 534 28.88 -16.26 12.20
N LYS B 535 28.44 -15.13 11.64
CA LYS B 535 27.06 -14.69 11.89
C LYS B 535 26.06 -15.78 11.53
N LEU B 536 26.18 -16.29 10.31
CA LEU B 536 25.24 -17.29 9.83
C LEU B 536 25.26 -18.53 10.72
N LEU B 537 26.46 -19.04 11.03
CA LEU B 537 26.60 -20.19 11.93
C LEU B 537 25.96 -19.94 13.29
N GLU B 538 26.20 -18.76 13.87
CA GLU B 538 25.63 -18.46 15.17
C GLU B 538 24.11 -18.46 15.13
N MET B 539 23.52 -18.23 13.96
CA MET B 539 22.08 -18.45 13.87
C MET B 539 21.71 -19.91 13.56
N LEU B 540 22.47 -20.58 12.70
CA LEU B 540 22.11 -21.93 12.25
C LEU B 540 22.23 -22.95 13.38
N LYS B 541 23.21 -22.78 14.27
CA LYS B 541 23.39 -23.69 15.38
C LYS B 541 22.20 -23.68 16.33
N LEU B 542 21.50 -22.54 16.40
CA LEU B 542 20.35 -22.42 17.28
C LEU B 542 19.26 -23.43 16.92
N GLY B 543 19.19 -23.84 15.65
CA GLY B 543 18.09 -24.69 15.23
C GLY B 543 16.77 -23.98 15.43
N LYS B 544 15.80 -24.68 16.02
CA LYS B 544 14.59 -24.05 16.52
C LYS B 544 14.61 -23.94 18.04
N SER B 545 15.78 -24.09 18.66
CA SER B 545 15.88 -24.00 20.12
C SER B 545 15.45 -22.63 20.62
N LYS B 546 15.96 -21.59 20.02
CA LYS B 546 15.65 -20.23 20.43
C LYS B 546 14.49 -19.66 19.61
N PRO B 547 13.84 -18.60 20.10
CA PRO B 547 12.77 -17.97 19.33
C PRO B 547 13.24 -17.57 17.94
N TRP B 548 12.38 -17.78 16.94
CA TRP B 548 12.77 -17.45 15.57
C TRP B 548 13.15 -15.98 15.45
N THR B 549 12.45 -15.11 16.19
CA THR B 549 12.79 -13.70 16.22
C THR B 549 14.23 -13.49 16.68
N TYR B 550 14.67 -14.26 17.68
CA TYR B 550 16.03 -14.10 18.20
C TYR B 550 17.07 -14.51 17.17
N ALA B 551 16.81 -15.60 16.44
CA ALA B 551 17.71 -16.02 15.38
C ALA B 551 17.84 -14.93 14.32
N LEU B 552 16.70 -14.43 13.85
CA LEU B 552 16.73 -13.32 12.89
C LEU B 552 17.52 -12.15 13.45
N GLU B 553 17.28 -11.80 14.73
CA GLU B 553 17.95 -10.66 15.32
C GLU B 553 19.46 -10.84 15.33
N ILE B 554 19.93 -12.06 15.63
CA ILE B 554 21.36 -12.32 15.57
C ILE B 554 21.89 -12.02 14.18
N VAL B 555 21.24 -12.55 13.15
CA VAL B 555 21.81 -12.37 11.81
C VAL B 555 21.73 -10.91 11.37
N VAL B 556 20.54 -10.32 11.44
CA VAL B 556 20.31 -8.99 10.87
C VAL B 556 20.39 -7.90 11.94
N GLY B 557 19.57 -8.00 12.98
CA GLY B 557 19.46 -6.94 13.98
C GLY B 557 18.04 -6.43 14.18
N ALA B 558 17.06 -7.19 13.68
CA ALA B 558 15.65 -6.84 13.81
C ALA B 558 14.86 -8.05 14.26
N LYS B 559 13.85 -7.81 15.10
CA LYS B 559 13.02 -8.87 15.65
C LYS B 559 11.81 -9.18 14.80
N ASN B 560 11.75 -8.70 13.56
CA ASN B 560 10.53 -8.84 12.78
C ASN B 560 10.87 -8.67 11.30
N MET B 561 9.90 -9.05 10.46
CA MET B 561 10.07 -9.03 9.01
C MET B 561 10.18 -7.60 8.51
N ASP B 562 11.01 -7.38 7.49
CA ASP B 562 11.20 -6.05 6.91
C ASP B 562 11.54 -6.19 5.43
N VAL B 563 10.88 -5.38 4.60
CA VAL B 563 11.08 -5.45 3.15
C VAL B 563 12.07 -4.44 2.61
N ARG B 564 12.55 -3.52 3.44
CA ARG B 564 13.57 -2.57 3.00
C ARG B 564 14.74 -3.23 2.30
N PRO B 565 15.30 -4.36 2.79
CA PRO B 565 16.32 -5.06 2.00
C PRO B 565 15.87 -5.44 0.60
N LEU B 566 14.68 -6.01 0.48
CA LEU B 566 14.16 -6.39 -0.82
C LEU B 566 14.15 -5.20 -1.78
N LEU B 567 13.46 -4.13 -1.37
CA LEU B 567 13.36 -2.95 -2.21
C LEU B 567 14.73 -2.40 -2.58
N ASN B 568 15.69 -2.50 -1.67
CA ASN B 568 17.06 -2.09 -2.00
C ASN B 568 17.64 -2.99 -3.09
N TYR B 569 17.45 -4.30 -2.98
CA TYR B 569 18.04 -5.23 -3.94
C TYR B 569 17.56 -4.96 -5.35
N PHE B 570 16.30 -4.53 -5.51
CA PHE B 570 15.72 -4.23 -6.82
C PHE B 570 15.64 -2.74 -7.13
N GLU B 571 16.23 -1.88 -6.30
CA GLU B 571 16.13 -0.44 -6.51
C GLU B 571 16.54 0.01 -7.91
N PRO B 572 17.68 -0.43 -8.48
CA PRO B 572 17.99 -0.05 -9.88
C PRO B 572 16.86 -0.39 -10.84
N LEU B 573 16.38 -1.63 -10.77
CA LEU B 573 15.25 -2.04 -11.60
C LEU B 573 14.03 -1.19 -11.32
N PHE B 574 13.79 -0.85 -10.06
CA PHE B 574 12.65 0.00 -9.72
C PHE B 574 12.69 1.31 -10.50
N THR B 575 13.82 2.01 -10.46
CA THR B 575 13.88 3.31 -11.12
C THR B 575 13.80 3.18 -12.64
N TRP B 576 14.48 2.17 -13.21
CA TRP B 576 14.40 2.00 -14.66
C TRP B 576 12.95 1.74 -15.08
N LEU B 577 12.26 0.88 -14.32
CA LEU B 577 10.84 0.61 -14.56
C LEU B 577 10.02 1.89 -14.46
N LYS B 578 10.33 2.73 -13.49
CA LYS B 578 9.57 3.97 -13.30
C LYS B 578 9.66 4.85 -14.53
N GLU B 579 10.88 5.10 -15.01
CA GLU B 579 11.02 5.91 -16.21
C GLU B 579 10.35 5.24 -17.41
N GLN B 580 10.54 3.93 -17.57
CA GLN B 580 9.91 3.24 -18.67
C GLN B 580 8.40 3.20 -18.55
N ASN B 581 7.88 3.69 -17.43
CA ASN B 581 6.41 3.71 -17.22
C ASN B 581 5.93 5.16 -17.14
N ARG B 582 6.84 6.13 -17.24
CA ARG B 582 6.46 7.55 -17.13
C ARG B 582 5.27 7.84 -18.03
N ASN B 583 5.30 7.31 -19.24
CA ASN B 583 4.22 7.63 -20.22
C ASN B 583 3.25 6.46 -20.27
N SER B 584 2.90 5.92 -19.11
CA SER B 584 1.92 4.80 -19.06
C SER B 584 1.08 4.90 -17.79
N PHE B 585 0.13 3.98 -17.61
CA PHE B 585 -0.71 3.98 -16.42
C PHE B 585 -0.20 2.92 -15.45
N VAL B 586 0.18 3.36 -14.25
CA VAL B 586 0.65 2.47 -13.19
C VAL B 586 -0.53 2.21 -12.27
N GLY B 587 -1.14 1.05 -12.41
CA GLY B 587 -2.30 0.68 -11.62
C GLY B 587 -3.15 -0.30 -12.41
N TRP B 588 -4.38 -0.52 -11.91
CA TRP B 588 -5.31 -1.45 -12.58
C TRP B 588 -6.75 -1.19 -12.11
N ASN B 589 -7.74 -1.38 -12.98
CA ASN B 589 -9.16 -1.12 -12.64
C ASN B 589 -9.95 -2.43 -12.55
N THR B 590 -10.45 -2.77 -11.36
CA THR B 590 -11.27 -4.00 -11.20
C THR B 590 -12.50 -3.93 -12.11
N ASP B 591 -12.89 -2.72 -12.53
CA ASP B 591 -14.05 -2.55 -13.45
C ASP B 591 -13.71 -3.11 -14.82
N THR C 1 -30.93 76.78 -43.21
CA THR C 1 -30.96 75.43 -42.64
C THR C 1 -30.49 75.47 -41.18
N ASN C 2 -31.27 74.87 -40.29
CA ASN C 2 -31.00 74.91 -38.86
C ASN C 2 -30.41 73.59 -38.37
N LEU C 3 -29.46 73.68 -37.43
CA LEU C 3 -28.72 72.50 -36.98
C LEU C 3 -29.64 71.50 -36.27
N CYS C 4 -29.57 70.22 -36.68
CA CYS C 4 -30.34 69.16 -36.05
C CYS C 4 -29.81 68.92 -34.64
N PRO C 5 -30.51 69.39 -33.62
CA PRO C 5 -29.97 69.26 -32.27
C PRO C 5 -30.12 67.83 -31.78
N PHE C 6 -29.15 66.99 -32.16
CA PHE C 6 -29.18 65.60 -31.65
C PHE C 6 -29.25 65.66 -30.13
N GLY C 7 -28.95 66.83 -29.57
CA GLY C 7 -28.97 66.97 -28.11
C GLY C 7 -30.14 66.23 -27.51
N GLU C 8 -31.34 66.47 -28.01
CA GLU C 8 -32.56 65.83 -27.47
C GLU C 8 -32.42 64.31 -27.64
N VAL C 9 -31.89 63.86 -28.78
CA VAL C 9 -31.76 62.40 -29.04
C VAL C 9 -30.69 61.80 -28.13
N PHE C 10 -29.53 62.44 -27.99
CA PHE C 10 -28.43 61.81 -27.21
C PHE C 10 -28.58 62.14 -25.72
N ASN C 11 -28.54 63.42 -25.35
CA ASN C 11 -28.70 63.81 -23.93
C ASN C 11 -30.18 63.77 -23.56
N ALA C 12 -30.56 63.02 -22.53
CA ALA C 12 -31.99 62.93 -22.25
C ALA C 12 -32.20 62.55 -20.80
N THR C 13 -33.35 62.97 -20.26
CA THR C 13 -33.72 62.64 -18.90
C THR C 13 -33.69 61.13 -18.69
N ARG C 14 -34.29 60.38 -19.59
CA ARG C 14 -34.40 58.93 -19.46
C ARG C 14 -34.34 58.31 -20.85
N PHE C 15 -33.94 57.06 -20.90
CA PHE C 15 -33.93 56.28 -22.12
C PHE C 15 -34.91 55.13 -21.99
N ALA C 16 -35.40 54.65 -23.13
CA ALA C 16 -36.40 53.60 -23.14
C ALA C 16 -35.75 52.22 -23.17
N SER C 17 -36.45 51.25 -22.60
CA SER C 17 -36.00 49.88 -22.65
C SER C 17 -35.95 49.40 -24.10
N VAL C 18 -35.12 48.38 -24.34
CA VAL C 18 -34.88 47.94 -25.71
C VAL C 18 -36.17 47.43 -26.35
N TYR C 19 -37.03 46.78 -25.56
CA TYR C 19 -38.30 46.31 -26.11
C TYR C 19 -39.16 47.46 -26.58
N ALA C 20 -38.88 48.69 -26.15
CA ALA C 20 -39.57 49.88 -26.62
C ALA C 20 -38.57 50.87 -27.22
N TRP C 21 -37.83 50.44 -28.24
CA TRP C 21 -36.79 51.28 -28.82
C TRP C 21 -37.36 52.54 -29.45
N ASN C 22 -37.02 53.71 -28.90
CA ASN C 22 -37.68 54.94 -29.33
C ASN C 22 -37.10 55.43 -30.65
N ARG C 23 -37.97 55.91 -31.54
CA ARG C 23 -37.55 56.41 -32.84
C ARG C 23 -38.01 57.85 -33.03
N LYS C 24 -37.06 58.72 -33.37
CA LYS C 24 -37.31 60.12 -33.66
C LYS C 24 -36.93 60.42 -35.11
N ARG C 25 -37.73 61.22 -35.80
CA ARG C 25 -37.47 61.52 -37.21
C ARG C 25 -36.69 62.83 -37.33
N ILE C 26 -35.41 62.70 -37.67
CA ILE C 26 -34.59 63.82 -38.10
C ILE C 26 -34.95 64.15 -39.55
N SER C 27 -35.33 65.41 -39.76
CA SER C 27 -35.84 65.95 -41.02
C SER C 27 -35.95 67.46 -40.87
N ASN C 28 -35.96 68.15 -42.02
CA ASN C 28 -36.11 69.61 -42.10
C ASN C 28 -35.06 70.34 -41.25
N CYS C 29 -33.84 69.80 -41.29
CA CYS C 29 -32.74 70.42 -40.52
C CYS C 29 -31.39 69.98 -41.10
N VAL C 30 -30.29 70.45 -40.51
CA VAL C 30 -28.92 70.10 -40.99
C VAL C 30 -28.15 69.46 -39.85
N ALA C 31 -27.34 68.42 -40.12
CA ALA C 31 -26.69 67.72 -38.99
C ALA C 31 -25.34 67.11 -39.39
N ASP C 32 -24.26 67.60 -38.77
CA ASP C 32 -22.89 67.13 -39.09
C ASP C 32 -22.63 65.80 -38.36
N TYR C 33 -21.43 65.21 -38.51
CA TYR C 33 -21.06 63.93 -37.87
C TYR C 33 -19.65 64.07 -37.30
N SER C 34 -18.77 64.76 -38.02
CA SER C 34 -17.44 65.04 -37.44
C SER C 34 -17.67 65.53 -36.01
N VAL C 35 -18.48 66.58 -35.88
CA VAL C 35 -18.83 67.12 -34.53
C VAL C 35 -19.20 65.97 -33.61
N LEU C 36 -19.95 64.97 -34.11
CA LEU C 36 -20.36 63.93 -33.18
C LEU C 36 -19.14 63.19 -32.64
N TYR C 37 -18.26 62.74 -33.53
CA TYR C 37 -17.02 62.13 -33.01
C TYR C 37 -16.33 63.18 -32.14
N ASN C 38 -16.42 64.44 -32.53
CA ASN C 38 -15.85 65.50 -31.67
C ASN C 38 -16.50 65.41 -30.28
N SER C 39 -17.82 65.22 -30.22
CA SER C 39 -18.50 65.06 -28.91
C SER C 39 -17.76 63.99 -28.11
N ALA C 40 -17.14 63.02 -28.80
CA ALA C 40 -16.31 61.99 -28.12
C ALA C 40 -17.06 61.33 -26.96
N SER C 41 -16.31 60.74 -26.03
CA SER C 41 -16.94 60.03 -24.88
C SER C 41 -17.87 58.92 -25.40
N PHE C 42 -17.61 58.43 -26.61
CA PHE C 42 -18.50 57.40 -27.20
C PHE C 42 -17.75 56.08 -27.23
N SER C 43 -18.24 55.09 -26.49
CA SER C 43 -17.54 53.82 -26.42
C SER C 43 -17.53 53.12 -27.77
N THR C 44 -18.64 53.18 -28.51
CA THR C 44 -18.71 52.54 -29.83
C THR C 44 -19.39 53.47 -30.81
N PHE C 45 -18.71 53.78 -31.92
CA PHE C 45 -19.21 54.71 -32.93
C PHE C 45 -18.95 54.08 -34.31
N LYS C 46 -19.78 53.11 -34.68
CA LYS C 46 -19.61 52.36 -35.92
C LYS C 46 -20.76 52.66 -36.86
N CYS C 47 -20.45 53.23 -38.02
CA CYS C 47 -21.44 53.52 -39.05
C CYS C 47 -21.28 52.53 -40.20
N TYR C 48 -22.39 51.89 -40.56
CA TYR C 48 -22.37 50.84 -41.57
C TYR C 48 -23.02 51.35 -42.84
N GLY C 49 -22.55 50.82 -43.98
CA GLY C 49 -23.10 51.20 -45.27
C GLY C 49 -22.86 52.64 -45.67
N VAL C 50 -21.69 53.18 -45.33
CA VAL C 50 -21.33 54.55 -45.71
C VAL C 50 -19.86 54.75 -45.39
N SER C 51 -19.23 55.71 -46.08
CA SER C 51 -17.85 56.05 -45.83
C SER C 51 -17.71 56.79 -44.50
N PRO C 52 -16.50 56.78 -43.88
CA PRO C 52 -16.36 57.39 -42.54
C PRO C 52 -16.91 58.80 -42.42
N THR C 53 -16.46 59.74 -43.26
CA THR C 53 -17.00 61.09 -43.22
C THR C 53 -17.28 61.64 -44.63
N LYS C 54 -17.45 60.77 -45.63
CA LYS C 54 -17.88 61.23 -46.94
C LYS C 54 -19.26 61.85 -46.92
N LEU C 55 -19.99 61.72 -45.82
CA LEU C 55 -21.32 62.27 -45.73
C LEU C 55 -21.32 63.57 -44.93
N ASN C 56 -20.18 63.91 -44.31
CA ASN C 56 -20.03 65.05 -43.41
C ASN C 56 -20.82 66.27 -43.85
N ASP C 57 -20.71 66.62 -45.14
CA ASP C 57 -21.56 67.64 -45.76
C ASP C 57 -22.21 66.99 -46.97
N LEU C 58 -23.25 66.19 -46.72
CA LEU C 58 -23.98 65.50 -47.76
C LEU C 58 -25.44 65.45 -47.34
N CYS C 59 -26.31 64.96 -48.24
CA CYS C 59 -27.76 64.91 -47.95
C CYS C 59 -28.29 63.48 -48.09
N PHE C 60 -29.28 63.11 -47.27
CA PHE C 60 -29.87 61.75 -47.31
C PHE C 60 -31.38 61.84 -47.12
N THR C 61 -32.06 60.69 -47.05
CA THR C 61 -33.54 60.69 -46.91
C THR C 61 -33.92 60.78 -45.43
N ASN C 62 -35.15 60.37 -45.07
CA ASN C 62 -35.61 60.52 -43.67
C ASN C 62 -34.59 59.84 -42.75
N VAL C 63 -34.04 60.60 -41.81
CA VAL C 63 -33.07 60.02 -40.83
C VAL C 63 -33.83 59.67 -39.56
N TYR C 64 -33.72 58.42 -39.12
CA TYR C 64 -34.45 57.99 -37.91
C TYR C 64 -33.48 57.64 -36.80
N ALA C 65 -33.69 58.20 -35.62
CA ALA C 65 -32.81 58.00 -34.49
C ALA C 65 -33.50 57.11 -33.46
N ASP C 66 -33.02 55.88 -33.34
CA ASP C 66 -33.54 54.92 -32.38
C ASP C 66 -32.64 54.89 -31.15
N SER C 67 -33.26 54.90 -29.97
CA SER C 67 -32.55 54.99 -28.71
C SER C 67 -33.05 53.92 -27.76
N PHE C 68 -32.12 53.27 -27.07
CA PHE C 68 -32.45 52.26 -26.06
C PHE C 68 -31.24 52.04 -25.17
N VAL C 69 -31.48 51.42 -24.01
CA VAL C 69 -30.44 51.10 -23.04
C VAL C 69 -30.31 49.59 -22.96
N ILE C 70 -29.08 49.08 -23.10
CA ILE C 70 -28.81 47.65 -23.05
C ILE C 70 -27.53 47.41 -22.25
N ARG C 71 -27.13 46.14 -22.18
CA ARG C 71 -25.87 45.80 -21.52
C ARG C 71 -24.70 45.96 -22.48
N GLY C 72 -23.52 46.21 -21.91
CA GLY C 72 -22.32 46.27 -22.72
C GLY C 72 -22.10 45.01 -23.53
N ASP C 73 -22.26 43.85 -22.89
CA ASP C 73 -22.12 42.57 -23.58
C ASP C 73 -23.07 42.44 -24.75
N GLU C 74 -24.19 43.17 -24.74
CA GLU C 74 -25.18 43.11 -25.80
C GLU C 74 -24.94 44.16 -26.88
N VAL C 75 -23.96 45.05 -26.69
CA VAL C 75 -23.69 46.10 -27.66
C VAL C 75 -23.33 45.52 -29.01
N ARG C 76 -22.60 44.40 -28.97
CA ARG C 76 -22.24 43.71 -30.23
C ARG C 76 -23.51 43.30 -30.94
N GLN C 77 -24.55 42.96 -30.18
CA GLN C 77 -25.79 42.41 -30.77
C GLN C 77 -26.40 43.43 -31.73
N ILE C 78 -26.02 44.70 -31.61
CA ILE C 78 -26.66 45.79 -32.40
C ILE C 78 -25.86 46.00 -33.69
N ALA C 79 -25.91 45.02 -34.58
CA ALA C 79 -25.14 45.14 -35.83
C ALA C 79 -25.66 44.13 -36.84
N PRO C 80 -25.57 44.43 -38.15
CA PRO C 80 -25.98 43.48 -39.15
C PRO C 80 -25.34 42.12 -38.90
N GLY C 81 -26.13 41.04 -38.96
CA GLY C 81 -25.59 39.68 -38.85
C GLY C 81 -25.64 39.09 -37.46
N GLN C 82 -25.99 39.88 -36.45
CA GLN C 82 -25.93 39.29 -35.12
C GLN C 82 -27.10 38.33 -34.89
N THR C 83 -26.90 37.41 -33.93
CA THR C 83 -27.87 36.36 -33.66
C THR C 83 -28.11 36.18 -32.16
N GLY C 84 -27.99 37.25 -31.38
CA GLY C 84 -28.23 37.16 -29.94
C GLY C 84 -29.69 37.40 -29.57
N LYS C 85 -29.94 37.43 -28.25
CA LYS C 85 -31.31 37.63 -27.75
C LYS C 85 -31.83 39.01 -28.12
N ILE C 86 -31.05 40.06 -27.80
CA ILE C 86 -31.46 41.43 -28.10
C ILE C 86 -31.76 41.58 -29.58
N ALA C 87 -30.92 41.00 -30.43
CA ALA C 87 -31.11 41.11 -31.86
C ALA C 87 -32.35 40.37 -32.33
N ASP C 88 -32.58 39.16 -31.83
CA ASP C 88 -33.70 38.36 -32.34
C ASP C 88 -35.05 38.86 -31.83
N TYR C 89 -35.15 39.27 -30.58
CA TYR C 89 -36.49 39.61 -30.04
C TYR C 89 -36.55 40.97 -29.33
N ASN C 90 -35.64 41.89 -29.61
CA ASN C 90 -35.79 43.22 -28.97
C ASN C 90 -35.55 44.32 -30.01
N TYR C 91 -34.48 44.20 -30.80
CA TYR C 91 -34.21 45.17 -31.90
C TYR C 91 -33.29 44.49 -32.90
N LYS C 92 -33.60 44.58 -34.19
CA LYS C 92 -32.79 43.83 -35.18
C LYS C 92 -32.46 44.71 -36.38
N LEU C 93 -31.18 45.00 -36.58
CA LEU C 93 -30.77 45.76 -37.76
C LEU C 93 -30.72 44.86 -38.98
N PRO C 94 -30.91 45.42 -40.17
CA PRO C 94 -30.91 44.60 -41.39
C PRO C 94 -29.49 44.22 -41.81
N ASP C 95 -29.42 43.18 -42.63
CA ASP C 95 -28.15 42.70 -43.17
C ASP C 95 -27.51 43.70 -44.13
N ASP C 96 -28.23 44.74 -44.53
CA ASP C 96 -27.76 45.76 -45.46
C ASP C 96 -27.87 47.14 -44.84
N PHE C 97 -27.61 47.25 -43.54
CA PHE C 97 -27.79 48.51 -42.85
C PHE C 97 -26.88 49.59 -43.44
N THR C 98 -27.41 50.80 -43.52
CA THR C 98 -26.70 51.94 -44.09
C THR C 98 -26.79 53.15 -43.17
N GLY C 99 -26.49 52.95 -41.89
CA GLY C 99 -26.58 54.02 -40.92
C GLY C 99 -25.42 54.10 -39.94
N CYS C 100 -25.74 54.16 -38.65
CA CYS C 100 -24.76 54.42 -37.60
C CYS C 100 -25.22 53.77 -36.31
N VAL C 101 -24.26 53.46 -35.45
CA VAL C 101 -24.51 52.88 -34.13
C VAL C 101 -23.57 53.55 -33.15
N ILE C 102 -24.12 54.21 -32.14
CA ILE C 102 -23.34 54.94 -31.15
C ILE C 102 -23.74 54.44 -29.77
N ALA C 103 -22.76 54.37 -28.87
CA ALA C 103 -23.02 53.79 -27.55
C ALA C 103 -22.01 54.29 -26.55
N TRP C 104 -22.50 54.56 -25.33
CA TRP C 104 -21.69 55.09 -24.24
C TRP C 104 -22.16 54.55 -22.89
N ASN C 105 -21.22 54.29 -22.00
CA ASN C 105 -21.54 53.77 -20.68
C ASN C 105 -22.39 54.75 -19.90
N SER C 106 -23.53 54.28 -19.40
CA SER C 106 -24.44 55.09 -18.61
C SER C 106 -24.54 54.62 -17.16
N ASN C 107 -23.45 54.08 -16.62
CA ASN C 107 -23.51 53.58 -15.25
C ASN C 107 -23.78 54.67 -14.24
N ASN C 108 -23.33 55.89 -14.53
CA ASN C 108 -23.48 57.00 -13.58
C ASN C 108 -24.94 57.40 -13.39
N LEU C 109 -25.79 57.18 -14.39
CA LEU C 109 -27.16 57.70 -14.36
C LEU C 109 -28.23 56.61 -14.35
N ASP C 110 -28.13 55.62 -15.25
CA ASP C 110 -29.16 54.61 -15.38
C ASP C 110 -29.04 53.49 -14.35
N SER C 111 -28.11 53.62 -13.40
CA SER C 111 -27.93 52.64 -12.35
C SER C 111 -28.06 53.32 -10.98
N LYS C 112 -28.58 52.56 -10.03
CA LYS C 112 -28.73 53.04 -8.66
C LYS C 112 -28.57 51.84 -7.71
N VAL C 113 -28.22 52.16 -6.47
CA VAL C 113 -28.15 51.13 -5.45
C VAL C 113 -29.56 50.60 -5.21
N GLY C 114 -29.64 49.33 -4.79
CA GLY C 114 -30.89 48.62 -4.77
C GLY C 114 -31.31 48.08 -6.12
N GLY C 115 -30.61 48.46 -7.18
CA GLY C 115 -30.92 47.99 -8.53
C GLY C 115 -31.93 48.86 -9.25
N ASN C 116 -31.54 49.41 -10.40
CA ASN C 116 -32.49 50.09 -11.28
C ASN C 116 -33.09 49.02 -12.17
N TYR C 117 -34.20 48.44 -11.74
CA TYR C 117 -34.88 47.39 -12.47
C TYR C 117 -35.90 47.93 -13.46
N ASN C 118 -35.87 49.24 -13.74
CA ASN C 118 -36.86 49.81 -14.64
C ASN C 118 -36.66 49.32 -16.06
N TYR C 119 -35.41 49.30 -16.53
CA TYR C 119 -35.16 48.89 -17.91
C TYR C 119 -35.43 47.40 -18.06
N LEU C 120 -35.99 47.02 -19.20
CA LEU C 120 -36.48 45.65 -19.40
C LEU C 120 -36.01 45.14 -20.75
N TYR C 121 -36.14 43.83 -20.95
CA TYR C 121 -35.80 43.21 -22.22
C TYR C 121 -36.66 41.97 -22.42
N ARG C 122 -37.04 41.72 -23.67
CA ARG C 122 -37.85 40.54 -23.99
C ARG C 122 -36.97 39.31 -23.99
N LEU C 123 -37.29 38.35 -23.12
CA LEU C 123 -36.48 37.15 -23.02
C LEU C 123 -36.93 36.08 -24.01
N PHE C 124 -38.24 35.88 -24.16
CA PHE C 124 -38.77 34.85 -25.03
C PHE C 124 -39.68 35.47 -26.08
N ARG C 125 -39.70 34.86 -27.26
CA ARG C 125 -40.63 35.27 -28.30
C ARG C 125 -40.89 34.07 -29.18
N LYS C 126 -42.07 34.05 -29.80
CA LYS C 126 -42.45 32.89 -30.60
C LYS C 126 -41.74 32.86 -31.95
N SER C 127 -41.15 33.98 -32.38
CA SER C 127 -40.42 34.02 -33.64
C SER C 127 -39.54 35.26 -33.66
N ASN C 128 -38.46 35.20 -34.43
CA ASN C 128 -37.52 36.30 -34.49
C ASN C 128 -38.17 37.55 -35.03
N LEU C 129 -37.70 38.71 -34.54
CA LEU C 129 -38.19 39.98 -35.04
C LEU C 129 -37.74 40.19 -36.48
N LYS C 130 -38.35 41.17 -37.12
CA LYS C 130 -37.96 41.58 -38.46
C LYS C 130 -37.23 42.91 -38.37
N PRO C 131 -36.46 43.28 -39.41
CA PRO C 131 -35.73 44.55 -39.38
C PRO C 131 -36.56 45.71 -38.87
N PHE C 132 -36.08 46.38 -37.83
CA PHE C 132 -36.76 47.52 -37.23
C PHE C 132 -38.17 47.17 -36.76
N GLU C 133 -38.38 45.94 -36.32
CA GLU C 133 -39.69 45.59 -35.80
C GLU C 133 -39.74 45.98 -34.32
N ARG C 134 -40.94 45.95 -33.77
CA ARG C 134 -41.16 46.31 -32.38
C ARG C 134 -42.25 45.40 -31.84
N ASP C 135 -42.30 45.26 -30.53
CA ASP C 135 -43.24 44.31 -29.92
C ASP C 135 -43.39 44.67 -28.43
N ILE C 136 -44.37 45.52 -28.13
CA ILE C 136 -44.59 46.00 -26.76
C ILE C 136 -45.61 45.13 -26.04
N SER C 137 -45.79 43.90 -26.50
CA SER C 137 -46.79 43.01 -25.90
C SER C 137 -46.37 42.59 -24.49
N THR C 138 -47.36 42.13 -23.72
CA THR C 138 -47.16 41.66 -22.35
C THR C 138 -47.94 40.37 -22.13
N GLU C 139 -47.74 39.40 -23.01
CA GLU C 139 -48.51 38.16 -22.99
C GLU C 139 -47.61 36.97 -22.67
N ILE C 140 -48.16 36.03 -21.90
CA ILE C 140 -47.44 34.82 -21.55
C ILE C 140 -47.00 34.08 -22.80
N TYR C 141 -45.74 33.63 -22.80
CA TYR C 141 -45.18 32.89 -23.94
C TYR C 141 -45.50 31.42 -23.75
N GLN C 142 -46.55 30.94 -24.43
CA GLN C 142 -46.96 29.56 -24.29
C GLN C 142 -45.90 28.65 -24.88
N ALA C 143 -45.16 27.95 -24.02
CA ALA C 143 -44.07 27.10 -24.47
C ALA C 143 -44.59 25.80 -25.06
N GLY C 144 -45.57 25.18 -24.40
CA GLY C 144 -46.08 23.89 -24.81
C GLY C 144 -47.52 23.94 -25.29
N SER C 145 -48.09 22.75 -25.48
CA SER C 145 -49.46 22.65 -25.98
C SER C 145 -50.47 23.19 -24.97
N THR C 146 -50.29 22.87 -23.70
CA THR C 146 -51.22 23.29 -22.67
C THR C 146 -51.36 24.82 -22.66
N PRO C 147 -52.57 25.35 -22.67
CA PRO C 147 -52.74 26.81 -22.62
C PRO C 147 -52.24 27.38 -21.31
N CYS C 148 -52.02 28.69 -21.32
CA CYS C 148 -51.53 29.38 -20.14
C CYS C 148 -52.61 30.20 -19.44
N ASN C 149 -53.75 30.43 -20.07
CA ASN C 149 -54.85 31.20 -19.50
C ASN C 149 -54.35 32.46 -18.78
N GLY C 150 -53.36 33.12 -19.36
CA GLY C 150 -52.80 34.34 -18.81
C GLY C 150 -52.23 34.23 -17.41
N VAL C 151 -51.80 33.03 -17.01
CA VAL C 151 -51.19 32.82 -15.71
C VAL C 151 -49.88 32.07 -15.90
N GLU C 152 -48.89 32.43 -15.09
CA GLU C 152 -47.57 31.81 -15.20
C GLU C 152 -47.61 30.38 -14.68
N GLY C 153 -46.83 29.51 -15.31
CA GLY C 153 -46.82 28.11 -14.91
C GLY C 153 -45.87 27.31 -15.76
N PHE C 154 -45.97 25.98 -15.59
CA PHE C 154 -45.10 25.06 -16.30
C PHE C 154 -45.25 25.22 -17.81
N ASN C 155 -44.12 25.46 -18.49
CA ASN C 155 -44.08 25.72 -19.92
C ASN C 155 -45.01 26.89 -20.28
N CYS C 156 -45.03 27.90 -19.41
CA CYS C 156 -45.90 29.08 -19.48
C CYS C 156 -45.20 30.22 -18.74
N TYR C 157 -44.27 30.87 -19.44
CA TYR C 157 -43.46 31.91 -18.76
C TYR C 157 -43.80 33.29 -19.30
N PHE C 158 -43.45 34.33 -18.55
CA PHE C 158 -43.72 35.74 -18.95
C PHE C 158 -42.63 36.20 -19.91
N PRO C 159 -42.91 37.10 -20.87
CA PRO C 159 -41.95 37.48 -21.89
C PRO C 159 -41.30 38.87 -21.79
N LEU C 160 -41.24 39.45 -20.60
CA LEU C 160 -40.54 40.74 -20.45
C LEU C 160 -39.81 40.71 -19.11
N GLN C 161 -38.50 40.54 -19.12
CA GLN C 161 -37.84 40.35 -17.84
C GLN C 161 -37.00 41.58 -17.54
N SER C 162 -36.78 41.81 -16.24
CA SER C 162 -36.19 43.05 -15.79
C SER C 162 -34.67 43.03 -15.95
N TYR C 163 -34.08 44.23 -15.92
CA TYR C 163 -32.65 44.42 -16.00
C TYR C 163 -32.13 44.85 -14.64
N GLY C 164 -31.18 44.11 -14.09
CA GLY C 164 -30.58 44.52 -12.84
C GLY C 164 -29.30 45.33 -13.00
N PHE C 165 -29.41 46.65 -12.96
CA PHE C 165 -28.25 47.53 -13.12
C PHE C 165 -27.87 48.09 -11.75
N GLN C 166 -26.70 47.72 -11.27
CA GLN C 166 -26.15 48.26 -10.04
C GLN C 166 -24.73 48.75 -10.29
N PRO C 167 -24.31 49.82 -9.61
CA PRO C 167 -22.95 50.33 -9.85
C PRO C 167 -21.87 49.30 -9.60
N THR C 168 -22.12 48.37 -8.68
CA THR C 168 -21.13 47.34 -8.35
C THR C 168 -20.97 46.29 -9.44
N ASN C 169 -21.85 46.27 -10.44
CA ASN C 169 -21.75 45.27 -11.51
C ASN C 169 -20.52 45.53 -12.37
N GLY C 170 -20.14 44.50 -13.13
CA GLY C 170 -19.05 44.64 -14.07
C GLY C 170 -19.50 45.23 -15.38
N VAL C 171 -18.52 45.70 -16.15
CA VAL C 171 -18.80 46.40 -17.41
C VAL C 171 -19.76 45.61 -18.28
N GLY C 172 -19.55 44.29 -18.34
CA GLY C 172 -20.39 43.45 -19.20
C GLY C 172 -21.87 43.54 -18.85
N TYR C 173 -22.17 43.69 -17.56
CA TYR C 173 -23.54 43.78 -17.08
C TYR C 173 -23.90 45.22 -16.67
N GLN C 174 -23.21 46.20 -17.24
CA GLN C 174 -23.37 47.61 -16.93
C GLN C 174 -24.20 48.31 -18.00
N PRO C 175 -24.94 49.35 -17.63
CA PRO C 175 -25.88 49.98 -18.57
C PRO C 175 -25.14 50.85 -19.58
N TYR C 176 -25.26 50.51 -20.86
CA TYR C 176 -24.74 51.33 -21.95
C TYR C 176 -25.94 51.85 -22.75
N ARG C 177 -25.98 53.16 -22.94
CA ARG C 177 -27.01 53.78 -23.77
C ARG C 177 -26.58 53.73 -25.23
N VAL C 178 -27.55 53.51 -26.11
CA VAL C 178 -27.32 53.26 -27.52
C VAL C 178 -28.25 54.13 -28.35
N VAL C 179 -27.70 54.71 -29.41
CA VAL C 179 -28.41 55.52 -30.39
C VAL C 179 -27.99 55.04 -31.78
N VAL C 180 -28.93 54.46 -32.51
CA VAL C 180 -28.73 54.04 -33.90
C VAL C 180 -29.30 55.12 -34.79
N LEU C 181 -28.56 55.48 -35.83
CA LEU C 181 -28.94 56.54 -36.78
C LEU C 181 -29.21 55.88 -38.13
N SER C 182 -30.47 55.87 -38.54
CA SER C 182 -30.91 55.23 -39.77
C SER C 182 -30.86 56.23 -40.91
N PHE C 183 -30.12 55.86 -41.97
CA PHE C 183 -29.80 56.72 -43.10
C PHE C 183 -30.20 56.05 -44.41
N GLU C 184 -31.48 55.73 -44.55
CA GLU C 184 -32.03 55.33 -45.84
C GLU C 184 -31.59 56.30 -46.94
N LEU C 185 -31.20 55.75 -48.09
CA LEU C 185 -30.67 56.55 -49.19
C LEU C 185 -31.29 56.09 -50.51
N LEU C 186 -31.74 57.04 -51.31
CA LEU C 186 -32.34 56.75 -52.60
C LEU C 186 -32.55 58.06 -53.32
N HIS C 187 -33.08 57.98 -54.54
CA HIS C 187 -33.31 59.16 -55.35
C HIS C 187 -34.41 60.05 -54.78
N ALA C 188 -35.15 59.56 -53.78
CA ALA C 188 -36.19 60.35 -53.13
C ALA C 188 -35.63 61.67 -52.62
N PRO C 189 -36.49 62.67 -52.45
CA PRO C 189 -36.02 63.99 -51.96
C PRO C 189 -35.41 63.89 -50.57
N ALA C 190 -34.70 64.94 -50.21
CA ALA C 190 -33.96 65.00 -48.96
C ALA C 190 -34.37 66.23 -48.16
N THR C 191 -34.29 66.11 -46.84
CA THR C 191 -34.41 67.24 -45.94
C THR C 191 -33.28 67.33 -44.94
N VAL C 192 -32.59 66.24 -44.65
CA VAL C 192 -31.45 66.21 -43.74
C VAL C 192 -30.18 66.41 -44.54
N CYS C 193 -29.46 67.49 -44.27
CA CYS C 193 -28.14 67.73 -44.84
C CYS C 193 -27.18 68.17 -43.74
N GLY C 194 -25.96 68.52 -44.15
CA GLY C 194 -24.91 68.82 -43.20
C GLY C 194 -24.25 70.17 -43.40
N THR D 1 60.65 -63.29 31.46
CA THR D 1 59.35 -62.66 31.65
C THR D 1 58.56 -62.65 30.35
N ASN D 2 57.39 -63.29 30.38
CA ASN D 2 56.53 -63.35 29.19
C ASN D 2 55.96 -61.97 28.89
N LEU D 3 55.82 -61.65 27.61
CA LEU D 3 55.26 -60.36 27.23
C LEU D 3 53.74 -60.44 27.24
N CYS D 4 53.10 -59.45 27.88
CA CYS D 4 51.65 -59.45 28.03
C CYS D 4 50.98 -59.44 26.67
N PRO D 5 50.20 -60.46 26.33
CA PRO D 5 49.60 -60.54 24.99
C PRO D 5 48.37 -59.66 24.87
N PHE D 6 48.59 -58.34 24.84
CA PHE D 6 47.48 -57.43 24.58
C PHE D 6 46.75 -57.78 23.28
N GLY D 7 47.39 -58.55 22.39
CA GLY D 7 46.70 -59.06 21.22
C GLY D 7 45.38 -59.76 21.54
N GLU D 8 45.27 -60.36 22.73
CA GLU D 8 44.00 -60.98 23.09
C GLU D 8 42.97 -59.93 23.49
N VAL D 9 43.42 -58.86 24.14
CA VAL D 9 42.48 -57.75 24.49
C VAL D 9 42.31 -56.91 23.23
N PHE D 10 43.38 -56.20 22.87
CA PHE D 10 43.34 -55.41 21.61
C PHE D 10 43.00 -56.41 20.51
N ASN D 11 42.50 -55.94 19.38
CA ASN D 11 42.00 -56.93 18.39
C ASN D 11 40.91 -57.72 19.12
N ALA D 12 40.82 -59.03 18.90
CA ALA D 12 39.79 -59.93 19.52
C ALA D 12 38.62 -60.08 18.54
N THR D 13 37.55 -60.73 18.97
CA THR D 13 36.42 -60.85 18.04
C THR D 13 35.35 -59.81 18.36
N ARG D 14 34.59 -59.99 19.43
CA ARG D 14 33.47 -59.12 19.77
C ARG D 14 33.76 -58.45 21.12
N PHE D 15 33.94 -57.14 21.10
CA PHE D 15 34.00 -56.38 22.34
C PHE D 15 32.62 -56.36 22.98
N ALA D 16 32.58 -56.07 24.27
CA ALA D 16 31.34 -56.08 25.02
C ALA D 16 30.70 -54.69 25.07
N SER D 17 29.40 -54.68 25.35
CA SER D 17 28.67 -53.42 25.47
C SER D 17 29.11 -52.67 26.71
N VAL D 18 28.98 -51.34 26.65
CA VAL D 18 29.60 -50.50 27.68
C VAL D 18 28.96 -50.77 29.04
N TYR D 19 27.64 -51.01 29.07
CA TYR D 19 27.01 -51.33 30.34
C TYR D 19 27.55 -52.64 30.93
N ALA D 20 28.20 -53.46 30.11
CA ALA D 20 28.86 -54.67 30.58
C ALA D 20 30.34 -54.66 30.22
N TRP D 21 31.05 -53.60 30.60
CA TRP D 21 32.46 -53.46 30.25
C TRP D 21 33.26 -54.65 30.76
N ASN D 22 34.18 -55.15 29.94
CA ASN D 22 34.90 -56.38 30.27
C ASN D 22 36.29 -56.04 30.81
N ARG D 23 36.62 -56.58 31.98
CA ARG D 23 37.91 -56.35 32.62
C ARG D 23 38.73 -57.63 32.60
N LYS D 24 39.94 -57.55 32.05
CA LYS D 24 40.89 -58.65 32.10
C LYS D 24 42.14 -58.19 32.86
N ARG D 25 42.62 -59.05 33.75
CA ARG D 25 43.76 -58.72 34.61
C ARG D 25 45.06 -59.02 33.88
N ILE D 26 45.92 -58.00 33.77
CA ILE D 26 47.25 -58.12 33.22
C ILE D 26 48.22 -58.21 34.39
N SER D 27 48.96 -59.32 34.44
CA SER D 27 49.82 -59.71 35.56
C SER D 27 50.76 -60.82 35.10
N ASN D 28 51.85 -60.98 35.86
CA ASN D 28 52.87 -61.99 35.61
C ASN D 28 53.40 -61.94 34.18
N CYS D 29 53.74 -60.73 33.73
CA CYS D 29 54.15 -60.54 32.35
C CYS D 29 54.82 -59.17 32.20
N VAL D 30 55.47 -58.97 31.06
CA VAL D 30 56.14 -57.73 30.72
C VAL D 30 55.39 -57.07 29.57
N ALA D 31 55.39 -55.74 29.53
CA ALA D 31 54.58 -55.02 28.57
C ALA D 31 55.25 -53.71 28.18
N ASP D 32 55.18 -53.40 26.89
CA ASP D 32 55.64 -52.13 26.35
C ASP D 32 54.45 -51.35 25.83
N TYR D 33 54.53 -50.03 25.93
CA TYR D 33 53.43 -49.13 25.55
C TYR D 33 53.75 -48.31 24.32
N SER D 34 55.02 -47.97 24.12
CA SER D 34 55.45 -47.35 22.87
C SER D 34 55.14 -48.25 21.69
N VAL D 35 55.25 -49.58 21.86
CA VAL D 35 54.92 -50.49 20.77
C VAL D 35 53.43 -50.43 20.45
N LEU D 36 52.60 -50.33 21.49
CA LEU D 36 51.17 -50.09 21.29
C LEU D 36 50.96 -48.85 20.45
N TYR D 37 51.49 -47.73 20.90
CA TYR D 37 51.35 -46.48 20.12
C TYR D 37 51.91 -46.73 18.72
N ASN D 38 53.02 -47.47 18.64
CA ASN D 38 53.67 -47.79 17.35
C ASN D 38 52.68 -48.52 16.45
N SER D 39 51.87 -49.41 17.04
CA SER D 39 50.94 -50.21 16.21
C SER D 39 50.07 -49.25 15.39
N ALA D 40 49.90 -48.01 15.86
CA ALA D 40 49.11 -47.01 15.13
C ALA D 40 47.68 -47.49 14.89
N SER D 41 46.91 -46.76 14.06
CA SER D 41 45.48 -47.12 13.85
C SER D 41 44.70 -46.79 15.13
N PHE D 42 45.24 -45.89 15.95
CA PHE D 42 44.57 -45.53 17.23
C PHE D 42 43.99 -44.12 17.10
N SER D 43 42.69 -43.98 17.30
CA SER D 43 42.04 -42.65 17.21
C SER D 43 42.33 -41.86 18.47
N THR D 44 42.49 -42.54 19.60
CA THR D 44 42.67 -41.77 20.83
C THR D 44 43.55 -42.57 21.78
N PHE D 45 44.70 -41.99 22.17
CA PHE D 45 45.66 -42.64 23.05
C PHE D 45 46.09 -41.61 24.10
N LYS D 46 45.17 -41.29 25.00
CA LYS D 46 45.43 -40.29 26.03
C LYS D 46 45.83 -40.98 27.32
N CYS D 47 47.06 -40.74 27.77
CA CYS D 47 47.55 -41.31 29.01
C CYS D 47 47.36 -40.27 30.11
N TYR D 48 46.24 -40.39 30.83
CA TYR D 48 45.88 -39.36 31.84
C TYR D 48 46.74 -39.54 33.10
N GLY D 49 47.72 -40.45 33.04
CA GLY D 49 48.58 -40.74 34.22
C GLY D 49 49.90 -39.99 34.17
N VAL D 50 50.98 -40.65 33.77
CA VAL D 50 52.31 -39.98 33.82
C VAL D 50 53.02 -40.08 32.47
N SER D 51 54.12 -39.33 32.28
CA SER D 51 54.90 -39.37 31.01
C SER D 51 55.14 -40.82 30.61
N PRO D 52 54.82 -41.24 29.38
CA PRO D 52 55.07 -42.59 28.93
C PRO D 52 56.54 -42.89 29.24
N THR D 53 57.39 -41.86 29.24
CA THR D 53 58.80 -42.14 29.45
C THR D 53 59.03 -42.91 30.75
N LYS D 54 58.25 -42.60 31.79
CA LYS D 54 58.42 -43.29 33.06
C LYS D 54 58.03 -44.76 32.94
N LEU D 55 56.86 -45.05 32.37
CA LEU D 55 56.41 -46.42 32.21
C LEU D 55 57.21 -47.17 31.14
N ASN D 56 58.05 -46.48 30.37
CA ASN D 56 58.89 -47.16 29.40
C ASN D 56 59.73 -48.26 30.03
N ASP D 57 60.06 -48.12 31.31
CA ASP D 57 60.80 -49.15 32.04
C ASP D 57 60.48 -49.02 33.52
N LEU D 58 59.21 -49.21 33.88
CA LEU D 58 58.75 -49.16 35.26
C LEU D 58 57.77 -50.31 35.48
N CYS D 59 57.40 -50.53 36.74
CA CYS D 59 56.55 -51.65 37.12
C CYS D 59 55.41 -51.18 37.99
N PHE D 60 54.22 -51.80 37.80
CA PHE D 60 53.00 -51.37 38.52
C PHE D 60 52.41 -52.60 39.23
N THR D 61 51.65 -52.42 40.30
CA THR D 61 51.14 -53.60 41.05
C THR D 61 50.24 -54.44 40.13
N ASN D 62 49.05 -53.96 39.74
CA ASN D 62 48.22 -54.77 38.80
C ASN D 62 47.64 -53.89 37.68
N VAL D 63 47.50 -54.47 36.49
CA VAL D 63 46.96 -53.72 35.32
C VAL D 63 45.57 -54.29 35.02
N TYR D 64 44.58 -53.41 34.86
CA TYR D 64 43.21 -53.88 34.55
C TYR D 64 42.80 -53.32 33.19
N ALA D 65 42.64 -54.20 32.22
CA ALA D 65 42.30 -53.80 30.86
C ALA D 65 40.79 -53.92 30.70
N ASP D 66 40.12 -52.77 30.66
CA ASP D 66 38.69 -52.69 30.44
C ASP D 66 38.44 -52.42 28.96
N SER D 67 37.44 -53.09 28.40
CA SER D 67 37.15 -52.99 26.98
C SER D 67 35.64 -52.89 26.76
N PHE D 68 35.27 -52.00 25.84
CA PHE D 68 33.86 -51.81 25.47
C PHE D 68 33.78 -51.14 24.10
N VAL D 69 32.56 -50.96 23.62
CA VAL D 69 32.28 -50.33 22.33
C VAL D 69 31.28 -49.20 22.56
N ILE D 70 31.58 -48.02 22.04
CA ILE D 70 30.74 -46.85 22.24
C ILE D 70 30.71 -46.03 20.95
N ARG D 71 29.98 -44.91 20.99
CA ARG D 71 29.98 -43.97 19.88
C ARG D 71 31.21 -43.06 19.96
N GLY D 72 31.77 -42.74 18.80
CA GLY D 72 32.90 -41.83 18.77
C GLY D 72 32.61 -40.52 19.47
N ASP D 73 31.43 -39.96 19.26
CA ASP D 73 31.01 -38.74 19.94
C ASP D 73 31.01 -38.90 21.47
N GLU D 74 30.94 -40.13 21.95
CA GLU D 74 30.96 -40.40 23.39
C GLU D 74 32.33 -40.83 23.89
N VAL D 75 33.31 -40.94 22.99
CA VAL D 75 34.68 -41.28 23.40
C VAL D 75 35.23 -40.23 24.36
N ARG D 76 34.91 -38.96 24.12
CA ARG D 76 35.33 -37.90 25.04
C ARG D 76 34.90 -38.18 26.48
N GLN D 77 33.74 -38.85 26.58
CA GLN D 77 33.08 -39.08 27.89
C GLN D 77 33.78 -40.10 28.77
N ILE D 78 34.82 -40.79 28.28
CA ILE D 78 35.43 -41.75 29.24
C ILE D 78 36.53 -41.08 30.09
N ALA D 79 37.16 -40.03 29.60
CA ALA D 79 38.22 -39.30 30.36
C ALA D 79 37.86 -38.98 31.82
N PRO D 80 38.85 -38.88 32.75
CA PRO D 80 38.55 -38.38 34.10
C PRO D 80 37.72 -37.10 34.06
N GLY D 81 36.85 -36.97 35.06
CA GLY D 81 36.03 -35.79 35.26
C GLY D 81 35.19 -35.41 34.05
N GLN D 82 34.29 -36.29 33.65
CA GLN D 82 33.39 -36.05 32.53
C GLN D 82 31.97 -36.38 32.94
N THR D 83 31.01 -35.56 32.50
CA THR D 83 29.60 -35.76 32.78
C THR D 83 28.88 -36.14 31.49
N GLY D 84 28.18 -37.27 31.52
CA GLY D 84 27.44 -37.72 30.35
C GLY D 84 26.75 -39.04 30.64
N LYS D 85 25.97 -39.49 29.66
CA LYS D 85 25.24 -40.75 29.79
C LYS D 85 26.20 -41.90 30.07
N ILE D 86 27.15 -42.13 29.16
CA ILE D 86 28.11 -43.22 29.31
C ILE D 86 28.84 -43.09 30.64
N ALA D 87 29.33 -41.88 30.94
CA ALA D 87 30.19 -41.69 32.10
C ALA D 87 29.41 -41.81 33.40
N ASP D 88 28.21 -41.25 33.46
CA ASP D 88 27.45 -41.32 34.71
C ASP D 88 26.76 -42.65 34.91
N TYR D 89 26.47 -43.42 33.84
CA TYR D 89 25.65 -44.61 34.00
C TYR D 89 26.26 -45.90 33.46
N ASN D 90 27.36 -45.86 32.72
CA ASN D 90 27.88 -47.07 32.09
C ASN D 90 29.34 -47.36 32.43
N TYR D 91 30.19 -46.33 32.51
CA TYR D 91 31.59 -46.52 32.87
C TYR D 91 32.16 -45.17 33.29
N LYS D 92 32.72 -45.09 34.50
CA LYS D 92 33.16 -43.83 35.08
C LYS D 92 34.61 -43.95 35.56
N LEU D 93 35.52 -43.36 34.80
CA LEU D 93 36.90 -43.22 35.26
C LEU D 93 36.96 -42.23 36.41
N PRO D 94 37.78 -42.50 37.43
CA PRO D 94 37.87 -41.58 38.56
C PRO D 94 38.69 -40.34 38.23
N ASP D 95 38.48 -39.30 39.03
CA ASP D 95 39.19 -38.05 38.81
C ASP D 95 40.70 -38.21 38.96
N ASP D 96 41.13 -38.99 39.96
CA ASP D 96 42.56 -39.24 40.17
C ASP D 96 42.99 -40.49 39.41
N PHE D 97 42.85 -40.45 38.10
CA PHE D 97 43.13 -41.62 37.28
C PHE D 97 44.63 -41.75 37.01
N THR D 98 45.06 -43.02 36.87
CA THR D 98 46.47 -43.36 36.62
C THR D 98 46.50 -44.48 35.57
N GLY D 99 46.31 -44.11 34.30
CA GLY D 99 46.33 -45.09 33.23
C GLY D 99 46.23 -44.45 31.86
N CYS D 100 45.69 -45.19 30.89
CA CYS D 100 45.58 -44.66 29.54
C CYS D 100 44.26 -45.10 28.92
N VAL D 101 43.84 -44.36 27.90
CA VAL D 101 42.61 -44.61 27.15
C VAL D 101 42.97 -44.73 25.68
N ILE D 102 42.53 -45.83 25.05
CA ILE D 102 42.83 -46.15 23.66
C ILE D 102 41.54 -46.40 22.92
N ALA D 103 41.43 -45.88 21.70
CA ALA D 103 40.18 -45.93 20.95
C ALA D 103 40.45 -45.93 19.45
N TRP D 104 39.69 -46.76 18.74
CA TRP D 104 39.81 -46.85 17.28
C TRP D 104 38.46 -47.14 16.64
N ASN D 105 38.22 -46.53 15.48
CA ASN D 105 36.98 -46.71 14.75
C ASN D 105 36.81 -48.16 14.31
N SER D 106 35.67 -48.75 14.63
CA SER D 106 35.39 -50.14 14.30
C SER D 106 34.26 -50.28 13.27
N ASN D 107 34.00 -49.22 12.50
CA ASN D 107 32.92 -49.27 11.51
C ASN D 107 33.10 -50.41 10.51
N ASN D 108 34.34 -50.85 10.30
CA ASN D 108 34.60 -51.94 9.38
C ASN D 108 33.89 -53.23 9.78
N LEU D 109 33.77 -53.50 11.08
CA LEU D 109 33.31 -54.80 11.54
C LEU D 109 32.10 -54.70 12.47
N ASP D 110 32.17 -53.82 13.49
CA ASP D 110 31.08 -53.71 14.45
C ASP D 110 29.78 -53.22 13.85
N SER D 111 29.77 -52.82 12.57
CA SER D 111 28.57 -52.29 11.93
C SER D 111 28.17 -53.20 10.77
N LYS D 112 26.89 -53.12 10.41
CA LYS D 112 26.32 -53.93 9.34
C LYS D 112 25.03 -53.28 8.87
N VAL D 113 24.65 -53.59 7.62
CA VAL D 113 23.41 -53.09 7.06
C VAL D 113 22.25 -53.60 7.89
N GLY D 114 21.22 -52.77 8.04
CA GLY D 114 20.16 -53.04 8.98
C GLY D 114 20.53 -52.78 10.41
N GLY D 115 21.79 -52.50 10.71
CA GLY D 115 22.19 -52.11 12.04
C GLY D 115 22.60 -53.26 12.94
N ASN D 116 23.80 -53.16 13.55
CA ASN D 116 24.22 -54.13 14.57
C ASN D 116 23.70 -53.65 15.92
N TYR D 117 22.38 -53.80 16.08
CA TYR D 117 21.71 -53.39 17.31
C TYR D 117 22.23 -54.09 18.55
N ASN D 118 23.06 -55.14 18.38
CA ASN D 118 23.52 -55.96 19.50
C ASN D 118 24.08 -55.12 20.63
N TYR D 119 25.03 -54.23 20.34
CA TYR D 119 25.65 -53.43 21.38
C TYR D 119 24.61 -52.54 22.05
N LEU D 120 24.71 -52.44 23.38
CA LEU D 120 23.71 -51.75 24.20
C LEU D 120 24.40 -50.72 25.09
N TYR D 121 23.59 -49.83 25.65
CA TYR D 121 24.06 -48.81 26.58
C TYR D 121 22.94 -48.45 27.53
N ARG D 122 23.29 -48.23 28.79
CA ARG D 122 22.28 -47.89 29.78
C ARG D 122 21.90 -46.43 29.63
N LEU D 123 20.60 -46.16 29.46
CA LEU D 123 20.16 -44.78 29.27
C LEU D 123 19.78 -44.13 30.59
N PHE D 124 19.10 -44.86 31.47
CA PHE D 124 18.60 -44.30 32.71
C PHE D 124 19.17 -45.06 33.89
N ARG D 125 19.39 -44.35 34.99
CA ARG D 125 19.83 -44.94 36.24
C ARG D 125 19.46 -44.00 37.37
N LYS D 126 19.16 -44.59 38.54
CA LYS D 126 18.69 -43.79 39.66
C LYS D 126 19.80 -42.90 40.21
N SER D 127 21.04 -43.39 40.25
CA SER D 127 22.18 -42.63 40.72
C SER D 127 23.39 -42.96 39.86
N ASN D 128 24.33 -42.02 39.80
CA ASN D 128 25.51 -42.21 38.96
C ASN D 128 26.38 -43.35 39.46
N LEU D 129 26.99 -44.06 38.51
CA LEU D 129 27.87 -45.20 38.87
C LEU D 129 29.06 -44.66 39.65
N LYS D 130 29.59 -45.47 40.55
CA LYS D 130 30.82 -45.07 41.27
C LYS D 130 31.98 -45.47 40.37
N PRO D 131 33.25 -45.14 40.68
CA PRO D 131 34.35 -45.58 39.84
C PRO D 131 34.27 -47.07 39.53
N PHE D 132 34.73 -47.48 38.35
CA PHE D 132 34.76 -48.90 37.96
C PHE D 132 33.57 -49.68 38.53
N GLU D 133 32.35 -49.13 38.47
CA GLU D 133 31.17 -49.88 38.88
C GLU D 133 30.43 -50.36 37.64
N ARG D 134 29.79 -51.53 37.75
CA ARG D 134 29.15 -52.12 36.55
C ARG D 134 27.72 -52.57 36.88
N ASP D 135 26.72 -51.75 36.53
CA ASP D 135 25.31 -52.15 36.73
C ASP D 135 24.86 -52.93 35.48
N ILE D 136 24.54 -54.21 35.66
CA ILE D 136 24.03 -55.03 34.51
C ILE D 136 22.59 -55.40 34.85
N SER D 137 21.87 -54.52 35.53
CA SER D 137 20.51 -54.87 36.02
C SER D 137 19.41 -54.55 35.01
N THR D 138 18.69 -55.57 34.58
CA THR D 138 17.54 -55.35 33.67
C THR D 138 16.32 -54.98 34.52
N GLU D 139 16.28 -53.76 35.05
CA GLU D 139 15.18 -53.37 35.97
C GLU D 139 14.48 -52.13 35.43
N ILE D 140 13.16 -52.20 35.27
CA ILE D 140 12.40 -51.00 34.83
C ILE D 140 12.82 -49.82 35.71
N TYR D 141 13.09 -48.67 35.08
CA TYR D 141 13.49 -47.46 35.80
C TYR D 141 12.23 -46.69 36.19
N GLN D 142 11.85 -46.77 37.47
CA GLN D 142 10.64 -46.13 37.96
C GLN D 142 10.91 -44.64 38.15
N ALA D 143 10.34 -43.81 37.27
CA ALA D 143 10.57 -42.38 37.33
C ALA D 143 9.77 -41.72 38.46
N GLY D 144 8.48 -42.02 38.55
CA GLY D 144 7.60 -41.40 39.53
C GLY D 144 7.45 -42.23 40.79
N SER D 145 6.23 -42.24 41.33
CA SER D 145 5.89 -43.02 42.51
C SER D 145 5.08 -44.27 42.21
N THR D 146 4.29 -44.26 41.14
CA THR D 146 3.48 -45.41 40.81
C THR D 146 4.36 -46.62 40.51
N PRO D 147 4.00 -47.81 40.97
CA PRO D 147 4.80 -49.00 40.68
C PRO D 147 4.80 -49.31 39.19
N CYS D 148 5.86 -49.98 38.77
CA CYS D 148 5.98 -50.43 37.39
C CYS D 148 5.55 -51.89 37.20
N ASN D 149 5.41 -52.66 38.28
CA ASN D 149 4.99 -54.07 38.23
C ASN D 149 5.75 -54.84 37.16
N GLY D 150 7.01 -54.48 36.95
CA GLY D 150 7.86 -55.12 35.95
C GLY D 150 7.31 -55.08 34.54
N VAL D 151 6.58 -54.03 34.18
CA VAL D 151 6.05 -53.87 32.83
C VAL D 151 6.23 -52.43 32.38
N GLU D 152 6.55 -52.24 31.11
CA GLU D 152 6.74 -50.90 30.57
C GLU D 152 5.44 -50.11 30.64
N GLY D 153 5.57 -48.79 30.73
CA GLY D 153 4.40 -47.95 30.82
C GLY D 153 4.78 -46.51 31.08
N PHE D 154 3.78 -45.74 31.47
CA PHE D 154 4.00 -44.32 31.77
C PHE D 154 4.95 -44.14 32.94
N ASN D 155 5.94 -43.27 32.76
CA ASN D 155 6.99 -43.00 33.74
C ASN D 155 7.64 -44.28 34.25
N CYS D 156 7.62 -45.34 33.43
CA CYS D 156 8.21 -46.64 33.76
C CYS D 156 8.94 -47.13 32.51
N TYR D 157 10.14 -46.60 32.29
CA TYR D 157 10.92 -46.90 31.10
C TYR D 157 11.90 -48.04 31.37
N PHE D 158 12.26 -48.75 30.30
CA PHE D 158 13.28 -49.83 30.42
C PHE D 158 14.65 -49.17 30.22
N PRO D 159 15.73 -49.59 30.91
CA PRO D 159 16.99 -48.84 30.87
C PRO D 159 18.12 -49.25 29.91
N LEU D 160 18.15 -50.50 29.46
CA LEU D 160 19.18 -50.89 28.49
C LEU D 160 18.66 -50.58 27.09
N GLN D 161 19.32 -49.70 26.35
CA GLN D 161 18.83 -49.27 25.05
C GLN D 161 19.84 -49.71 24.00
N SER D 162 19.38 -49.81 22.76
CA SER D 162 20.17 -50.41 21.70
C SER D 162 20.89 -49.35 20.87
N TYR D 163 22.16 -49.58 20.60
CA TYR D 163 22.92 -48.71 19.71
C TYR D 163 22.59 -49.06 18.27
N GLY D 164 22.23 -48.06 17.49
CA GLY D 164 22.00 -48.28 16.07
C GLY D 164 23.24 -47.95 15.26
N PHE D 165 24.04 -48.98 14.94
CA PHE D 165 25.29 -48.79 14.21
C PHE D 165 25.07 -49.22 12.76
N GLN D 166 24.93 -48.25 11.86
CA GLN D 166 24.91 -48.55 10.45
C GLN D 166 26.13 -47.92 9.78
N PRO D 167 26.71 -48.58 8.77
CA PRO D 167 27.89 -48.02 8.10
C PRO D 167 27.62 -46.67 7.44
N THR D 168 26.35 -46.35 7.16
CA THR D 168 25.99 -45.07 6.56
C THR D 168 25.97 -43.93 7.57
N ASN D 169 26.12 -44.23 8.86
CA ASN D 169 26.08 -43.19 9.87
C ASN D 169 27.33 -42.31 9.79
N GLY D 170 27.32 -41.23 10.57
CA GLY D 170 28.48 -40.37 10.67
C GLY D 170 29.44 -40.83 11.75
N VAL D 171 30.66 -40.31 11.68
CA VAL D 171 31.72 -40.67 12.62
C VAL D 171 31.21 -40.58 14.06
N GLY D 172 30.52 -39.49 14.38
CA GLY D 172 30.04 -39.30 15.75
C GLY D 172 29.13 -40.41 16.22
N TYR D 173 28.36 -40.99 15.31
CA TYR D 173 27.47 -42.10 15.64
C TYR D 173 28.02 -43.44 15.20
N GLN D 174 29.37 -43.51 14.81
CA GLN D 174 30.07 -44.69 14.33
C GLN D 174 30.66 -45.49 15.48
N PRO D 175 30.76 -46.81 15.32
CA PRO D 175 31.25 -47.65 16.44
C PRO D 175 32.74 -47.53 16.66
N TYR D 176 33.15 -46.95 17.78
CA TYR D 176 34.54 -46.89 18.18
C TYR D 176 34.75 -47.88 19.31
N ARG D 177 35.73 -48.77 19.15
CA ARG D 177 36.13 -49.66 20.22
C ARG D 177 37.13 -48.98 21.13
N VAL D 178 37.05 -49.29 22.42
CA VAL D 178 37.81 -48.60 23.46
C VAL D 178 38.38 -49.62 24.44
N VAL D 179 39.64 -49.42 24.80
CA VAL D 179 40.32 -50.17 25.86
C VAL D 179 41.00 -49.16 26.78
N VAL D 180 40.69 -49.26 28.07
CA VAL D 180 41.28 -48.43 29.11
C VAL D 180 42.18 -49.30 29.97
N LEU D 181 43.41 -48.85 30.17
CA LEU D 181 44.39 -49.57 30.98
C LEU D 181 44.55 -48.82 32.29
N SER D 182 44.29 -49.52 33.40
CA SER D 182 44.33 -48.96 34.74
C SER D 182 45.55 -49.47 35.48
N PHE D 183 46.36 -48.52 35.97
CA PHE D 183 47.61 -48.76 36.71
C PHE D 183 47.42 -48.23 38.12
N GLU D 184 47.21 -49.14 39.06
CA GLU D 184 47.11 -48.85 40.49
C GLU D 184 48.51 -48.71 41.11
N LEU D 185 49.18 -47.60 40.78
CA LEU D 185 50.52 -47.37 41.31
C LEU D 185 50.51 -47.46 42.82
N LEU D 186 51.21 -48.47 43.34
CA LEU D 186 51.23 -48.72 44.77
C LEU D 186 52.58 -49.31 45.12
N HIS D 187 52.95 -49.17 46.39
CA HIS D 187 54.16 -49.80 46.87
C HIS D 187 54.02 -51.32 46.94
N ALA D 188 52.79 -51.84 46.79
CA ALA D 188 52.58 -53.27 46.70
C ALA D 188 53.42 -53.86 45.58
N PRO D 189 53.83 -55.13 45.69
CA PRO D 189 54.74 -55.71 44.69
C PRO D 189 54.11 -55.73 43.30
N ALA D 190 54.92 -55.35 42.32
CA ALA D 190 54.46 -55.33 40.94
C ALA D 190 54.51 -56.73 40.33
N THR D 191 53.84 -56.86 39.18
CA THR D 191 53.88 -58.07 38.38
C THR D 191 54.02 -57.79 36.89
N VAL D 192 53.85 -56.54 36.47
CA VAL D 192 53.92 -56.15 35.07
C VAL D 192 54.96 -55.05 34.94
N CYS D 193 55.81 -55.15 33.92
CA CYS D 193 56.99 -54.30 33.85
C CYS D 193 57.23 -53.86 32.41
N GLY D 194 58.02 -52.79 32.27
CA GLY D 194 58.37 -52.27 30.96
C GLY D 194 59.87 -52.14 30.75
#